data_4BVD
# 
_entry.id   4BVD 
# 
_audit_conform.dict_name       mmcif_pdbx.dic 
_audit_conform.dict_version    5.397 
_audit_conform.dict_location   http://mmcif.pdb.org/dictionaries/ascii/mmcif_pdbx.dic 
# 
loop_
_database_2.database_id 
_database_2.database_code 
_database_2.pdbx_database_accession 
_database_2.pdbx_DOI 
PDB   4BVD         pdb_00004bvd 10.2210/pdb4bvd/pdb 
PDBE  EBI-57449    ?            ?                   
WWPDB D_1290057449 ?            ?                   
# 
loop_
_pdbx_audit_revision_history.ordinal 
_pdbx_audit_revision_history.data_content_type 
_pdbx_audit_revision_history.major_revision 
_pdbx_audit_revision_history.minor_revision 
_pdbx_audit_revision_history.revision_date 
1 'Structure model' 1 0 2014-07-16 
2 'Structure model' 1 1 2018-04-04 
3 'Structure model' 1 2 2023-12-20 
4 'Structure model' 1 3 2024-10-23 
# 
_pdbx_audit_revision_details.ordinal             1 
_pdbx_audit_revision_details.revision_ordinal    1 
_pdbx_audit_revision_details.data_content_type   'Structure model' 
_pdbx_audit_revision_details.provider            repository 
_pdbx_audit_revision_details.type                'Initial release' 
_pdbx_audit_revision_details.description         ? 
_pdbx_audit_revision_details.details             ? 
# 
loop_
_pdbx_audit_revision_group.ordinal 
_pdbx_audit_revision_group.revision_ordinal 
_pdbx_audit_revision_group.data_content_type 
_pdbx_audit_revision_group.group 
1 2 'Structure model' 'Data collection'        
2 3 'Structure model' 'Data collection'        
3 3 'Structure model' 'Database references'    
4 3 'Structure model' 'Derived calculations'   
5 3 'Structure model' Other                    
6 3 'Structure model' 'Refinement description' 
7 4 'Structure model' 'Structure summary'      
# 
loop_
_pdbx_audit_revision_category.ordinal 
_pdbx_audit_revision_category.revision_ordinal 
_pdbx_audit_revision_category.data_content_type 
_pdbx_audit_revision_category.category 
1 2 'Structure model' diffrn_source                 
2 3 'Structure model' chem_comp_atom                
3 3 'Structure model' chem_comp_bond                
4 3 'Structure model' database_2                    
5 3 'Structure model' pdbx_database_status          
6 3 'Structure model' pdbx_initial_refinement_model 
7 3 'Structure model' struct_site                   
8 4 'Structure model' pdbx_entry_details            
9 4 'Structure model' pdbx_modification_feature     
# 
loop_
_pdbx_audit_revision_item.ordinal 
_pdbx_audit_revision_item.revision_ordinal 
_pdbx_audit_revision_item.data_content_type 
_pdbx_audit_revision_item.item 
1 2 'Structure model' '_diffrn_source.type'                          
2 3 'Structure model' '_database_2.pdbx_DOI'                         
3 3 'Structure model' '_database_2.pdbx_database_accession'          
4 3 'Structure model' '_pdbx_database_status.status_code_sf'         
5 3 'Structure model' '_struct_site.pdbx_auth_asym_id'               
6 3 'Structure model' '_struct_site.pdbx_auth_comp_id'               
7 3 'Structure model' '_struct_site.pdbx_auth_seq_id'                
8 4 'Structure model' '_pdbx_entry_details.has_protein_modification' 
# 
_pdbx_database_status.status_code                     REL 
_pdbx_database_status.entry_id                        4BVD 
_pdbx_database_status.deposit_site                    PDBE 
_pdbx_database_status.process_site                    PDBE 
_pdbx_database_status.SG_entry                        . 
_pdbx_database_status.recvd_initial_deposition_date   2013-06-25 
_pdbx_database_status.pdb_format_compatible           Y 
_pdbx_database_status.status_code_sf                  REL 
_pdbx_database_status.status_code_mr                  ? 
_pdbx_database_status.status_code_cs                  ? 
_pdbx_database_status.methods_development_category    ? 
_pdbx_database_status.status_code_nmr_data            ? 
# 
loop_
_pdbx_database_related.db_name 
_pdbx_database_related.db_id 
_pdbx_database_related.content_type 
_pdbx_database_related.details 
PDB 4BV5 unspecified 'IDENTIFICATION OF SMALL MOLECULE INHIBITORS SELECTIVE FOR APO(A) KRINGLES KIV-7, KIV-10 AND KV.' 
PDB 4BV7 unspecified 'IDENTIFICATION OF SMALL MOLECULE INHIBITORS SELECTIVE FOR APO(A) KRINGLES KIV-7, KIV-10 AND KV.' 
PDB 4BVC unspecified 'IDENTIFICATION OF SMALL MOLECULE INHIBITORS SELECTIVE FOR APO(A) KRINGLES KIV-7, KIV-10 AND KV.' 
PDB 4BVV unspecified 'IDENTIFICATION OF SMALL MOLECULE INHIBITORS SELECTIVE FOR APO(A) KRINGLES KIV-7, KIV-10 AND KV.' 
PDB 4BVW unspecified 'IDENTIFICATION OF SMALL MOLECULE INHIBITORS SELECTIVE FOR APO(A) KRINGLES KIV-7, KIV-10 AND KV.' 
# 
loop_
_audit_author.name 
_audit_author.pdbx_ordinal 
'Sandmark, J.'           1  
'Althage, M.'            2  
'Andersson, G.M.K.'      3  
'Antonsson, T.'          4  
'Blaho, S.'              5  
'Bodin, C.'              6  
'Bostrom, J.'            7  
'Chen, Y.'               8  
'Dahlen, A.'             9  
'Eriksson, P.O.'         10 
'Evertsson, E.'          11 
'Fex, T.'                12 
'Fjellstrom, O.'         13 
'Gustafsson, D.'         14 
'Hallberg, C.'           15 
'Hicks, R.'              16 
'Jarkvist, E.'           17 
'Johansson, C.'          18 
'Kalies, I.'             19 
'Kang, D.'               20 
'Svalstedt Karlsson, B.' 21 
'Kartberg, F.'           22 
'Legnehed, A.'           23 
'Lindqvist, A.M.'        24 
'Martinsson, S.A.'       25 
'Moberg, A.'             26 
'Petersson, A.U.'        27 
'Ridderstrom, M.'        28 
'Thelin, A.'             29 
'Tigerstrom, A.'         30 
'Vinblad, J.'            31 
'Xu, B.'                 32 
'Knecht, W.'             33 
# 
_citation.id                        primary 
_citation.title                     
'Small Molecules Used to Decipher the Pathophysiological Roles of the Kringle Domains Kiv-7, - 10 and Kv of Apolipoprotein(A)' 
_citation.journal_abbrev            'To be Published' 
_citation.journal_volume            ? 
_citation.page_first                ? 
_citation.page_last                 ? 
_citation.year                      ? 
_citation.journal_id_ASTM           ? 
_citation.country                   ? 
_citation.journal_id_ISSN           ? 
_citation.journal_id_CSD            0353 
_citation.book_publisher            ? 
_citation.pdbx_database_id_PubMed   ? 
_citation.pdbx_database_id_DOI      ? 
# 
loop_
_citation_author.citation_id 
_citation_author.name 
_citation_author.ordinal 
_citation_author.identifier_ORCID 
primary 'Sandmark, J.'           1  ? 
primary 'Althage, M.'            2  ? 
primary 'Andersson, G.M.K.'      3  ? 
primary 'Antonsson, T.'          4  ? 
primary 'Blaho, S.'              5  ? 
primary 'Bodin, C.'              6  ? 
primary 'Bostrom, J.'            7  ? 
primary 'Chen, Y.'               8  ? 
primary 'Dahlen, A.'             9  ? 
primary 'Eriksson, P.O.'         10 ? 
primary 'Evertsson, E.'          11 ? 
primary 'Fex, T.'                12 ? 
primary 'Fjellstrom, O.'         13 ? 
primary 'Gustafsson, D.'         14 ? 
primary 'Hallberg, C.'           15 ? 
primary 'Hicks, R.'              16 ? 
primary 'Jarkvist, E.'           17 ? 
primary 'Johansson, C.'          18 ? 
primary 'Kalies, I.'             19 ? 
primary 'Kang, D.'               20 ? 
primary 'Svalstedt Karlsson, B.' 21 ? 
primary 'Kartberg, F.'           22 ? 
primary 'Legnehed, A.'           23 ? 
primary 'Lindqvist, A.M.'        24 ? 
primary 'Martinsson, S.A.'       25 ? 
primary 'Moberg, A.'             26 ? 
primary 'Petersson, A.U.'        27 ? 
primary 'Ridderstrom, M.'        28 ? 
primary 'Thelin, A.'             29 ? 
primary 'Tigerstrom, A.'         30 ? 
primary 'Vinblad, J.'            31 ? 
primary 'Xu, B.'                 32 ? 
primary 'Knecht, W.'             33 ? 
# 
loop_
_entity.id 
_entity.type 
_entity.src_method 
_entity.pdbx_description 
_entity.formula_weight 
_entity.pdbx_number_of_molecules 
_entity.pdbx_ec 
_entity.pdbx_mutation 
_entity.pdbx_fragment 
_entity.details 
1 polymer     man 'APOLIPOPROTEIN(A)'                                                   9156.078 1   3.4.21.- YES 
'KRINGLE DOMAIN IV-10, RESIDUES 4123-4201' ? 
2 non-polymer syn 'CHLORIDE ION'                                                        35.453   1   ?        ?   ? ? 
3 non-polymer syn '5-chloro-2-fluoro-N-[1-(4-piperidyl)pyrazol-4-yl]benzenesulfonamide' 358.819  1   ?        ?   ? ? 
4 water       nat water                                                                 18.015   104 ?        ?   ? ? 
# 
_entity_name_com.entity_id   1 
_entity_name_com.name        'APO(A), LP(A)' 
# 
_entity_poly.entity_id                      1 
_entity_poly.type                           'polypeptide(L)' 
_entity_poly.nstd_linkage                   no 
_entity_poly.nstd_monomer                   no 
_entity_poly.pdbx_seq_one_letter_code       QCYHGNGQSYRGTFSTTVTGRTCQSWSSMTPHRHQRTPENYPNDGLTMNYCRNPDADTGPWCFTMDPSIRWEYCALTRC 
_entity_poly.pdbx_seq_one_letter_code_can   QCYHGNGQSYRGTFSTTVTGRTCQSWSSMTPHRHQRTPENYPNDGLTMNYCRNPDADTGPWCFTMDPSIRWEYCALTRC 
_entity_poly.pdbx_strand_id                 A 
_entity_poly.pdbx_target_identifier         ? 
# 
loop_
_pdbx_entity_nonpoly.entity_id 
_pdbx_entity_nonpoly.name 
_pdbx_entity_nonpoly.comp_id 
2 'CHLORIDE ION'                                                        CL  
3 '5-chloro-2-fluoro-N-[1-(4-piperidyl)pyrazol-4-yl]benzenesulfonamide' BU6 
4 water                                                                 HOH 
# 
loop_
_entity_poly_seq.entity_id 
_entity_poly_seq.num 
_entity_poly_seq.mon_id 
_entity_poly_seq.hetero 
1 1  GLN n 
1 2  CYS n 
1 3  TYR n 
1 4  HIS n 
1 5  GLY n 
1 6  ASN n 
1 7  GLY n 
1 8  GLN n 
1 9  SER n 
1 10 TYR n 
1 11 ARG n 
1 12 GLY n 
1 13 THR n 
1 14 PHE n 
1 15 SER n 
1 16 THR n 
1 17 THR n 
1 18 VAL n 
1 19 THR n 
1 20 GLY n 
1 21 ARG n 
1 22 THR n 
1 23 CYS n 
1 24 GLN n 
1 25 SER n 
1 26 TRP n 
1 27 SER n 
1 28 SER n 
1 29 MET n 
1 30 THR n 
1 31 PRO n 
1 32 HIS n 
1 33 ARG n 
1 34 HIS n 
1 35 GLN n 
1 36 ARG n 
1 37 THR n 
1 38 PRO n 
1 39 GLU n 
1 40 ASN n 
1 41 TYR n 
1 42 PRO n 
1 43 ASN n 
1 44 ASP n 
1 45 GLY n 
1 46 LEU n 
1 47 THR n 
1 48 MET n 
1 49 ASN n 
1 50 TYR n 
1 51 CYS n 
1 52 ARG n 
1 53 ASN n 
1 54 PRO n 
1 55 ASP n 
1 56 ALA n 
1 57 ASP n 
1 58 THR n 
1 59 GLY n 
1 60 PRO n 
1 61 TRP n 
1 62 CYS n 
1 63 PHE n 
1 64 THR n 
1 65 MET n 
1 66 ASP n 
1 67 PRO n 
1 68 SER n 
1 69 ILE n 
1 70 ARG n 
1 71 TRP n 
1 72 GLU n 
1 73 TYR n 
1 74 CYS n 
1 75 ALA n 
1 76 LEU n 
1 77 THR n 
1 78 ARG n 
1 79 CYS n 
# 
_entity_src_gen.entity_id                          1 
_entity_src_gen.pdbx_src_id                        1 
_entity_src_gen.pdbx_alt_source_flag               sample 
_entity_src_gen.pdbx_seq_type                      ? 
_entity_src_gen.pdbx_beg_seq_num                   ? 
_entity_src_gen.pdbx_end_seq_num                   ? 
_entity_src_gen.gene_src_common_name               HUMAN 
_entity_src_gen.gene_src_genus                     ? 
_entity_src_gen.pdbx_gene_src_gene                 ? 
_entity_src_gen.gene_src_species                   ? 
_entity_src_gen.gene_src_strain                    ? 
_entity_src_gen.gene_src_tissue                    ? 
_entity_src_gen.gene_src_tissue_fraction           ? 
_entity_src_gen.gene_src_details                   ? 
_entity_src_gen.pdbx_gene_src_fragment             ? 
_entity_src_gen.pdbx_gene_src_scientific_name      'HOMO SAPIENS' 
_entity_src_gen.pdbx_gene_src_ncbi_taxonomy_id     9606 
_entity_src_gen.pdbx_gene_src_variant              ? 
_entity_src_gen.pdbx_gene_src_cell_line            ? 
_entity_src_gen.pdbx_gene_src_atcc                 ? 
_entity_src_gen.pdbx_gene_src_organ                ? 
_entity_src_gen.pdbx_gene_src_organelle            ? 
_entity_src_gen.pdbx_gene_src_cell                 ? 
_entity_src_gen.pdbx_gene_src_cellular_location    ? 
_entity_src_gen.host_org_common_name               ? 
_entity_src_gen.pdbx_host_org_scientific_name      'KOMAGATAELLA PASTORIS' 
_entity_src_gen.pdbx_host_org_ncbi_taxonomy_id     4922 
_entity_src_gen.host_org_genus                     ? 
_entity_src_gen.pdbx_host_org_gene                 ? 
_entity_src_gen.pdbx_host_org_organ                ? 
_entity_src_gen.host_org_species                   ? 
_entity_src_gen.pdbx_host_org_tissue               ? 
_entity_src_gen.pdbx_host_org_tissue_fraction      ? 
_entity_src_gen.pdbx_host_org_strain               X-33 
_entity_src_gen.pdbx_host_org_variant              ? 
_entity_src_gen.pdbx_host_org_cell_line            ? 
_entity_src_gen.pdbx_host_org_atcc                 ? 
_entity_src_gen.pdbx_host_org_culture_collection   ? 
_entity_src_gen.pdbx_host_org_cell                 ? 
_entity_src_gen.pdbx_host_org_organelle            ? 
_entity_src_gen.pdbx_host_org_cellular_location    ? 
_entity_src_gen.pdbx_host_org_vector_type          ? 
_entity_src_gen.pdbx_host_org_vector               ? 
_entity_src_gen.host_org_details                   ? 
_entity_src_gen.expression_system_id               ? 
_entity_src_gen.plasmid_name                       PPICZALPHAC 
_entity_src_gen.plasmid_details                    ? 
_entity_src_gen.pdbx_description                   ? 
# 
loop_
_chem_comp.id 
_chem_comp.type 
_chem_comp.mon_nstd_flag 
_chem_comp.name 
_chem_comp.pdbx_synonyms 
_chem_comp.formula 
_chem_comp.formula_weight 
ALA 'L-peptide linking' y ALANINE                                                               ? 'C3 H7 N O2'           89.093  
ARG 'L-peptide linking' y ARGININE                                                              ? 'C6 H15 N4 O2 1'       175.209 
ASN 'L-peptide linking' y ASPARAGINE                                                            ? 'C4 H8 N2 O3'          132.118 
ASP 'L-peptide linking' y 'ASPARTIC ACID'                                                       ? 'C4 H7 N O4'           133.103 
BU6 non-polymer         . '5-chloro-2-fluoro-N-[1-(4-piperidyl)pyrazol-4-yl]benzenesulfonamide' ? 'C14 H16 Cl F N4 O2 S' 358.819 
CL  non-polymer         . 'CHLORIDE ION'                                                        ? 'Cl -1'                35.453  
CYS 'L-peptide linking' y CYSTEINE                                                              ? 'C3 H7 N O2 S'         121.158 
GLN 'L-peptide linking' y GLUTAMINE                                                             ? 'C5 H10 N2 O3'         146.144 
GLU 'L-peptide linking' y 'GLUTAMIC ACID'                                                       ? 'C5 H9 N O4'           147.129 
GLY 'peptide linking'   y GLYCINE                                                               ? 'C2 H5 N O2'           75.067  
HIS 'L-peptide linking' y HISTIDINE                                                             ? 'C6 H10 N3 O2 1'       156.162 
HOH non-polymer         . WATER                                                                 ? 'H2 O'                 18.015  
ILE 'L-peptide linking' y ISOLEUCINE                                                            ? 'C6 H13 N O2'          131.173 
LEU 'L-peptide linking' y LEUCINE                                                               ? 'C6 H13 N O2'          131.173 
MET 'L-peptide linking' y METHIONINE                                                            ? 'C5 H11 N O2 S'        149.211 
PHE 'L-peptide linking' y PHENYLALANINE                                                         ? 'C9 H11 N O2'          165.189 
PRO 'L-peptide linking' y PROLINE                                                               ? 'C5 H9 N O2'           115.130 
SER 'L-peptide linking' y SERINE                                                                ? 'C3 H7 N O3'           105.093 
THR 'L-peptide linking' y THREONINE                                                             ? 'C4 H9 N O3'           119.119 
TRP 'L-peptide linking' y TRYPTOPHAN                                                            ? 'C11 H12 N2 O2'        204.225 
TYR 'L-peptide linking' y TYROSINE                                                              ? 'C9 H11 N O3'          181.189 
VAL 'L-peptide linking' y VALINE                                                                ? 'C5 H11 N O2'          117.146 
# 
loop_
_pdbx_poly_seq_scheme.asym_id 
_pdbx_poly_seq_scheme.entity_id 
_pdbx_poly_seq_scheme.seq_id 
_pdbx_poly_seq_scheme.mon_id 
_pdbx_poly_seq_scheme.ndb_seq_num 
_pdbx_poly_seq_scheme.pdb_seq_num 
_pdbx_poly_seq_scheme.auth_seq_num 
_pdbx_poly_seq_scheme.pdb_mon_id 
_pdbx_poly_seq_scheme.auth_mon_id 
_pdbx_poly_seq_scheme.pdb_strand_id 
_pdbx_poly_seq_scheme.pdb_ins_code 
_pdbx_poly_seq_scheme.hetero 
A 1 1  GLN 1  0  ?  ?   ?   A . n 
A 1 2  CYS 2  1  1  CYS CYS A . n 
A 1 3  TYR 3  2  2  TYR TYR A . n 
A 1 4  HIS 4  3  3  HIS HIS A . n 
A 1 5  GLY 5  4  4  GLY GLY A . n 
A 1 6  ASN 6  5  5  ASN ASN A . n 
A 1 7  GLY 7  6  6  GLY GLY A . n 
A 1 8  GLN 8  7  7  GLN GLN A . n 
A 1 9  SER 9  8  8  SER SER A . n 
A 1 10 TYR 10 9  9  TYR TYR A . n 
A 1 11 ARG 11 10 10 ARG ARG A . n 
A 1 12 GLY 12 11 11 GLY GLY A . n 
A 1 13 THR 13 12 12 THR THR A . n 
A 1 14 PHE 14 13 13 PHE PHE A . n 
A 1 15 SER 15 14 14 SER SER A . n 
A 1 16 THR 16 15 15 THR THR A . n 
A 1 17 THR 17 16 16 THR THR A . n 
A 1 18 VAL 18 17 17 VAL VAL A . n 
A 1 19 THR 19 18 18 THR THR A . n 
A 1 20 GLY 20 19 19 GLY GLY A . n 
A 1 21 ARG 21 20 20 ARG ARG A . n 
A 1 22 THR 22 21 21 THR THR A . n 
A 1 23 CYS 23 22 22 CYS CYS A . n 
A 1 24 GLN 24 23 23 GLN GLN A . n 
A 1 25 SER 25 24 24 SER SER A . n 
A 1 26 TRP 26 25 25 TRP TRP A . n 
A 1 27 SER 27 26 26 SER SER A . n 
A 1 28 SER 28 27 27 SER SER A . n 
A 1 29 MET 29 28 28 MET MET A . n 
A 1 30 THR 30 29 29 THR THR A . n 
A 1 31 PRO 31 30 30 PRO PRO A . n 
A 1 32 HIS 32 31 31 HIS HIS A . n 
A 1 33 ARG 33 32 32 ARG ARG A . n 
A 1 34 HIS 34 33 33 HIS HIS A . n 
A 1 35 GLN 35 34 34 GLN GLN A . n 
A 1 36 ARG 36 35 35 ARG ARG A . n 
A 1 37 THR 37 37 37 THR THR A . n 
A 1 38 PRO 38 38 38 PRO PRO A . n 
A 1 39 GLU 39 39 39 GLU GLU A . n 
A 1 40 ASN 40 40 40 ASN ASN A . n 
A 1 41 TYR 41 41 41 TYR TYR A . n 
A 1 42 PRO 42 42 42 PRO PRO A . n 
A 1 43 ASN 43 43 43 ASN ASN A . n 
A 1 44 ASP 44 44 44 ASP ASP A . n 
A 1 45 GLY 45 45 45 GLY GLY A . n 
A 1 46 LEU 46 46 46 LEU LEU A . n 
A 1 47 THR 47 47 47 THR THR A . n 
A 1 48 MET 48 48 48 MET MET A . n 
A 1 49 ASN 49 49 49 ASN ASN A . n 
A 1 50 TYR 50 50 50 TYR TYR A . n 
A 1 51 CYS 51 51 51 CYS CYS A . n 
A 1 52 ARG 52 52 52 ARG ARG A . n 
A 1 53 ASN 53 53 53 ASN ASN A . n 
A 1 54 PRO 54 54 54 PRO PRO A . n 
A 1 55 ASP 55 55 55 ASP ASP A . n 
A 1 56 ALA 56 56 56 ALA ALA A . n 
A 1 57 ASP 57 57 57 ASP ASP A . n 
A 1 58 THR 58 58 58 THR THR A . n 
A 1 59 GLY 59 60 60 GLY GLY A . n 
A 1 60 PRO 60 61 61 PRO PRO A . n 
A 1 61 TRP 61 62 62 TRP TRP A . n 
A 1 62 CYS 62 63 63 CYS CYS A . n 
A 1 63 PHE 63 64 64 PHE PHE A . n 
A 1 64 THR 64 65 65 THR THR A . n 
A 1 65 MET 65 66 66 MET MET A . n 
A 1 66 ASP 66 67 67 ASP ASP A . n 
A 1 67 PRO 67 68 68 PRO PRO A . n 
A 1 68 SER 68 69 69 SER SER A . n 
A 1 69 ILE 69 70 70 ILE ILE A . n 
A 1 70 ARG 70 71 71 ARG ARG A . n 
A 1 71 TRP 71 72 72 TRP TRP A . n 
A 1 72 GLU 72 73 73 GLU GLU A . n 
A 1 73 TYR 73 74 74 TYR TYR A . n 
A 1 74 CYS 74 75 75 CYS CYS A . n 
A 1 75 ALA 75 76 76 ALA ALA A . n 
A 1 76 LEU 76 77 77 LEU LEU A . n 
A 1 77 THR 77 78 78 THR THR A . n 
A 1 78 ARG 78 79 79 ARG ARG A . n 
A 1 79 CYS 79 80 80 CYS CYS A . n 
# 
loop_
_pdbx_nonpoly_scheme.asym_id 
_pdbx_nonpoly_scheme.entity_id 
_pdbx_nonpoly_scheme.mon_id 
_pdbx_nonpoly_scheme.ndb_seq_num 
_pdbx_nonpoly_scheme.pdb_seq_num 
_pdbx_nonpoly_scheme.auth_seq_num 
_pdbx_nonpoly_scheme.pdb_mon_id 
_pdbx_nonpoly_scheme.auth_mon_id 
_pdbx_nonpoly_scheme.pdb_strand_id 
_pdbx_nonpoly_scheme.pdb_ins_code 
B 2 CL  1   1081 1081 CL  CL  A . 
C 3 BU6 1   1082 1082 BU6 BU6 A . 
D 4 HOH 1   2001 2001 HOH HOH A . 
D 4 HOH 2   2002 2002 HOH HOH A . 
D 4 HOH 3   2003 2003 HOH HOH A . 
D 4 HOH 4   2004 2004 HOH HOH A . 
D 4 HOH 5   2005 2005 HOH HOH A . 
D 4 HOH 6   2006 2006 HOH HOH A . 
D 4 HOH 7   2007 2007 HOH HOH A . 
D 4 HOH 8   2008 2008 HOH HOH A . 
D 4 HOH 9   2009 2009 HOH HOH A . 
D 4 HOH 10  2010 2010 HOH HOH A . 
D 4 HOH 11  2011 2011 HOH HOH A . 
D 4 HOH 12  2012 2012 HOH HOH A . 
D 4 HOH 13  2013 2013 HOH HOH A . 
D 4 HOH 14  2014 2014 HOH HOH A . 
D 4 HOH 15  2015 2015 HOH HOH A . 
D 4 HOH 16  2016 2016 HOH HOH A . 
D 4 HOH 17  2017 2017 HOH HOH A . 
D 4 HOH 18  2018 2018 HOH HOH A . 
D 4 HOH 19  2019 2019 HOH HOH A . 
D 4 HOH 20  2020 2020 HOH HOH A . 
D 4 HOH 21  2021 2021 HOH HOH A . 
D 4 HOH 22  2022 2022 HOH HOH A . 
D 4 HOH 23  2023 2023 HOH HOH A . 
D 4 HOH 24  2024 2024 HOH HOH A . 
D 4 HOH 25  2025 2025 HOH HOH A . 
D 4 HOH 26  2026 2026 HOH HOH A . 
D 4 HOH 27  2027 2027 HOH HOH A . 
D 4 HOH 28  2028 2028 HOH HOH A . 
D 4 HOH 29  2029 2029 HOH HOH A . 
D 4 HOH 30  2030 2030 HOH HOH A . 
D 4 HOH 31  2031 2031 HOH HOH A . 
D 4 HOH 32  2032 2032 HOH HOH A . 
D 4 HOH 33  2033 2033 HOH HOH A . 
D 4 HOH 34  2034 2034 HOH HOH A . 
D 4 HOH 35  2035 2035 HOH HOH A . 
D 4 HOH 36  2036 2036 HOH HOH A . 
D 4 HOH 37  2037 2037 HOH HOH A . 
D 4 HOH 38  2038 2038 HOH HOH A . 
D 4 HOH 39  2039 2039 HOH HOH A . 
D 4 HOH 40  2040 2040 HOH HOH A . 
D 4 HOH 41  2041 2041 HOH HOH A . 
D 4 HOH 42  2042 2042 HOH HOH A . 
D 4 HOH 43  2043 2043 HOH HOH A . 
D 4 HOH 44  2044 2044 HOH HOH A . 
D 4 HOH 45  2045 2045 HOH HOH A . 
D 4 HOH 46  2046 2046 HOH HOH A . 
D 4 HOH 47  2047 2047 HOH HOH A . 
D 4 HOH 48  2048 2048 HOH HOH A . 
D 4 HOH 49  2049 2049 HOH HOH A . 
D 4 HOH 50  2050 2050 HOH HOH A . 
D 4 HOH 51  2051 2051 HOH HOH A . 
D 4 HOH 52  2052 2052 HOH HOH A . 
D 4 HOH 53  2053 2053 HOH HOH A . 
D 4 HOH 54  2054 2054 HOH HOH A . 
D 4 HOH 55  2055 2055 HOH HOH A . 
D 4 HOH 56  2056 2056 HOH HOH A . 
D 4 HOH 57  2057 2057 HOH HOH A . 
D 4 HOH 58  2058 2058 HOH HOH A . 
D 4 HOH 59  2059 2059 HOH HOH A . 
D 4 HOH 60  2060 2060 HOH HOH A . 
D 4 HOH 61  2061 2061 HOH HOH A . 
D 4 HOH 62  2062 2062 HOH HOH A . 
D 4 HOH 63  2063 2063 HOH HOH A . 
D 4 HOH 64  2064 2064 HOH HOH A . 
D 4 HOH 65  2065 2065 HOH HOH A . 
D 4 HOH 66  2066 2066 HOH HOH A . 
D 4 HOH 67  2067 2067 HOH HOH A . 
D 4 HOH 68  2068 2068 HOH HOH A . 
D 4 HOH 69  2069 2069 HOH HOH A . 
D 4 HOH 70  2070 2070 HOH HOH A . 
D 4 HOH 71  2071 2071 HOH HOH A . 
D 4 HOH 72  2072 2072 HOH HOH A . 
D 4 HOH 73  2073 2073 HOH HOH A . 
D 4 HOH 74  2074 2074 HOH HOH A . 
D 4 HOH 75  2075 2075 HOH HOH A . 
D 4 HOH 76  2076 2076 HOH HOH A . 
D 4 HOH 77  2077 2077 HOH HOH A . 
D 4 HOH 78  2078 2078 HOH HOH A . 
D 4 HOH 79  2079 2079 HOH HOH A . 
D 4 HOH 80  2080 2080 HOH HOH A . 
D 4 HOH 81  2081 2081 HOH HOH A . 
D 4 HOH 82  2082 2082 HOH HOH A . 
D 4 HOH 83  2083 2083 HOH HOH A . 
D 4 HOH 84  2084 2084 HOH HOH A . 
D 4 HOH 85  2085 2085 HOH HOH A . 
D 4 HOH 86  2086 2086 HOH HOH A . 
D 4 HOH 87  2087 2087 HOH HOH A . 
D 4 HOH 88  2088 2088 HOH HOH A . 
D 4 HOH 89  2089 2089 HOH HOH A . 
D 4 HOH 90  2090 2090 HOH HOH A . 
D 4 HOH 91  2091 2091 HOH HOH A . 
D 4 HOH 92  2092 2092 HOH HOH A . 
D 4 HOH 93  2093 2093 HOH HOH A . 
D 4 HOH 94  2094 2094 HOH HOH A . 
D 4 HOH 95  2095 2095 HOH HOH A . 
D 4 HOH 96  2096 2096 HOH HOH A . 
D 4 HOH 97  2097 2097 HOH HOH A . 
D 4 HOH 98  2098 2098 HOH HOH A . 
D 4 HOH 99  2099 2099 HOH HOH A . 
D 4 HOH 100 2100 2100 HOH HOH A . 
D 4 HOH 101 2101 2101 HOH HOH A . 
D 4 HOH 102 2102 2102 HOH HOH A . 
D 4 HOH 103 2103 2103 HOH HOH A . 
D 4 HOH 104 2104 2104 HOH HOH A . 
# 
loop_
_software.name 
_software.classification 
_software.version 
_software.citation_id 
_software.pdbx_ordinal 
REFMAC refinement       5.7.0029 ? 1 
MOSFLM 'data reduction' .        ? 2 
SCALA  'data scaling'   .        ? 3 
PHASER phasing          .        ? 4 
# 
_cell.entry_id           4BVD 
_cell.length_a           24.240 
_cell.length_b           45.270 
_cell.length_c           58.120 
_cell.angle_alpha        90.00 
_cell.angle_beta         90.00 
_cell.angle_gamma        90.00 
_cell.Z_PDB              4 
_cell.pdbx_unique_axis   ? 
# 
_symmetry.entry_id                         4BVD 
_symmetry.space_group_name_H-M             'P 2 21 21' 
_symmetry.pdbx_full_space_group_name_H-M   ? 
_symmetry.cell_setting                     ? 
_symmetry.Int_Tables_number                18 
# 
_exptl.entry_id          4BVD 
_exptl.method            'X-RAY DIFFRACTION' 
_exptl.crystals_number   1 
# 
_exptl_crystal.id                    1 
_exptl_crystal.density_meas          ? 
_exptl_crystal.density_Matthews      1.7 
_exptl_crystal.density_percent_sol   28 
_exptl_crystal.description           NONE 
# 
_exptl_crystal_grow.crystal_id      1 
_exptl_crystal_grow.method          ? 
_exptl_crystal_grow.temp            ? 
_exptl_crystal_grow.temp_details    ? 
_exptl_crystal_grow.pH              7.5 
_exptl_crystal_grow.pdbx_pH_range   ? 
_exptl_crystal_grow.pdbx_details    '25% PEG4000, 0.1M TRIS PH 8.5, 0.2 M CACL2' 
# 
_diffrn.id                     1 
_diffrn.ambient_temp           100 
_diffrn.ambient_temp_details   ? 
_diffrn.crystal_id             1 
# 
_diffrn_detector.diffrn_id              1 
_diffrn_detector.detector               CCD 
_diffrn_detector.type                   'RIGAKU A200-CU' 
_diffrn_detector.pdbx_collection_date   2011-02-28 
_diffrn_detector.details                MIRRORS 
# 
_diffrn_radiation.diffrn_id                        1 
_diffrn_radiation.wavelength_id                    1 
_diffrn_radiation.pdbx_monochromatic_or_laue_m_l   M 
_diffrn_radiation.monochromator                    ? 
_diffrn_radiation.pdbx_diffrn_protocol             'SINGLE WAVELENGTH' 
_diffrn_radiation.pdbx_scattering_type             x-ray 
# 
_diffrn_radiation_wavelength.id           1 
_diffrn_radiation_wavelength.wavelength   1.5418 
_diffrn_radiation_wavelength.wt           1.0 
# 
_diffrn_source.diffrn_id                   1 
_diffrn_source.source                      'ROTATING ANODE' 
_diffrn_source.type                        'RIGAKU FR-E+' 
_diffrn_source.pdbx_synchrotron_site       ? 
_diffrn_source.pdbx_synchrotron_beamline   ? 
_diffrn_source.pdbx_wavelength             1.5418 
_diffrn_source.pdbx_wavelength_list        ? 
# 
_reflns.pdbx_diffrn_id               1 
_reflns.pdbx_ordinal                 1 
_reflns.entry_id                     4BVD 
_reflns.observed_criterion_sigma_I   2.0 
_reflns.observed_criterion_sigma_F   ? 
_reflns.d_resolution_low             21.00 
_reflns.d_resolution_high            1.70 
_reflns.number_obs                   7776 
_reflns.number_all                   ? 
_reflns.percent_possible_obs         100.0 
_reflns.pdbx_Rmerge_I_obs            0.07 
_reflns.pdbx_Rsym_value              ? 
_reflns.pdbx_netI_over_sigmaI        8.10 
_reflns.B_iso_Wilson_estimate        ? 
_reflns.pdbx_redundancy              6.1 
# 
_reflns_shell.pdbx_diffrn_id         1 
_reflns_shell.pdbx_ordinal           1 
_reflns_shell.d_res_high             1.64 
_reflns_shell.d_res_low              1.72 
_reflns_shell.percent_possible_all   100.0 
_reflns_shell.Rmerge_I_obs           0.21 
_reflns_shell.pdbx_Rsym_value        ? 
_reflns_shell.meanI_over_sigI_obs    17.60 
_reflns_shell.pdbx_redundancy        6.1 
# 
_refine.pdbx_refine_id                           'X-RAY DIFFRACTION' 
_refine.entry_id                                 4BVD 
_refine.pdbx_diffrn_id                           1 
_refine.pdbx_TLS_residual_ADP_flag               ? 
_refine.ls_number_reflns_obs                     7363 
_refine.ls_number_reflns_all                     ? 
_refine.pdbx_ls_sigma_I                          ? 
_refine.pdbx_ls_sigma_F                          . 
_refine.pdbx_data_cutoff_high_absF               ? 
_refine.pdbx_data_cutoff_low_absF                ? 
_refine.pdbx_data_cutoff_high_rms_absF           ? 
_refine.ls_d_res_low                             21.38 
_refine.ls_d_res_high                            1.68 
_refine.ls_percent_reflns_obs                    99.52 
_refine.ls_R_factor_obs                          0.17750 
_refine.ls_R_factor_all                          ? 
_refine.ls_R_factor_R_work                       0.17573 
_refine.ls_R_factor_R_free                       0.21367 
_refine.ls_R_factor_R_free_error                 ? 
_refine.ls_R_factor_R_free_error_details         ? 
_refine.ls_percent_reflns_R_free                 4.6 
_refine.ls_number_reflns_R_free                  353 
_refine.ls_number_parameters                     ? 
_refine.ls_number_restraints                     ? 
_refine.occupancy_min                            ? 
_refine.occupancy_max                            ? 
_refine.correlation_coeff_Fo_to_Fc               0.941 
_refine.correlation_coeff_Fo_to_Fc_free          0.933 
_refine.B_iso_mean                               8.683 
_refine.aniso_B[1][1]                            -0.24 
_refine.aniso_B[2][2]                            -0.62 
_refine.aniso_B[3][3]                            0.86 
_refine.aniso_B[1][2]                            0.00 
_refine.aniso_B[1][3]                            0.00 
_refine.aniso_B[2][3]                            0.00 
_refine.solvent_model_details                    MASK 
_refine.solvent_model_param_ksol                 ? 
_refine.solvent_model_param_bsol                 ? 
_refine.pdbx_solvent_vdw_probe_radii             1.20 
_refine.pdbx_solvent_ion_probe_radii             0.80 
_refine.pdbx_solvent_shrinkage_radii             0.80 
_refine.pdbx_ls_cross_valid_method               THROUGHOUT 
_refine.details                                  'HYDROGENS HAVE BEEN ADDED IN THE RIDING POSITIONS.' 
_refine.pdbx_starting_model                      'PDB ENTRY 3KIV' 
_refine.pdbx_method_to_determine_struct          'MOLECULAR REPLACEMENT' 
_refine.pdbx_isotropic_thermal_model             ? 
_refine.pdbx_stereochemistry_target_values       'MAXIMUM LIKELIHOOD' 
_refine.pdbx_stereochem_target_val_spec_case     ? 
_refine.pdbx_R_Free_selection_details            RANDOM 
_refine.pdbx_overall_ESU_R                       0.127 
_refine.pdbx_overall_ESU_R_Free                  0.118 
_refine.overall_SU_ML                            ? 
_refine.pdbx_overall_phase_error                 ? 
_refine.overall_SU_B                             ? 
_refine.overall_SU_R_Cruickshank_DPI             ? 
_refine.pdbx_overall_SU_R_free_Cruickshank_DPI   ? 
_refine.pdbx_overall_SU_R_Blow_DPI               ? 
_refine.pdbx_overall_SU_R_free_Blow_DPI          ? 
# 
_refine_hist.pdbx_refine_id                   'X-RAY DIFFRACTION' 
_refine_hist.cycle_id                         LAST 
_refine_hist.pdbx_number_atoms_protein        629 
_refine_hist.pdbx_number_atoms_nucleic_acid   0 
_refine_hist.pdbx_number_atoms_ligand         24 
_refine_hist.number_atoms_solvent             104 
_refine_hist.number_atoms_total               757 
_refine_hist.d_res_high                       1.68 
_refine_hist.d_res_low                        21.38 
# 
loop_
_refine_ls_restr.type 
_refine_ls_restr.dev_ideal 
_refine_ls_restr.dev_ideal_target 
_refine_ls_restr.weight 
_refine_ls_restr.number 
_refine_ls_restr.pdbx_refine_id 
_refine_ls_restr.pdbx_restraint_function 
r_bond_refined_d             0.017  0.019  ? 690 'X-RAY DIFFRACTION' ? 
r_bond_other_d               ?      ?      ? ?   'X-RAY DIFFRACTION' ? 
r_angle_refined_deg          1.616  1.948  ? 945 'X-RAY DIFFRACTION' ? 
r_angle_other_deg            ?      ?      ? ?   'X-RAY DIFFRACTION' ? 
r_dihedral_angle_1_deg       6.046  5.000  ? 79  'X-RAY DIFFRACTION' ? 
r_dihedral_angle_2_deg       30.553 22.500 ? 36  'X-RAY DIFFRACTION' ? 
r_dihedral_angle_3_deg       11.773 15.000 ? 96  'X-RAY DIFFRACTION' ? 
r_dihedral_angle_4_deg       8.971  15.000 ? 7   'X-RAY DIFFRACTION' ? 
r_chiral_restr               0.092  0.200  ? 89  'X-RAY DIFFRACTION' ? 
r_gen_planes_refined         0.007  0.021  ? 577 'X-RAY DIFFRACTION' ? 
r_gen_planes_other           ?      ?      ? ?   'X-RAY DIFFRACTION' ? 
r_nbd_refined                ?      ?      ? ?   'X-RAY DIFFRACTION' ? 
r_nbd_other                  ?      ?      ? ?   'X-RAY DIFFRACTION' ? 
r_nbtor_refined              ?      ?      ? ?   'X-RAY DIFFRACTION' ? 
r_nbtor_other                ?      ?      ? ?   'X-RAY DIFFRACTION' ? 
r_xyhbond_nbd_refined        ?      ?      ? ?   'X-RAY DIFFRACTION' ? 
r_xyhbond_nbd_other          ?      ?      ? ?   'X-RAY DIFFRACTION' ? 
r_metal_ion_refined          ?      ?      ? ?   'X-RAY DIFFRACTION' ? 
r_metal_ion_other            ?      ?      ? ?   'X-RAY DIFFRACTION' ? 
r_symmetry_vdw_refined       ?      ?      ? ?   'X-RAY DIFFRACTION' ? 
r_symmetry_vdw_other         ?      ?      ? ?   'X-RAY DIFFRACTION' ? 
r_symmetry_hbond_refined     ?      ?      ? ?   'X-RAY DIFFRACTION' ? 
r_symmetry_hbond_other       ?      ?      ? ?   'X-RAY DIFFRACTION' ? 
r_symmetry_metal_ion_refined ?      ?      ? ?   'X-RAY DIFFRACTION' ? 
r_symmetry_metal_ion_other   ?      ?      ? ?   'X-RAY DIFFRACTION' ? 
r_mcbond_it                  ?      ?      ? ?   'X-RAY DIFFRACTION' ? 
r_mcbond_other               ?      ?      ? ?   'X-RAY DIFFRACTION' ? 
r_mcangle_it                 ?      ?      ? ?   'X-RAY DIFFRACTION' ? 
r_mcangle_other              ?      ?      ? ?   'X-RAY DIFFRACTION' ? 
r_scbond_it                  ?      ?      ? ?   'X-RAY DIFFRACTION' ? 
r_scbond_other               ?      ?      ? ?   'X-RAY DIFFRACTION' ? 
r_scangle_it                 ?      ?      ? ?   'X-RAY DIFFRACTION' ? 
r_scangle_other              ?      ?      ? ?   'X-RAY DIFFRACTION' ? 
r_long_range_B_refined       ?      ?      ? ?   'X-RAY DIFFRACTION' ? 
r_long_range_B_other         ?      ?      ? ?   'X-RAY DIFFRACTION' ? 
r_rigid_bond_restr           ?      ?      ? ?   'X-RAY DIFFRACTION' ? 
r_sphericity_free            ?      ?      ? ?   'X-RAY DIFFRACTION' ? 
r_sphericity_bonded          ?      ?      ? ?   'X-RAY DIFFRACTION' ? 
# 
_refine_ls_shell.pdbx_refine_id                   'X-RAY DIFFRACTION' 
_refine_ls_shell.pdbx_total_number_of_bins_used   20 
_refine_ls_shell.d_res_high                       1.680 
_refine_ls_shell.d_res_low                        1.724 
_refine_ls_shell.number_reflns_R_work             544 
_refine_ls_shell.R_factor_R_work                  0.250 
_refine_ls_shell.percent_reflns_obs               99.13 
_refine_ls_shell.R_factor_R_free                  0.268 
_refine_ls_shell.R_factor_R_free_error            ? 
_refine_ls_shell.percent_reflns_R_free            ? 
_refine_ls_shell.number_reflns_R_free             24 
_refine_ls_shell.number_reflns_all                ? 
_refine_ls_shell.R_factor_all                     ? 
# 
_struct.entry_id                  4BVD 
_struct.title                     'Identification of small molecule inhibitors selective for apo(a) kringles KIV-7, KIV-10 and KV.' 
_struct.pdbx_model_details        ? 
_struct.pdbx_CASP_flag            ? 
_struct.pdbx_model_type_details   ? 
# 
_struct_keywords.entry_id        4BVD 
_struct_keywords.pdbx_keywords   HYDROLASE 
_struct_keywords.text            'HYDROLASE, CARDIOVASCULAR DISEASE, OPTICAL BIOSENSORS' 
# 
loop_
_struct_asym.id 
_struct_asym.pdbx_blank_PDB_chainid_flag 
_struct_asym.pdbx_modified 
_struct_asym.entity_id 
_struct_asym.details 
A N N 1 ? 
B N N 2 ? 
C N N 3 ? 
D N N 4 ? 
# 
_struct_ref.id                         1 
_struct_ref.db_name                    UNP 
_struct_ref.db_code                    APOA_HUMAN 
_struct_ref.entity_id                  1 
_struct_ref.pdbx_seq_one_letter_code   ? 
_struct_ref.pdbx_align_begin           ? 
_struct_ref.pdbx_db_accession          P08519 
_struct_ref.pdbx_db_isoform            ? 
# 
_struct_ref_seq.align_id                      1 
_struct_ref_seq.ref_id                        1 
_struct_ref_seq.pdbx_PDB_id_code              4BVD 
_struct_ref_seq.pdbx_strand_id                A 
_struct_ref_seq.seq_align_beg                 1 
_struct_ref_seq.pdbx_seq_align_beg_ins_code   ? 
_struct_ref_seq.seq_align_end                 79 
_struct_ref_seq.pdbx_seq_align_end_ins_code   ? 
_struct_ref_seq.pdbx_db_accession             P08519 
_struct_ref_seq.db_align_beg                  4123 
_struct_ref_seq.pdbx_db_align_beg_ins_code    ? 
_struct_ref_seq.db_align_end                  4201 
_struct_ref_seq.pdbx_db_align_end_ins_code    ? 
_struct_ref_seq.pdbx_auth_seq_align_beg       0 
_struct_ref_seq.pdbx_auth_seq_align_end       80 
# 
_struct_ref_seq_dif.align_id                     1 
_struct_ref_seq_dif.pdbx_pdb_id_code             4BVD 
_struct_ref_seq_dif.mon_id                       ALA 
_struct_ref_seq_dif.pdbx_pdb_strand_id           A 
_struct_ref_seq_dif.seq_num                      75 
_struct_ref_seq_dif.pdbx_pdb_ins_code            ? 
_struct_ref_seq_dif.pdbx_seq_db_name             UNP 
_struct_ref_seq_dif.pdbx_seq_db_accession_code   P08519 
_struct_ref_seq_dif.db_mon_id                    ASN 
_struct_ref_seq_dif.pdbx_seq_db_seq_num          4197 
_struct_ref_seq_dif.details                      'engineered mutation' 
_struct_ref_seq_dif.pdbx_auth_seq_num            76 
_struct_ref_seq_dif.pdbx_ordinal                 1 
# 
_pdbx_struct_assembly.id                   1 
_pdbx_struct_assembly.details              author_and_software_defined_assembly 
_pdbx_struct_assembly.method_details       PISA 
_pdbx_struct_assembly.oligomeric_details   monomeric 
_pdbx_struct_assembly.oligomeric_count     1 
# 
_pdbx_struct_assembly_gen.assembly_id       1 
_pdbx_struct_assembly_gen.oper_expression   1 
_pdbx_struct_assembly_gen.asym_id_list      A,B,C,D 
# 
_pdbx_struct_oper_list.id                   1 
_pdbx_struct_oper_list.type                 'identity operation' 
_pdbx_struct_oper_list.name                 1_555 
_pdbx_struct_oper_list.symmetry_operation   x,y,z 
_pdbx_struct_oper_list.matrix[1][1]         1.0000000000 
_pdbx_struct_oper_list.matrix[1][2]         0.0000000000 
_pdbx_struct_oper_list.matrix[1][3]         0.0000000000 
_pdbx_struct_oper_list.vector[1]            0.0000000000 
_pdbx_struct_oper_list.matrix[2][1]         0.0000000000 
_pdbx_struct_oper_list.matrix[2][2]         1.0000000000 
_pdbx_struct_oper_list.matrix[2][3]         0.0000000000 
_pdbx_struct_oper_list.vector[2]            0.0000000000 
_pdbx_struct_oper_list.matrix[3][1]         0.0000000000 
_pdbx_struct_oper_list.matrix[3][2]         0.0000000000 
_pdbx_struct_oper_list.matrix[3][3]         1.0000000000 
_pdbx_struct_oper_list.vector[3]            0.0000000000 
# 
_struct_biol.id   1 
# 
loop_
_struct_conn.id 
_struct_conn.conn_type_id 
_struct_conn.pdbx_leaving_atom_flag 
_struct_conn.pdbx_PDB_id 
_struct_conn.ptnr1_label_asym_id 
_struct_conn.ptnr1_label_comp_id 
_struct_conn.ptnr1_label_seq_id 
_struct_conn.ptnr1_label_atom_id 
_struct_conn.pdbx_ptnr1_label_alt_id 
_struct_conn.pdbx_ptnr1_PDB_ins_code 
_struct_conn.pdbx_ptnr1_standard_comp_id 
_struct_conn.ptnr1_symmetry 
_struct_conn.ptnr2_label_asym_id 
_struct_conn.ptnr2_label_comp_id 
_struct_conn.ptnr2_label_seq_id 
_struct_conn.ptnr2_label_atom_id 
_struct_conn.pdbx_ptnr2_label_alt_id 
_struct_conn.pdbx_ptnr2_PDB_ins_code 
_struct_conn.ptnr1_auth_asym_id 
_struct_conn.ptnr1_auth_comp_id 
_struct_conn.ptnr1_auth_seq_id 
_struct_conn.ptnr2_auth_asym_id 
_struct_conn.ptnr2_auth_comp_id 
_struct_conn.ptnr2_auth_seq_id 
_struct_conn.ptnr2_symmetry 
_struct_conn.pdbx_ptnr3_label_atom_id 
_struct_conn.pdbx_ptnr3_label_seq_id 
_struct_conn.pdbx_ptnr3_label_comp_id 
_struct_conn.pdbx_ptnr3_label_asym_id 
_struct_conn.pdbx_ptnr3_label_alt_id 
_struct_conn.pdbx_ptnr3_PDB_ins_code 
_struct_conn.details 
_struct_conn.pdbx_dist_value 
_struct_conn.pdbx_value_order 
_struct_conn.pdbx_role 
disulf1 disulf ? ? A CYS 2  SG ? ? ? 1_555 A CYS 79 SG ? ? A CYS 1  A CYS 80 1_555 ? ? ? ? ? ? ? 2.029 ? ? 
disulf2 disulf ? ? A CYS 23 SG ? ? ? 1_555 A CYS 62 SG ? ? A CYS 22 A CYS 63 1_555 ? ? ? ? ? ? ? 2.025 ? ? 
disulf3 disulf ? ? A CYS 51 SG ? ? ? 1_555 A CYS 74 SG ? ? A CYS 51 A CYS 75 1_555 ? ? ? ? ? ? ? 2.015 ? ? 
# 
_struct_conn_type.id          disulf 
_struct_conn_type.criteria    ? 
_struct_conn_type.reference   ? 
# 
loop_
_pdbx_modification_feature.ordinal 
_pdbx_modification_feature.label_comp_id 
_pdbx_modification_feature.label_asym_id 
_pdbx_modification_feature.label_seq_id 
_pdbx_modification_feature.label_alt_id 
_pdbx_modification_feature.modified_residue_label_comp_id 
_pdbx_modification_feature.modified_residue_label_asym_id 
_pdbx_modification_feature.modified_residue_label_seq_id 
_pdbx_modification_feature.modified_residue_label_alt_id 
_pdbx_modification_feature.auth_comp_id 
_pdbx_modification_feature.auth_asym_id 
_pdbx_modification_feature.auth_seq_id 
_pdbx_modification_feature.PDB_ins_code 
_pdbx_modification_feature.symmetry 
_pdbx_modification_feature.modified_residue_auth_comp_id 
_pdbx_modification_feature.modified_residue_auth_asym_id 
_pdbx_modification_feature.modified_residue_auth_seq_id 
_pdbx_modification_feature.modified_residue_PDB_ins_code 
_pdbx_modification_feature.modified_residue_symmetry 
_pdbx_modification_feature.comp_id_linking_atom 
_pdbx_modification_feature.modified_residue_id_linking_atom 
_pdbx_modification_feature.modified_residue_id 
_pdbx_modification_feature.ref_pcm_id 
_pdbx_modification_feature.ref_comp_id 
_pdbx_modification_feature.type 
_pdbx_modification_feature.category 
1 CYS A 2  ? CYS A 79 ? CYS A 1  ? 1_555 CYS A 80 ? 1_555 SG SG . . . None 'Disulfide bridge' 
2 CYS A 23 ? CYS A 62 ? CYS A 22 ? 1_555 CYS A 63 ? 1_555 SG SG . . . None 'Disulfide bridge' 
3 CYS A 51 ? CYS A 74 ? CYS A 51 ? 1_555 CYS A 75 ? 1_555 SG SG . . . None 'Disulfide bridge' 
# 
_struct_mon_prot_cis.pdbx_id                1 
_struct_mon_prot_cis.label_comp_id          THR 
_struct_mon_prot_cis.label_seq_id           30 
_struct_mon_prot_cis.label_asym_id          A 
_struct_mon_prot_cis.label_alt_id           . 
_struct_mon_prot_cis.pdbx_PDB_ins_code      ? 
_struct_mon_prot_cis.auth_comp_id           THR 
_struct_mon_prot_cis.auth_seq_id            29 
_struct_mon_prot_cis.auth_asym_id           A 
_struct_mon_prot_cis.pdbx_label_comp_id_2   PRO 
_struct_mon_prot_cis.pdbx_label_seq_id_2    31 
_struct_mon_prot_cis.pdbx_label_asym_id_2   A 
_struct_mon_prot_cis.pdbx_PDB_ins_code_2    ? 
_struct_mon_prot_cis.pdbx_auth_comp_id_2    PRO 
_struct_mon_prot_cis.pdbx_auth_seq_id_2     30 
_struct_mon_prot_cis.pdbx_auth_asym_id_2    A 
_struct_mon_prot_cis.pdbx_PDB_model_num     1 
_struct_mon_prot_cis.pdbx_omega_angle       0.81 
# 
_struct_sheet.id               AA 
_struct_sheet.type             ? 
_struct_sheet.number_strands   2 
_struct_sheet.details          ? 
# 
_struct_sheet_order.sheet_id     AA 
_struct_sheet_order.range_id_1   1 
_struct_sheet_order.range_id_2   2 
_struct_sheet_order.offset       ? 
_struct_sheet_order.sense        anti-parallel 
# 
loop_
_struct_sheet_range.sheet_id 
_struct_sheet_range.id 
_struct_sheet_range.beg_label_comp_id 
_struct_sheet_range.beg_label_asym_id 
_struct_sheet_range.beg_label_seq_id 
_struct_sheet_range.pdbx_beg_PDB_ins_code 
_struct_sheet_range.end_label_comp_id 
_struct_sheet_range.end_label_asym_id 
_struct_sheet_range.end_label_seq_id 
_struct_sheet_range.pdbx_end_PDB_ins_code 
_struct_sheet_range.beg_auth_comp_id 
_struct_sheet_range.beg_auth_asym_id 
_struct_sheet_range.beg_auth_seq_id 
_struct_sheet_range.end_auth_comp_id 
_struct_sheet_range.end_auth_asym_id 
_struct_sheet_range.end_auth_seq_id 
AA 1 TRP A 61 ? PHE A 63 ? TRP A 62 PHE A 64 
AA 2 TRP A 71 ? TYR A 73 ? TRP A 72 TYR A 74 
# 
_pdbx_struct_sheet_hbond.sheet_id                AA 
_pdbx_struct_sheet_hbond.range_id_1              1 
_pdbx_struct_sheet_hbond.range_id_2              2 
_pdbx_struct_sheet_hbond.range_1_label_atom_id   N 
_pdbx_struct_sheet_hbond.range_1_label_comp_id   CYS 
_pdbx_struct_sheet_hbond.range_1_label_asym_id   A 
_pdbx_struct_sheet_hbond.range_1_label_seq_id    62 
_pdbx_struct_sheet_hbond.range_1_PDB_ins_code    ? 
_pdbx_struct_sheet_hbond.range_1_auth_atom_id    N 
_pdbx_struct_sheet_hbond.range_1_auth_comp_id    CYS 
_pdbx_struct_sheet_hbond.range_1_auth_asym_id    A 
_pdbx_struct_sheet_hbond.range_1_auth_seq_id     63 
_pdbx_struct_sheet_hbond.range_2_label_atom_id   O 
_pdbx_struct_sheet_hbond.range_2_label_comp_id   GLU 
_pdbx_struct_sheet_hbond.range_2_label_asym_id   A 
_pdbx_struct_sheet_hbond.range_2_label_seq_id    72 
_pdbx_struct_sheet_hbond.range_2_PDB_ins_code    ? 
_pdbx_struct_sheet_hbond.range_2_auth_atom_id    O 
_pdbx_struct_sheet_hbond.range_2_auth_comp_id    GLU 
_pdbx_struct_sheet_hbond.range_2_auth_asym_id    A 
_pdbx_struct_sheet_hbond.range_2_auth_seq_id     73 
# 
loop_
_struct_site.id 
_struct_site.pdbx_evidence_code 
_struct_site.pdbx_auth_asym_id 
_struct_site.pdbx_auth_comp_id 
_struct_site.pdbx_auth_seq_id 
_struct_site.pdbx_auth_ins_code 
_struct_site.pdbx_num_residues 
_struct_site.details 
AC1 Software A CL  1081 ? 4  'BINDING SITE FOR RESIDUE CL A 1081'  
AC2 Software A BU6 1082 ? 12 'BINDING SITE FOR RESIDUE BU6 A 1082' 
# 
loop_
_struct_site_gen.id 
_struct_site_gen.site_id 
_struct_site_gen.pdbx_num_res 
_struct_site_gen.label_comp_id 
_struct_site_gen.label_asym_id 
_struct_site_gen.label_seq_id 
_struct_site_gen.pdbx_auth_ins_code 
_struct_site_gen.auth_comp_id 
_struct_site_gen.auth_asym_id 
_struct_site_gen.auth_seq_id 
_struct_site_gen.label_atom_id 
_struct_site_gen.label_alt_id 
_struct_site_gen.symmetry 
_struct_site_gen.details 
1  AC1 4  TYR A 3  ? TYR A 2    . ? 1_555 ? 
2  AC1 4  HIS A 4  ? HIS A 3    . ? 1_555 ? 
3  AC1 4  TYR A 10 ? TYR A 9    . ? 1_555 ? 
4  AC1 4  HOH D .  ? HOH A 2003 . ? 1_555 ? 
5  AC2 12 CYS A 2  ? CYS A 1    . ? 4_654 ? 
6  AC2 12 HIS A 34 ? HIS A 33   . ? 1_555 ? 
7  AC2 12 GLN A 35 ? GLN A 34   . ? 1_555 ? 
8  AC2 12 ASP A 55 ? ASP A 55   . ? 1_555 ? 
9  AC2 12 ASP A 57 ? ASP A 57   . ? 1_555 ? 
10 AC2 12 TRP A 61 ? TRP A 62   . ? 1_555 ? 
11 AC2 12 PHE A 63 ? PHE A 64   . ? 1_555 ? 
12 AC2 12 ARG A 70 ? ARG A 71   . ? 1_555 ? 
13 AC2 12 TRP A 71 ? TRP A 72   . ? 1_555 ? 
14 AC2 12 CYS A 79 ? CYS A 80   . ? 4_654 ? 
15 AC2 12 HOH D .  ? HOH A 2068 . ? 1_555 ? 
16 AC2 12 HOH D .  ? HOH A 2095 . ? 1_555 ? 
# 
_pdbx_entry_details.entry_id                   4BVD 
_pdbx_entry_details.compound_details           ? 
_pdbx_entry_details.source_details             ? 
_pdbx_entry_details.nonpolymer_details         ? 
_pdbx_entry_details.sequence_details           'KRINGLE IV-10 DOMAIN, N76A MUTATION' 
_pdbx_entry_details.has_ligand_of_interest     ? 
_pdbx_entry_details.has_protein_modification   Y 
# 
loop_
_pdbx_validate_rmsd_bond.id 
_pdbx_validate_rmsd_bond.PDB_model_num 
_pdbx_validate_rmsd_bond.auth_atom_id_1 
_pdbx_validate_rmsd_bond.auth_asym_id_1 
_pdbx_validate_rmsd_bond.auth_comp_id_1 
_pdbx_validate_rmsd_bond.auth_seq_id_1 
_pdbx_validate_rmsd_bond.PDB_ins_code_1 
_pdbx_validate_rmsd_bond.label_alt_id_1 
_pdbx_validate_rmsd_bond.auth_atom_id_2 
_pdbx_validate_rmsd_bond.auth_asym_id_2 
_pdbx_validate_rmsd_bond.auth_comp_id_2 
_pdbx_validate_rmsd_bond.auth_seq_id_2 
_pdbx_validate_rmsd_bond.PDB_ins_code_2 
_pdbx_validate_rmsd_bond.label_alt_id_2 
_pdbx_validate_rmsd_bond.bond_value 
_pdbx_validate_rmsd_bond.bond_target_value 
_pdbx_validate_rmsd_bond.bond_deviation 
_pdbx_validate_rmsd_bond.bond_standard_deviation 
_pdbx_validate_rmsd_bond.linker_flag 
1 1 N  A GLN 34 ? ? CA A GLN 34 ? A 1.588 1.459 0.129 0.020 N 
2 1 CA A GLN 34 ? B C  A GLN 34 ? ? 1.728 1.525 0.203 0.026 N 
3 1 N  A GLU 39 ? ? CA A GLU 39 ? B 1.632 1.459 0.173 0.020 N 
# 
loop_
_pdbx_validate_torsion.id 
_pdbx_validate_torsion.PDB_model_num 
_pdbx_validate_torsion.auth_comp_id 
_pdbx_validate_torsion.auth_asym_id 
_pdbx_validate_torsion.auth_seq_id 
_pdbx_validate_torsion.PDB_ins_code 
_pdbx_validate_torsion.label_alt_id 
_pdbx_validate_torsion.phi 
_pdbx_validate_torsion.psi 
1 1 SER A 14 ? ? -146.89 35.64   
2 1 MET A 48 ? ? 44.66   -125.44 
3 1 ASP A 57 ? ? -74.62  -161.25 
# 
_pdbx_unobs_or_zero_occ_residues.id               1 
_pdbx_unobs_or_zero_occ_residues.PDB_model_num    1 
_pdbx_unobs_or_zero_occ_residues.polymer_flag     Y 
_pdbx_unobs_or_zero_occ_residues.occupancy_flag   1 
_pdbx_unobs_or_zero_occ_residues.auth_asym_id     A 
_pdbx_unobs_or_zero_occ_residues.auth_comp_id     GLN 
_pdbx_unobs_or_zero_occ_residues.auth_seq_id      0 
_pdbx_unobs_or_zero_occ_residues.PDB_ins_code     ? 
_pdbx_unobs_or_zero_occ_residues.label_asym_id    A 
_pdbx_unobs_or_zero_occ_residues.label_comp_id    GLN 
_pdbx_unobs_or_zero_occ_residues.label_seq_id     1 
# 
loop_
_chem_comp_atom.comp_id 
_chem_comp_atom.atom_id 
_chem_comp_atom.type_symbol 
_chem_comp_atom.pdbx_aromatic_flag 
_chem_comp_atom.pdbx_stereo_config 
_chem_comp_atom.pdbx_ordinal 
ALA N    N  N N 1   
ALA CA   C  N S 2   
ALA C    C  N N 3   
ALA O    O  N N 4   
ALA CB   C  N N 5   
ALA OXT  O  N N 6   
ALA H    H  N N 7   
ALA H2   H  N N 8   
ALA HA   H  N N 9   
ALA HB1  H  N N 10  
ALA HB2  H  N N 11  
ALA HB3  H  N N 12  
ALA HXT  H  N N 13  
ARG N    N  N N 14  
ARG CA   C  N S 15  
ARG C    C  N N 16  
ARG O    O  N N 17  
ARG CB   C  N N 18  
ARG CG   C  N N 19  
ARG CD   C  N N 20  
ARG NE   N  N N 21  
ARG CZ   C  N N 22  
ARG NH1  N  N N 23  
ARG NH2  N  N N 24  
ARG OXT  O  N N 25  
ARG H    H  N N 26  
ARG H2   H  N N 27  
ARG HA   H  N N 28  
ARG HB2  H  N N 29  
ARG HB3  H  N N 30  
ARG HG2  H  N N 31  
ARG HG3  H  N N 32  
ARG HD2  H  N N 33  
ARG HD3  H  N N 34  
ARG HE   H  N N 35  
ARG HH11 H  N N 36  
ARG HH12 H  N N 37  
ARG HH21 H  N N 38  
ARG HH22 H  N N 39  
ARG HXT  H  N N 40  
ASN N    N  N N 41  
ASN CA   C  N S 42  
ASN C    C  N N 43  
ASN O    O  N N 44  
ASN CB   C  N N 45  
ASN CG   C  N N 46  
ASN OD1  O  N N 47  
ASN ND2  N  N N 48  
ASN OXT  O  N N 49  
ASN H    H  N N 50  
ASN H2   H  N N 51  
ASN HA   H  N N 52  
ASN HB2  H  N N 53  
ASN HB3  H  N N 54  
ASN HD21 H  N N 55  
ASN HD22 H  N N 56  
ASN HXT  H  N N 57  
ASP N    N  N N 58  
ASP CA   C  N S 59  
ASP C    C  N N 60  
ASP O    O  N N 61  
ASP CB   C  N N 62  
ASP CG   C  N N 63  
ASP OD1  O  N N 64  
ASP OD2  O  N N 65  
ASP OXT  O  N N 66  
ASP H    H  N N 67  
ASP H2   H  N N 68  
ASP HA   H  N N 69  
ASP HB2  H  N N 70  
ASP HB3  H  N N 71  
ASP HD2  H  N N 72  
ASP HXT  H  N N 73  
BU6 C1   C  Y N 74  
BU6 C2   C  Y N 75  
BU6 C3   C  Y N 76  
BU6 C4   C  Y N 77  
BU6 C5   C  Y N 78  
BU6 C6   C  Y N 79  
BU6 CL7  CL N N 80  
BU6 S8   S  N N 81  
BU6 O9   O  N N 82  
BU6 O10  O  N N 83  
BU6 N11  N  N N 84  
BU6 C12  C  Y N 85  
BU6 C13  C  Y N 86  
BU6 N14  N  Y N 87  
BU6 N15  N  Y N 88  
BU6 C16  C  Y N 89  
BU6 C17  C  N N 90  
BU6 C18  C  N N 91  
BU6 C19  C  N N 92  
BU6 N20  N  N N 93  
BU6 C21  C  N N 94  
BU6 C22  C  N N 95  
BU6 F23  F  N N 96  
BU6 H1   H  N N 97  
BU6 H2   H  N N 98  
BU6 H5   H  N N 99  
BU6 H11  H  N N 100 
BU6 H13  H  N N 101 
BU6 H16  H  N N 102 
BU6 H17  H  N N 103 
BU6 H181 H  N N 104 
BU6 H182 H  N N 105 
BU6 H221 H  N N 106 
BU6 H222 H  N N 107 
BU6 H191 H  N N 108 
BU6 H192 H  N N 109 
BU6 H20  H  N N 110 
BU6 H211 H  N N 111 
BU6 H212 H  N N 112 
CL  CL   CL N N 113 
CYS N    N  N N 114 
CYS CA   C  N R 115 
CYS C    C  N N 116 
CYS O    O  N N 117 
CYS CB   C  N N 118 
CYS SG   S  N N 119 
CYS OXT  O  N N 120 
CYS H    H  N N 121 
CYS H2   H  N N 122 
CYS HA   H  N N 123 
CYS HB2  H  N N 124 
CYS HB3  H  N N 125 
CYS HG   H  N N 126 
CYS HXT  H  N N 127 
GLN N    N  N N 128 
GLN CA   C  N S 129 
GLN C    C  N N 130 
GLN O    O  N N 131 
GLN CB   C  N N 132 
GLN CG   C  N N 133 
GLN CD   C  N N 134 
GLN OE1  O  N N 135 
GLN NE2  N  N N 136 
GLN OXT  O  N N 137 
GLN H    H  N N 138 
GLN H2   H  N N 139 
GLN HA   H  N N 140 
GLN HB2  H  N N 141 
GLN HB3  H  N N 142 
GLN HG2  H  N N 143 
GLN HG3  H  N N 144 
GLN HE21 H  N N 145 
GLN HE22 H  N N 146 
GLN HXT  H  N N 147 
GLU N    N  N N 148 
GLU CA   C  N S 149 
GLU C    C  N N 150 
GLU O    O  N N 151 
GLU CB   C  N N 152 
GLU CG   C  N N 153 
GLU CD   C  N N 154 
GLU OE1  O  N N 155 
GLU OE2  O  N N 156 
GLU OXT  O  N N 157 
GLU H    H  N N 158 
GLU H2   H  N N 159 
GLU HA   H  N N 160 
GLU HB2  H  N N 161 
GLU HB3  H  N N 162 
GLU HG2  H  N N 163 
GLU HG3  H  N N 164 
GLU HE2  H  N N 165 
GLU HXT  H  N N 166 
GLY N    N  N N 167 
GLY CA   C  N N 168 
GLY C    C  N N 169 
GLY O    O  N N 170 
GLY OXT  O  N N 171 
GLY H    H  N N 172 
GLY H2   H  N N 173 
GLY HA2  H  N N 174 
GLY HA3  H  N N 175 
GLY HXT  H  N N 176 
HIS N    N  N N 177 
HIS CA   C  N S 178 
HIS C    C  N N 179 
HIS O    O  N N 180 
HIS CB   C  N N 181 
HIS CG   C  Y N 182 
HIS ND1  N  Y N 183 
HIS CD2  C  Y N 184 
HIS CE1  C  Y N 185 
HIS NE2  N  Y N 186 
HIS OXT  O  N N 187 
HIS H    H  N N 188 
HIS H2   H  N N 189 
HIS HA   H  N N 190 
HIS HB2  H  N N 191 
HIS HB3  H  N N 192 
HIS HD1  H  N N 193 
HIS HD2  H  N N 194 
HIS HE1  H  N N 195 
HIS HE2  H  N N 196 
HIS HXT  H  N N 197 
HOH O    O  N N 198 
HOH H1   H  N N 199 
HOH H2   H  N N 200 
ILE N    N  N N 201 
ILE CA   C  N S 202 
ILE C    C  N N 203 
ILE O    O  N N 204 
ILE CB   C  N S 205 
ILE CG1  C  N N 206 
ILE CG2  C  N N 207 
ILE CD1  C  N N 208 
ILE OXT  O  N N 209 
ILE H    H  N N 210 
ILE H2   H  N N 211 
ILE HA   H  N N 212 
ILE HB   H  N N 213 
ILE HG12 H  N N 214 
ILE HG13 H  N N 215 
ILE HG21 H  N N 216 
ILE HG22 H  N N 217 
ILE HG23 H  N N 218 
ILE HD11 H  N N 219 
ILE HD12 H  N N 220 
ILE HD13 H  N N 221 
ILE HXT  H  N N 222 
LEU N    N  N N 223 
LEU CA   C  N S 224 
LEU C    C  N N 225 
LEU O    O  N N 226 
LEU CB   C  N N 227 
LEU CG   C  N N 228 
LEU CD1  C  N N 229 
LEU CD2  C  N N 230 
LEU OXT  O  N N 231 
LEU H    H  N N 232 
LEU H2   H  N N 233 
LEU HA   H  N N 234 
LEU HB2  H  N N 235 
LEU HB3  H  N N 236 
LEU HG   H  N N 237 
LEU HD11 H  N N 238 
LEU HD12 H  N N 239 
LEU HD13 H  N N 240 
LEU HD21 H  N N 241 
LEU HD22 H  N N 242 
LEU HD23 H  N N 243 
LEU HXT  H  N N 244 
MET N    N  N N 245 
MET CA   C  N S 246 
MET C    C  N N 247 
MET O    O  N N 248 
MET CB   C  N N 249 
MET CG   C  N N 250 
MET SD   S  N N 251 
MET CE   C  N N 252 
MET OXT  O  N N 253 
MET H    H  N N 254 
MET H2   H  N N 255 
MET HA   H  N N 256 
MET HB2  H  N N 257 
MET HB3  H  N N 258 
MET HG2  H  N N 259 
MET HG3  H  N N 260 
MET HE1  H  N N 261 
MET HE2  H  N N 262 
MET HE3  H  N N 263 
MET HXT  H  N N 264 
PHE N    N  N N 265 
PHE CA   C  N S 266 
PHE C    C  N N 267 
PHE O    O  N N 268 
PHE CB   C  N N 269 
PHE CG   C  Y N 270 
PHE CD1  C  Y N 271 
PHE CD2  C  Y N 272 
PHE CE1  C  Y N 273 
PHE CE2  C  Y N 274 
PHE CZ   C  Y N 275 
PHE OXT  O  N N 276 
PHE H    H  N N 277 
PHE H2   H  N N 278 
PHE HA   H  N N 279 
PHE HB2  H  N N 280 
PHE HB3  H  N N 281 
PHE HD1  H  N N 282 
PHE HD2  H  N N 283 
PHE HE1  H  N N 284 
PHE HE2  H  N N 285 
PHE HZ   H  N N 286 
PHE HXT  H  N N 287 
PRO N    N  N N 288 
PRO CA   C  N S 289 
PRO C    C  N N 290 
PRO O    O  N N 291 
PRO CB   C  N N 292 
PRO CG   C  N N 293 
PRO CD   C  N N 294 
PRO OXT  O  N N 295 
PRO H    H  N N 296 
PRO HA   H  N N 297 
PRO HB2  H  N N 298 
PRO HB3  H  N N 299 
PRO HG2  H  N N 300 
PRO HG3  H  N N 301 
PRO HD2  H  N N 302 
PRO HD3  H  N N 303 
PRO HXT  H  N N 304 
SER N    N  N N 305 
SER CA   C  N S 306 
SER C    C  N N 307 
SER O    O  N N 308 
SER CB   C  N N 309 
SER OG   O  N N 310 
SER OXT  O  N N 311 
SER H    H  N N 312 
SER H2   H  N N 313 
SER HA   H  N N 314 
SER HB2  H  N N 315 
SER HB3  H  N N 316 
SER HG   H  N N 317 
SER HXT  H  N N 318 
THR N    N  N N 319 
THR CA   C  N S 320 
THR C    C  N N 321 
THR O    O  N N 322 
THR CB   C  N R 323 
THR OG1  O  N N 324 
THR CG2  C  N N 325 
THR OXT  O  N N 326 
THR H    H  N N 327 
THR H2   H  N N 328 
THR HA   H  N N 329 
THR HB   H  N N 330 
THR HG1  H  N N 331 
THR HG21 H  N N 332 
THR HG22 H  N N 333 
THR HG23 H  N N 334 
THR HXT  H  N N 335 
TRP N    N  N N 336 
TRP CA   C  N S 337 
TRP C    C  N N 338 
TRP O    O  N N 339 
TRP CB   C  N N 340 
TRP CG   C  Y N 341 
TRP CD1  C  Y N 342 
TRP CD2  C  Y N 343 
TRP NE1  N  Y N 344 
TRP CE2  C  Y N 345 
TRP CE3  C  Y N 346 
TRP CZ2  C  Y N 347 
TRP CZ3  C  Y N 348 
TRP CH2  C  Y N 349 
TRP OXT  O  N N 350 
TRP H    H  N N 351 
TRP H2   H  N N 352 
TRP HA   H  N N 353 
TRP HB2  H  N N 354 
TRP HB3  H  N N 355 
TRP HD1  H  N N 356 
TRP HE1  H  N N 357 
TRP HE3  H  N N 358 
TRP HZ2  H  N N 359 
TRP HZ3  H  N N 360 
TRP HH2  H  N N 361 
TRP HXT  H  N N 362 
TYR N    N  N N 363 
TYR CA   C  N S 364 
TYR C    C  N N 365 
TYR O    O  N N 366 
TYR CB   C  N N 367 
TYR CG   C  Y N 368 
TYR CD1  C  Y N 369 
TYR CD2  C  Y N 370 
TYR CE1  C  Y N 371 
TYR CE2  C  Y N 372 
TYR CZ   C  Y N 373 
TYR OH   O  N N 374 
TYR OXT  O  N N 375 
TYR H    H  N N 376 
TYR H2   H  N N 377 
TYR HA   H  N N 378 
TYR HB2  H  N N 379 
TYR HB3  H  N N 380 
TYR HD1  H  N N 381 
TYR HD2  H  N N 382 
TYR HE1  H  N N 383 
TYR HE2  H  N N 384 
TYR HH   H  N N 385 
TYR HXT  H  N N 386 
VAL N    N  N N 387 
VAL CA   C  N S 388 
VAL C    C  N N 389 
VAL O    O  N N 390 
VAL CB   C  N N 391 
VAL CG1  C  N N 392 
VAL CG2  C  N N 393 
VAL OXT  O  N N 394 
VAL H    H  N N 395 
VAL H2   H  N N 396 
VAL HA   H  N N 397 
VAL HB   H  N N 398 
VAL HG11 H  N N 399 
VAL HG12 H  N N 400 
VAL HG13 H  N N 401 
VAL HG21 H  N N 402 
VAL HG22 H  N N 403 
VAL HG23 H  N N 404 
VAL HXT  H  N N 405 
# 
loop_
_chem_comp_bond.comp_id 
_chem_comp_bond.atom_id_1 
_chem_comp_bond.atom_id_2 
_chem_comp_bond.value_order 
_chem_comp_bond.pdbx_aromatic_flag 
_chem_comp_bond.pdbx_stereo_config 
_chem_comp_bond.pdbx_ordinal 
ALA N   CA   sing N N 1   
ALA N   H    sing N N 2   
ALA N   H2   sing N N 3   
ALA CA  C    sing N N 4   
ALA CA  CB   sing N N 5   
ALA CA  HA   sing N N 6   
ALA C   O    doub N N 7   
ALA C   OXT  sing N N 8   
ALA CB  HB1  sing N N 9   
ALA CB  HB2  sing N N 10  
ALA CB  HB3  sing N N 11  
ALA OXT HXT  sing N N 12  
ARG N   CA   sing N N 13  
ARG N   H    sing N N 14  
ARG N   H2   sing N N 15  
ARG CA  C    sing N N 16  
ARG CA  CB   sing N N 17  
ARG CA  HA   sing N N 18  
ARG C   O    doub N N 19  
ARG C   OXT  sing N N 20  
ARG CB  CG   sing N N 21  
ARG CB  HB2  sing N N 22  
ARG CB  HB3  sing N N 23  
ARG CG  CD   sing N N 24  
ARG CG  HG2  sing N N 25  
ARG CG  HG3  sing N N 26  
ARG CD  NE   sing N N 27  
ARG CD  HD2  sing N N 28  
ARG CD  HD3  sing N N 29  
ARG NE  CZ   sing N N 30  
ARG NE  HE   sing N N 31  
ARG CZ  NH1  sing N N 32  
ARG CZ  NH2  doub N N 33  
ARG NH1 HH11 sing N N 34  
ARG NH1 HH12 sing N N 35  
ARG NH2 HH21 sing N N 36  
ARG NH2 HH22 sing N N 37  
ARG OXT HXT  sing N N 38  
ASN N   CA   sing N N 39  
ASN N   H    sing N N 40  
ASN N   H2   sing N N 41  
ASN CA  C    sing N N 42  
ASN CA  CB   sing N N 43  
ASN CA  HA   sing N N 44  
ASN C   O    doub N N 45  
ASN C   OXT  sing N N 46  
ASN CB  CG   sing N N 47  
ASN CB  HB2  sing N N 48  
ASN CB  HB3  sing N N 49  
ASN CG  OD1  doub N N 50  
ASN CG  ND2  sing N N 51  
ASN ND2 HD21 sing N N 52  
ASN ND2 HD22 sing N N 53  
ASN OXT HXT  sing N N 54  
ASP N   CA   sing N N 55  
ASP N   H    sing N N 56  
ASP N   H2   sing N N 57  
ASP CA  C    sing N N 58  
ASP CA  CB   sing N N 59  
ASP CA  HA   sing N N 60  
ASP C   O    doub N N 61  
ASP C   OXT  sing N N 62  
ASP CB  CG   sing N N 63  
ASP CB  HB2  sing N N 64  
ASP CB  HB3  sing N N 65  
ASP CG  OD1  doub N N 66  
ASP CG  OD2  sing N N 67  
ASP OD2 HD2  sing N N 68  
ASP OXT HXT  sing N N 69  
BU6 C1  C2   sing Y N 70  
BU6 C1  C6   doub Y N 71  
BU6 C2  C3   doub Y N 72  
BU6 C3  C4   sing Y N 73  
BU6 C3  F23  sing N N 74  
BU6 C4  C5   doub Y N 75  
BU6 C4  S8   sing N N 76  
BU6 C5  C6   sing Y N 77  
BU6 C6  CL7  sing N N 78  
BU6 S8  O9   doub N N 79  
BU6 S8  O10  doub N N 80  
BU6 S8  N11  sing N N 81  
BU6 N11 C12  sing N N 82  
BU6 C12 C13  sing Y N 83  
BU6 C12 C16  doub Y N 84  
BU6 C13 N14  doub Y N 85  
BU6 N14 N15  sing Y N 86  
BU6 N15 C16  sing Y N 87  
BU6 N15 C17  sing N N 88  
BU6 C17 C18  sing N N 89  
BU6 C17 C22  sing N N 90  
BU6 C18 C19  sing N N 91  
BU6 C19 N20  sing N N 92  
BU6 N20 C21  sing N N 93  
BU6 C21 C22  sing N N 94  
BU6 C1  H1   sing N N 95  
BU6 C2  H2   sing N N 96  
BU6 C5  H5   sing N N 97  
BU6 N11 H11  sing N N 98  
BU6 C13 H13  sing N N 99  
BU6 C16 H16  sing N N 100 
BU6 C17 H17  sing N N 101 
BU6 C18 H181 sing N N 102 
BU6 C18 H182 sing N N 103 
BU6 C22 H221 sing N N 104 
BU6 C22 H222 sing N N 105 
BU6 C19 H191 sing N N 106 
BU6 C19 H192 sing N N 107 
BU6 N20 H20  sing N N 108 
BU6 C21 H211 sing N N 109 
BU6 C21 H212 sing N N 110 
CYS N   CA   sing N N 111 
CYS N   H    sing N N 112 
CYS N   H2   sing N N 113 
CYS CA  C    sing N N 114 
CYS CA  CB   sing N N 115 
CYS CA  HA   sing N N 116 
CYS C   O    doub N N 117 
CYS C   OXT  sing N N 118 
CYS CB  SG   sing N N 119 
CYS CB  HB2  sing N N 120 
CYS CB  HB3  sing N N 121 
CYS SG  HG   sing N N 122 
CYS OXT HXT  sing N N 123 
GLN N   CA   sing N N 124 
GLN N   H    sing N N 125 
GLN N   H2   sing N N 126 
GLN CA  C    sing N N 127 
GLN CA  CB   sing N N 128 
GLN CA  HA   sing N N 129 
GLN C   O    doub N N 130 
GLN C   OXT  sing N N 131 
GLN CB  CG   sing N N 132 
GLN CB  HB2  sing N N 133 
GLN CB  HB3  sing N N 134 
GLN CG  CD   sing N N 135 
GLN CG  HG2  sing N N 136 
GLN CG  HG3  sing N N 137 
GLN CD  OE1  doub N N 138 
GLN CD  NE2  sing N N 139 
GLN NE2 HE21 sing N N 140 
GLN NE2 HE22 sing N N 141 
GLN OXT HXT  sing N N 142 
GLU N   CA   sing N N 143 
GLU N   H    sing N N 144 
GLU N   H2   sing N N 145 
GLU CA  C    sing N N 146 
GLU CA  CB   sing N N 147 
GLU CA  HA   sing N N 148 
GLU C   O    doub N N 149 
GLU C   OXT  sing N N 150 
GLU CB  CG   sing N N 151 
GLU CB  HB2  sing N N 152 
GLU CB  HB3  sing N N 153 
GLU CG  CD   sing N N 154 
GLU CG  HG2  sing N N 155 
GLU CG  HG3  sing N N 156 
GLU CD  OE1  doub N N 157 
GLU CD  OE2  sing N N 158 
GLU OE2 HE2  sing N N 159 
GLU OXT HXT  sing N N 160 
GLY N   CA   sing N N 161 
GLY N   H    sing N N 162 
GLY N   H2   sing N N 163 
GLY CA  C    sing N N 164 
GLY CA  HA2  sing N N 165 
GLY CA  HA3  sing N N 166 
GLY C   O    doub N N 167 
GLY C   OXT  sing N N 168 
GLY OXT HXT  sing N N 169 
HIS N   CA   sing N N 170 
HIS N   H    sing N N 171 
HIS N   H2   sing N N 172 
HIS CA  C    sing N N 173 
HIS CA  CB   sing N N 174 
HIS CA  HA   sing N N 175 
HIS C   O    doub N N 176 
HIS C   OXT  sing N N 177 
HIS CB  CG   sing N N 178 
HIS CB  HB2  sing N N 179 
HIS CB  HB3  sing N N 180 
HIS CG  ND1  sing Y N 181 
HIS CG  CD2  doub Y N 182 
HIS ND1 CE1  doub Y N 183 
HIS ND1 HD1  sing N N 184 
HIS CD2 NE2  sing Y N 185 
HIS CD2 HD2  sing N N 186 
HIS CE1 NE2  sing Y N 187 
HIS CE1 HE1  sing N N 188 
HIS NE2 HE2  sing N N 189 
HIS OXT HXT  sing N N 190 
HOH O   H1   sing N N 191 
HOH O   H2   sing N N 192 
ILE N   CA   sing N N 193 
ILE N   H    sing N N 194 
ILE N   H2   sing N N 195 
ILE CA  C    sing N N 196 
ILE CA  CB   sing N N 197 
ILE CA  HA   sing N N 198 
ILE C   O    doub N N 199 
ILE C   OXT  sing N N 200 
ILE CB  CG1  sing N N 201 
ILE CB  CG2  sing N N 202 
ILE CB  HB   sing N N 203 
ILE CG1 CD1  sing N N 204 
ILE CG1 HG12 sing N N 205 
ILE CG1 HG13 sing N N 206 
ILE CG2 HG21 sing N N 207 
ILE CG2 HG22 sing N N 208 
ILE CG2 HG23 sing N N 209 
ILE CD1 HD11 sing N N 210 
ILE CD1 HD12 sing N N 211 
ILE CD1 HD13 sing N N 212 
ILE OXT HXT  sing N N 213 
LEU N   CA   sing N N 214 
LEU N   H    sing N N 215 
LEU N   H2   sing N N 216 
LEU CA  C    sing N N 217 
LEU CA  CB   sing N N 218 
LEU CA  HA   sing N N 219 
LEU C   O    doub N N 220 
LEU C   OXT  sing N N 221 
LEU CB  CG   sing N N 222 
LEU CB  HB2  sing N N 223 
LEU CB  HB3  sing N N 224 
LEU CG  CD1  sing N N 225 
LEU CG  CD2  sing N N 226 
LEU CG  HG   sing N N 227 
LEU CD1 HD11 sing N N 228 
LEU CD1 HD12 sing N N 229 
LEU CD1 HD13 sing N N 230 
LEU CD2 HD21 sing N N 231 
LEU CD2 HD22 sing N N 232 
LEU CD2 HD23 sing N N 233 
LEU OXT HXT  sing N N 234 
MET N   CA   sing N N 235 
MET N   H    sing N N 236 
MET N   H2   sing N N 237 
MET CA  C    sing N N 238 
MET CA  CB   sing N N 239 
MET CA  HA   sing N N 240 
MET C   O    doub N N 241 
MET C   OXT  sing N N 242 
MET CB  CG   sing N N 243 
MET CB  HB2  sing N N 244 
MET CB  HB3  sing N N 245 
MET CG  SD   sing N N 246 
MET CG  HG2  sing N N 247 
MET CG  HG3  sing N N 248 
MET SD  CE   sing N N 249 
MET CE  HE1  sing N N 250 
MET CE  HE2  sing N N 251 
MET CE  HE3  sing N N 252 
MET OXT HXT  sing N N 253 
PHE N   CA   sing N N 254 
PHE N   H    sing N N 255 
PHE N   H2   sing N N 256 
PHE CA  C    sing N N 257 
PHE CA  CB   sing N N 258 
PHE CA  HA   sing N N 259 
PHE C   O    doub N N 260 
PHE C   OXT  sing N N 261 
PHE CB  CG   sing N N 262 
PHE CB  HB2  sing N N 263 
PHE CB  HB3  sing N N 264 
PHE CG  CD1  doub Y N 265 
PHE CG  CD2  sing Y N 266 
PHE CD1 CE1  sing Y N 267 
PHE CD1 HD1  sing N N 268 
PHE CD2 CE2  doub Y N 269 
PHE CD2 HD2  sing N N 270 
PHE CE1 CZ   doub Y N 271 
PHE CE1 HE1  sing N N 272 
PHE CE2 CZ   sing Y N 273 
PHE CE2 HE2  sing N N 274 
PHE CZ  HZ   sing N N 275 
PHE OXT HXT  sing N N 276 
PRO N   CA   sing N N 277 
PRO N   CD   sing N N 278 
PRO N   H    sing N N 279 
PRO CA  C    sing N N 280 
PRO CA  CB   sing N N 281 
PRO CA  HA   sing N N 282 
PRO C   O    doub N N 283 
PRO C   OXT  sing N N 284 
PRO CB  CG   sing N N 285 
PRO CB  HB2  sing N N 286 
PRO CB  HB3  sing N N 287 
PRO CG  CD   sing N N 288 
PRO CG  HG2  sing N N 289 
PRO CG  HG3  sing N N 290 
PRO CD  HD2  sing N N 291 
PRO CD  HD3  sing N N 292 
PRO OXT HXT  sing N N 293 
SER N   CA   sing N N 294 
SER N   H    sing N N 295 
SER N   H2   sing N N 296 
SER CA  C    sing N N 297 
SER CA  CB   sing N N 298 
SER CA  HA   sing N N 299 
SER C   O    doub N N 300 
SER C   OXT  sing N N 301 
SER CB  OG   sing N N 302 
SER CB  HB2  sing N N 303 
SER CB  HB3  sing N N 304 
SER OG  HG   sing N N 305 
SER OXT HXT  sing N N 306 
THR N   CA   sing N N 307 
THR N   H    sing N N 308 
THR N   H2   sing N N 309 
THR CA  C    sing N N 310 
THR CA  CB   sing N N 311 
THR CA  HA   sing N N 312 
THR C   O    doub N N 313 
THR C   OXT  sing N N 314 
THR CB  OG1  sing N N 315 
THR CB  CG2  sing N N 316 
THR CB  HB   sing N N 317 
THR OG1 HG1  sing N N 318 
THR CG2 HG21 sing N N 319 
THR CG2 HG22 sing N N 320 
THR CG2 HG23 sing N N 321 
THR OXT HXT  sing N N 322 
TRP N   CA   sing N N 323 
TRP N   H    sing N N 324 
TRP N   H2   sing N N 325 
TRP CA  C    sing N N 326 
TRP CA  CB   sing N N 327 
TRP CA  HA   sing N N 328 
TRP C   O    doub N N 329 
TRP C   OXT  sing N N 330 
TRP CB  CG   sing N N 331 
TRP CB  HB2  sing N N 332 
TRP CB  HB3  sing N N 333 
TRP CG  CD1  doub Y N 334 
TRP CG  CD2  sing Y N 335 
TRP CD1 NE1  sing Y N 336 
TRP CD1 HD1  sing N N 337 
TRP CD2 CE2  doub Y N 338 
TRP CD2 CE3  sing Y N 339 
TRP NE1 CE2  sing Y N 340 
TRP NE1 HE1  sing N N 341 
TRP CE2 CZ2  sing Y N 342 
TRP CE3 CZ3  doub Y N 343 
TRP CE3 HE3  sing N N 344 
TRP CZ2 CH2  doub Y N 345 
TRP CZ2 HZ2  sing N N 346 
TRP CZ3 CH2  sing Y N 347 
TRP CZ3 HZ3  sing N N 348 
TRP CH2 HH2  sing N N 349 
TRP OXT HXT  sing N N 350 
TYR N   CA   sing N N 351 
TYR N   H    sing N N 352 
TYR N   H2   sing N N 353 
TYR CA  C    sing N N 354 
TYR CA  CB   sing N N 355 
TYR CA  HA   sing N N 356 
TYR C   O    doub N N 357 
TYR C   OXT  sing N N 358 
TYR CB  CG   sing N N 359 
TYR CB  HB2  sing N N 360 
TYR CB  HB3  sing N N 361 
TYR CG  CD1  doub Y N 362 
TYR CG  CD2  sing Y N 363 
TYR CD1 CE1  sing Y N 364 
TYR CD1 HD1  sing N N 365 
TYR CD2 CE2  doub Y N 366 
TYR CD2 HD2  sing N N 367 
TYR CE1 CZ   doub Y N 368 
TYR CE1 HE1  sing N N 369 
TYR CE2 CZ   sing Y N 370 
TYR CE2 HE2  sing N N 371 
TYR CZ  OH   sing N N 372 
TYR OH  HH   sing N N 373 
TYR OXT HXT  sing N N 374 
VAL N   CA   sing N N 375 
VAL N   H    sing N N 376 
VAL N   H2   sing N N 377 
VAL CA  C    sing N N 378 
VAL CA  CB   sing N N 379 
VAL CA  HA   sing N N 380 
VAL C   O    doub N N 381 
VAL C   OXT  sing N N 382 
VAL CB  CG1  sing N N 383 
VAL CB  CG2  sing N N 384 
VAL CB  HB   sing N N 385 
VAL CG1 HG11 sing N N 386 
VAL CG1 HG12 sing N N 387 
VAL CG1 HG13 sing N N 388 
VAL CG2 HG21 sing N N 389 
VAL CG2 HG22 sing N N 390 
VAL CG2 HG23 sing N N 391 
VAL OXT HXT  sing N N 392 
# 
_pdbx_initial_refinement_model.id               1 
_pdbx_initial_refinement_model.entity_id_list   ? 
_pdbx_initial_refinement_model.type             'experimental model' 
_pdbx_initial_refinement_model.source_name      PDB 
_pdbx_initial_refinement_model.accession_code   3KIV 
_pdbx_initial_refinement_model.details          'PDB ENTRY 3KIV' 
# 
_atom_sites.entry_id                    4BVD 
_atom_sites.fract_transf_matrix[1][1]   0.00815229 
_atom_sites.fract_transf_matrix[1][2]   -0.03522995 
_atom_sites.fract_transf_matrix[1][3]   -0.01985656 
_atom_sites.fract_transf_matrix[2][1]   -0.00830982 
_atom_sites.fract_transf_matrix[2][2]   -0.01147525 
_atom_sites.fract_transf_matrix[2][3]   0.01694797 
_atom_sites.fract_transf_matrix[3][1]   -0.01557535 
_atom_sites.fract_transf_matrix[3][2]   0.00050675 
_atom_sites.fract_transf_matrix[3][3]   -0.00729369 
_atom_sites.fract_transf_vector[1]      0.246162 
_atom_sites.fract_transf_vector[2]      0.211405 
_atom_sites.fract_transf_vector[3]      0.219603 
# 
loop_
_atom_type.symbol 
C  
CL 
F  
N  
O  
S  
# 
loop_
_atom_site.group_PDB 
_atom_site.id 
_atom_site.type_symbol 
_atom_site.label_atom_id 
_atom_site.label_alt_id 
_atom_site.label_comp_id 
_atom_site.label_asym_id 
_atom_site.label_entity_id 
_atom_site.label_seq_id 
_atom_site.pdbx_PDB_ins_code 
_atom_site.Cartn_x 
_atom_site.Cartn_y 
_atom_site.Cartn_z 
_atom_site.occupancy 
_atom_site.B_iso_or_equiv 
_atom_site.pdbx_formal_charge 
_atom_site.auth_seq_id 
_atom_site.auth_comp_id 
_atom_site.auth_asym_id 
_atom_site.auth_atom_id 
_atom_site.pdbx_PDB_model_num 
ATOM   1   N  N   . CYS A 1 2  ? -12.877 -6.001  -5.083  1.00 11.18 ? 1    CYS A N   1 
ATOM   2   C  CA  . CYS A 1 2  ? -11.812 -7.044  -5.211  1.00 10.96 ? 1    CYS A CA  1 
ATOM   3   C  C   . CYS A 1 2  ? -10.715 -6.617  -6.190  1.00 10.43 ? 1    CYS A C   1 
ATOM   4   O  O   . CYS A 1 2  ? -10.912 -5.699  -6.994  1.00 10.44 ? 1    CYS A O   1 
ATOM   5   C  CB  . CYS A 1 2  ? -12.423 -8.394  -5.620  1.00 11.59 ? 1    CYS A CB  1 
ATOM   6   S  SG  . CYS A 1 2  ? -13.342 -8.397  -7.181  1.00 12.53 ? 1    CYS A SG  1 
ATOM   7   N  N   . TYR A 1 3  ? -9.556  -7.272  -6.115  1.00 9.54  ? 2    TYR A N   1 
ATOM   8   C  CA  . TYR A 1 3  ? -8.474  -7.009  -7.063  1.00 8.97  ? 2    TYR A CA  1 
ATOM   9   C  C   . TYR A 1 3  ? -8.235  -8.177  -8.017  1.00 8.90  ? 2    TYR A C   1 
ATOM   10  O  O   . TYR A 1 3  ? -8.488  -9.333  -7.677  1.00 8.71  ? 2    TYR A O   1 
ATOM   11  C  CB  . TYR A 1 3  ? -7.182  -6.644  -6.326  1.00 8.60  ? 2    TYR A CB  1 
ATOM   12  C  CG  . TYR A 1 3  ? -6.625  -7.747  -5.457  1.00 8.40  ? 2    TYR A CG  1 
ATOM   13  C  CD1 . TYR A 1 3  ? -5.754  -8.703  -5.984  1.00 8.30  ? 2    TYR A CD1 1 
ATOM   14  C  CD2 . TYR A 1 3  ? -6.960  -7.831  -4.103  1.00 8.27  ? 2    TYR A CD2 1 
ATOM   15  C  CE1 . TYR A 1 3  ? -5.237  -9.715  -5.193  1.00 8.29  ? 2    TYR A CE1 1 
ATOM   16  C  CE2 . TYR A 1 3  ? -6.441  -8.837  -3.299  1.00 8.30  ? 2    TYR A CE2 1 
ATOM   17  C  CZ  . TYR A 1 3  ? -5.580  -9.774  -3.852  1.00 8.33  ? 2    TYR A CZ  1 
ATOM   18  O  OH  . TYR A 1 3  ? -5.069  -10.775 -3.066  1.00 8.36  ? 2    TYR A OH  1 
ATOM   19  N  N   . HIS A 1 4  ? -7.734  -7.863  -9.208  1.00 9.01  ? 3    HIS A N   1 
ATOM   20  C  CA  . HIS A 1 4  ? -7.442  -8.872  -10.218 1.00 9.19  ? 3    HIS A CA  1 
ATOM   21  C  C   . HIS A 1 4  ? -6.007  -9.381  -10.109 1.00 8.72  ? 3    HIS A C   1 
ATOM   22  O  O   . HIS A 1 4  ? -5.088  -8.612  -9.818  1.00 8.83  ? 3    HIS A O   1 
ATOM   23  C  CB  . HIS A 1 4  ? -7.722  -8.316  -11.614 1.00 9.86  ? 3    HIS A CB  1 
ATOM   24  C  CG  . HIS A 1 4  ? -9.153  -7.927  -11.820 1.00 10.56 ? 3    HIS A CG  1 
ATOM   25  N  ND1 . HIS A 1 4  ? -10.088 -8.783  -12.361 1.00 11.07 ? 3    HIS A ND1 1 
ATOM   26  C  CD2 . HIS A 1 4  ? -9.817  -6.784  -11.526 1.00 10.87 ? 3    HIS A CD2 1 
ATOM   27  C  CE1 . HIS A 1 4  ? -11.262 -8.180  -12.403 1.00 11.07 ? 3    HIS A CE1 1 
ATOM   28  N  NE2 . HIS A 1 4  ? -11.127 -6.967  -11.900 1.00 11.30 ? 3    HIS A NE2 1 
ATOM   29  N  N   . GLY A 1 5  ? -5.826  -10.681 -10.335 1.00 8.30  ? 4    GLY A N   1 
ATOM   30  C  CA  . GLY A 1 5  ? -4.496  -11.293 -10.298 1.00 7.75  ? 4    GLY A CA  1 
ATOM   31  C  C   . GLY A 1 5  ? -3.776  -11.044 -8.988  1.00 7.35  ? 4    GLY A C   1 
ATOM   32  O  O   . GLY A 1 5  ? -4.337  -11.274 -7.917  1.00 7.38  ? 4    GLY A O   1 
ATOM   33  N  N   . ASN A 1 6  ? -2.534  -10.568 -9.075  1.00 6.92  ? 5    ASN A N   1 
ATOM   34  C  CA  . ASN A 1 6  ? -1.731  -10.288 -7.883  1.00 6.66  ? 5    ASN A CA  1 
ATOM   35  C  C   . ASN A 1 6  ? -1.964  -8.896  -7.292  1.00 6.56  ? 5    ASN A C   1 
ATOM   36  O  O   . ASN A 1 6  ? -1.332  -8.531  -6.308  1.00 6.45  ? 5    ASN A O   1 
ATOM   37  C  CB  . ASN A 1 6  ? -0.234  -10.533 -8.143  1.00 6.55  ? 5    ASN A CB  1 
ATOM   38  C  CG  . ASN A 1 6  ? 0.394   -9.488  -9.058  1.00 6.50  ? 5    ASN A CG  1 
ATOM   39  O  OD1 . ASN A 1 6  ? -0.269  -8.557  -9.526  1.00 6.37  ? 5    ASN A OD1 1 
ATOM   40  N  ND2 . ASN A 1 6  ? 1.684   -9.642  -9.321  1.00 6.47  ? 5    ASN A ND2 1 
ATOM   41  N  N   . GLY A 1 7  ? -2.858  -8.125  -7.906  1.00 6.48  ? 6    GLY A N   1 
ATOM   42  C  CA  . GLY A 1 7  ? -3.231  -6.815  -7.376  1.00 6.52  ? 6    GLY A CA  1 
ATOM   43  C  C   . GLY A 1 7  ? -2.398  -5.644  -7.864  1.00 6.45  ? 6    GLY A C   1 
ATOM   44  O  O   . GLY A 1 7  ? -2.619  -4.512  -7.444  1.00 6.45  ? 6    GLY A O   1 
ATOM   45  N  N   . GLN A 1 8  ? -1.446  -5.912  -8.754  1.00 6.47  ? 7    GLN A N   1 
ATOM   46  C  CA  . GLN A 1 8  ? -0.584  -4.857  -9.296  1.00 6.45  ? 7    GLN A CA  1 
ATOM   47  C  C   . GLN A 1 8  ? -1.401  -3.705  -9.883  1.00 6.42  ? 7    GLN A C   1 
ATOM   48  O  O   . GLN A 1 8  ? -1.030  -2.545  -9.746  1.00 6.47  ? 7    GLN A O   1 
ATOM   49  C  CB  . GLN A 1 8  ? 0.363   -5.433  -10.357 1.00 6.47  ? 7    GLN A CB  1 
ATOM   50  C  CG  . GLN A 1 8  ? 1.457   -4.482  -10.827 1.00 6.54  ? 7    GLN A CG  1 
ATOM   51  C  CD  . GLN A 1 8  ? 2.735   -4.583  -10.014 1.00 6.54  ? 7    GLN A CD  1 
ATOM   52  O  OE1 . GLN A 1 8  ? 3.145   -5.666  -9.596  1.00 6.70  ? 7    GLN A OE1 1 
ATOM   53  N  NE2 . GLN A 1 8  ? 3.385   -3.451  -9.808  1.00 6.64  ? 7    GLN A NE2 1 
ATOM   54  N  N   . SER A 1 9  ? -2.523  -4.038  -10.519 1.00 6.47  ? 8    SER A N   1 
ATOM   55  C  CA  . SER A 1 9  ? -3.345  -3.061  -11.224 1.00 6.52  ? 8    SER A CA  1 
ATOM   56  C  C   . SER A 1 9  ? -4.438  -2.427  -10.370 1.00 6.37  ? 8    SER A C   1 
ATOM   57  O  O   . SER A 1 9  ? -5.188  -1.584  -10.863 1.00 6.40  ? 8    SER A O   1 
ATOM   58  C  CB  . SER A 1 9  ? -3.984  -3.706  -12.460 1.00 6.72  ? 8    SER A CB  1 
ATOM   59  O  OG  . SER A 1 9  ? -2.997  -4.308  -13.278 1.00 7.10  ? 8    SER A OG  1 
ATOM   60  N  N   . TYR A 1 10 ? -4.544  -2.843  -9.108  1.00 6.19  ? 9    TYR A N   1 
ATOM   61  C  CA  . TYR A 1 10 ? -5.578  -2.323  -8.216  1.00 6.07  ? 9    TYR A CA  1 
ATOM   62  C  C   . TYR A 1 10 ? -5.425  -0.822  -8.037  1.00 6.06  ? 9    TYR A C   1 
ATOM   63  O  O   . TYR A 1 10 ? -4.336  -0.334  -7.740  1.00 6.01  ? 9    TYR A O   1 
ATOM   64  C  CB  . TYR A 1 10 ? -5.531  -3.032  -6.861  1.00 6.03  ? 9    TYR A CB  1 
ATOM   65  C  CG  . TYR A 1 10 ? -6.502  -2.492  -5.839  1.00 6.00  ? 9    TYR A CG  1 
ATOM   66  C  CD1 . TYR A 1 10 ? -7.860  -2.822  -5.887  1.00 6.04  ? 9    TYR A CD1 1 
ATOM   67  C  CD2 . TYR A 1 10 ? -6.060  -1.668  -4.810  1.00 6.02  ? 9    TYR A CD2 1 
ATOM   68  C  CE1 . TYR A 1 10 ? -8.748  -2.329  -4.940  1.00 6.04  ? 9    TYR A CE1 1 
ATOM   69  C  CE2 . TYR A 1 10 ? -6.937  -1.168  -3.860  1.00 6.05  ? 9    TYR A CE2 1 
ATOM   70  C  CZ  . TYR A 1 10 ? -8.274  -1.507  -3.927  1.00 6.00  ? 9    TYR A CZ  1 
ATOM   71  O  OH  . TYR A 1 10 ? -9.130  -1.004  -2.976  1.00 6.06  ? 9    TYR A OH  1 
ATOM   72  N  N   . ARG A 1 11 ? -6.523  -0.098  -8.239  1.00 6.03  ? 10   ARG A N   1 
ATOM   73  C  CA  . ARG A 1 11 ? -6.528  1.354   -8.084  1.00 6.02  ? 10   ARG A CA  1 
ATOM   74  C  C   . ARG A 1 11 ? -7.713  1.820   -7.240  1.00 6.05  ? 10   ARG A C   1 
ATOM   75  O  O   . ARG A 1 11 ? -8.184  2.962   -7.370  1.00 6.09  ? 10   ARG A O   1 
ATOM   76  C  CB  . ARG A 1 11 ? -6.506  2.043   -9.454  1.00 6.05  ? 10   ARG A CB  1 
ATOM   77  C  CG  . ARG A 1 11 ? -5.224  1.832   -10.248 1.00 6.04  ? 10   ARG A CG  1 
ATOM   78  C  CD  . ARG A 1 11 ? -4.010  2.439   -9.560  1.00 6.09  ? 10   ARG A CD  1 
ATOM   79  N  NE  . ARG A 1 11 ? -2.828  2.363   -10.408 1.00 6.13  ? 10   ARG A NE  1 
ATOM   80  C  CZ  . ARG A 1 11 ? -2.029  1.304   -10.499 1.00 6.20  ? 10   ARG A CZ  1 
ATOM   81  N  NH1 . ARG A 1 11 ? -2.263  0.214   -9.779  1.00 6.19  ? 10   ARG A NH1 1 
ATOM   82  N  NH2 . ARG A 1 11 ? -0.986  1.343   -11.320 1.00 6.35  ? 10   ARG A NH2 1 
ATOM   83  N  N   . GLY A 1 12 ? -8.184  0.937   -6.362  1.00 6.09  ? 11   GLY A N   1 
ATOM   84  C  CA  . GLY A 1 12 ? -9.285  1.262   -5.459  1.00 6.20  ? 11   GLY A CA  1 
ATOM   85  C  C   . GLY A 1 12 ? -8.845  2.184   -4.335  1.00 6.24  ? 11   GLY A C   1 
ATOM   86  O  O   . GLY A 1 12 ? -7.674  2.558   -4.241  1.00 6.22  ? 11   GLY A O   1 
ATOM   87  N  N   . THR A 1 13 ? -9.779  2.537   -3.464  1.00 6.30  ? 12   THR A N   1 
ATOM   88  C  CA  . THR A 1 13 ? -9.493  3.528   -2.429  1.00 6.35  ? 12   THR A CA  1 
ATOM   89  C  C   . THR A 1 13 ? -9.474  2.946   -1.018  1.00 6.30  ? 12   THR A C   1 
ATOM   90  O  O   . THR A 1 13 ? -9.519  3.691   -0.031  1.00 6.33  ? 12   THR A O   1 
ATOM   91  C  CB  . THR A 1 13 ? -10.486 4.703   -2.486  1.00 6.41  ? 12   THR A CB  1 
ATOM   92  O  OG1 . THR A 1 13 ? -11.812 4.213   -2.255  1.00 6.50  ? 12   THR A OG1 1 
ATOM   93  C  CG2 . THR A 1 13 ? -10.405 5.419   -3.837  1.00 6.47  ? 12   THR A CG2 1 
ATOM   94  N  N   . PHE A 1 14 ? -9.410  1.620   -0.921  1.00 6.27  ? 13   PHE A N   1 
ATOM   95  C  CA  . PHE A 1 14 ? -9.328  0.953   0.375   1.00 6.24  ? 13   PHE A CA  1 
ATOM   96  C  C   . PHE A 1 14 ? -7.961  1.232   0.996   1.00 6.11  ? 13   PHE A C   1 
ATOM   97  O  O   . PHE A 1 14 ? -6.956  1.304   0.287   1.00 6.09  ? 13   PHE A O   1 
ATOM   98  C  CB  . PHE A 1 14 ? -9.572  -0.552  0.248   1.00 6.43  ? 13   PHE A CB  1 
ATOM   99  C  CG  . PHE A 1 14 ? -10.031 -1.192  1.525   1.00 6.56  ? 13   PHE A CG  1 
ATOM   100 C  CD1 . PHE A 1 14 ? -11.310 -0.941  2.025   1.00 6.65  ? 13   PHE A CD1 1 
ATOM   101 C  CD2 . PHE A 1 14 ? -9.183  -2.027  2.247   1.00 6.66  ? 13   PHE A CD2 1 
ATOM   102 C  CE1 . PHE A 1 14 ? -11.733 -1.523  3.209   1.00 6.73  ? 13   PHE A CE1 1 
ATOM   103 C  CE2 . PHE A 1 14 ? -9.602  -2.613  3.432   1.00 6.73  ? 13   PHE A CE2 1 
ATOM   104 C  CZ  . PHE A 1 14 ? -10.878 -2.360  3.915   1.00 6.76  ? 13   PHE A CZ  1 
ATOM   105 N  N   . SER A 1 15 ? -7.934  1.416   2.313   1.00 5.97  ? 14   SER A N   1 
ATOM   106 C  CA  . SER A 1 15 ? -6.705  1.827   2.993   1.00 5.83  ? 14   SER A CA  1 
ATOM   107 C  C   . SER A 1 15 ? -6.593  1.242   4.397   1.00 5.76  ? 14   SER A C   1 
ATOM   108 O  O   . SER A 1 15 ? -6.057  1.876   5.307   1.00 5.73  ? 14   SER A O   1 
ATOM   109 C  CB  . SER A 1 15 ? -6.591  3.359   3.010   1.00 5.83  ? 14   SER A CB  1 
ATOM   110 O  OG  . SER A 1 15 ? -7.704  3.959   3.641   1.00 5.81  ? 14   SER A OG  1 
ATOM   111 N  N   . THR A 1 16 ? -7.073  0.014   4.556   1.00 5.76  ? 15   THR A N   1 
ATOM   112 C  CA  . THR A 1 16 ? -7.076  -0.651  5.858   1.00 5.73  ? 15   THR A CA  1 
ATOM   113 C  C   . THR A 1 16 ? -6.425  -2.025  5.739   1.00 5.67  ? 15   THR A C   1 
ATOM   114 O  O   . THR A 1 16 ? -6.654  -2.747  4.775   1.00 5.66  ? 15   THR A O   1 
ATOM   115 C  CB  . THR A 1 16 ? -8.515  -0.761  6.417   1.00 5.78  ? 15   THR A CB  1 
ATOM   116 O  OG1 . THR A 1 16 ? -9.081  0.551   6.509   1.00 5.93  ? 15   THR A OG1 1 
ATOM   117 C  CG2 . THR A 1 16 ? -8.538  -1.409  7.810   1.00 5.83  ? 15   THR A CG2 1 
ATOM   118 N  N   . THR A 1 17 ? -5.597  -2.375  6.715   1.00 5.57  ? 16   THR A N   1 
ATOM   119 C  CA  . THR A 1 17 ? -4.896  -3.654  6.672   1.00 5.58  ? 16   THR A CA  1 
ATOM   120 C  C   . THR A 1 17 ? -5.748  -4.788  7.232   1.00 5.65  ? 16   THR A C   1 
ATOM   121 O  O   . THR A 1 17 ? -6.812  -4.558  7.820   1.00 5.66  ? 16   THR A O   1 
ATOM   122 C  CB  . THR A 1 17 ? -3.575  -3.615  7.458   1.00 5.57  ? 16   THR A CB  1 
ATOM   123 O  OG1 . THR A 1 17 ? -3.847  -3.722  8.862   1.00 5.50  ? 16   THR A OG1 1 
ATOM   124 C  CG2 . THR A 1 17 ? -2.801  -2.344  7.169   1.00 5.56  ? 16   THR A CG2 1 
ATOM   125 N  N   . VAL A 1 18 ? -5.252  -6.011  7.057   1.00 5.71  ? 17   VAL A N   1 
ATOM   126 C  CA  . VAL A 1 18 ? -5.913  -7.232  7.538   1.00 5.79  ? 17   VAL A CA  1 
ATOM   127 C  C   . VAL A 1 18 ? -6.129  -7.262  9.055   1.00 5.81  ? 17   VAL A C   1 
ATOM   128 O  O   . VAL A 1 18 ? -7.045  -7.922  9.538   1.00 5.93  ? 17   VAL A O   1 
ATOM   129 C  CB  . VAL A 1 18 ? -5.149  -8.506  7.105   1.00 5.82  ? 17   VAL A CB  1 
ATOM   130 C  CG1 . VAL A 1 18 ? -5.263  -8.714  5.606   1.00 5.86  ? 17   VAL A CG1 1 
ATOM   131 C  CG2 . VAL A 1 18 ? -3.684  -8.445  7.528   1.00 5.83  ? 17   VAL A CG2 1 
ATOM   132 N  N   . THR A 1 19 ? -5.286  -6.555  9.803   1.00 5.84  ? 18   THR A N   1 
ATOM   133 C  CA  . THR A 1 19 ? -5.447  -6.498  11.256  1.00 5.83  ? 18   THR A CA  1 
ATOM   134 C  C   . THR A 1 19 ? -6.235  -5.270  11.707  1.00 5.78  ? 18   THR A C   1 
ATOM   135 O  O   . THR A 1 19 ? -6.399  -5.046  12.903  1.00 5.86  ? 18   THR A O   1 
ATOM   136 C  CB  . THR A 1 19 ? -4.095  -6.540  11.991  1.00 5.83  ? 18   THR A CB  1 
ATOM   137 O  OG1 . THR A 1 19 ? -3.257  -5.483  11.509  1.00 5.86  ? 18   THR A OG1 1 
ATOM   138 C  CG2 . THR A 1 19 ? -3.411  -7.895  11.793  1.00 5.82  ? 18   THR A CG2 1 
ATOM   139 N  N   . GLY A 1 20 ? -6.727  -4.486  10.752  1.00 5.72  ? 19   GLY A N   1 
ATOM   140 C  CA  . GLY A 1 20 ? -7.513  -3.291  11.065  1.00 5.62  ? 19   GLY A CA  1 
ATOM   141 C  C   . GLY A 1 20 ? -6.682  -2.036  11.232  1.00 5.58  ? 19   GLY A C   1 
ATOM   142 O  O   . GLY A 1 20 ? -7.197  -0.988  11.620  1.00 5.58  ? 19   GLY A O   1 
ATOM   143 N  N   . ARG A 1 21 ? -5.387  -2.141  10.950  1.00 5.59  ? 20   ARG A N   1 
ATOM   144 C  CA  . ARG A 1 21 ? -4.515  -0.980  10.991  1.00 5.60  ? 20   ARG A CA  1 
ATOM   145 C  C   . ARG A 1 21 ? -4.719  -0.107  9.757   1.00 5.53  ? 20   ARG A C   1 
ATOM   146 O  O   . ARG A 1 21 ? -5.272  -0.544  8.743   1.00 5.42  ? 20   ARG A O   1 
ATOM   147 C  CB  . ARG A 1 21 ? -3.050  -1.404  11.127  1.00 5.74  ? 20   ARG A CB  1 
ATOM   148 C  CG  . ARG A 1 21 ? -2.722  -1.982  12.496  1.00 6.02  ? 20   ARG A CG  1 
ATOM   149 C  CD  . ARG A 1 21 ? -1.309  -2.540  12.549  1.00 6.21  ? 20   ARG A CD  1 
ATOM   150 N  NE  . ARG A 1 21 ? -0.902  -2.840  13.922  1.00 6.48  ? 20   ARG A NE  1 
ATOM   151 C  CZ  . ARG A 1 21 ? -1.103  -3.997  14.552  1.00 6.55  ? 20   ARG A CZ  1 
ATOM   152 N  NH1 . ARG A 1 21 ? -1.709  -5.010  13.946  1.00 6.54  ? 20   ARG A NH1 1 
ATOM   153 N  NH2 . ARG A 1 21 ? -0.694  -4.139  15.806  1.00 6.69  ? 20   ARG A NH2 1 
ATOM   154 N  N   . THR A 1 22 ? -4.290  1.143   9.875   1.00 5.43  ? 21   THR A N   1 
ATOM   155 C  CA  . THR A 1 22 ? -4.441  2.115   8.811   1.00 5.39  ? 21   THR A CA  1 
ATOM   156 C  C   . THR A 1 22 ? -3.159  2.215   7.995   1.00 5.29  ? 21   THR A C   1 
ATOM   157 O  O   . THR A 1 22 ? -2.045  2.201   8.545   1.00 5.26  ? 21   THR A O   1 
ATOM   158 C  CB  . THR A 1 22 ? -4.838  3.483   9.399   1.00 5.46  ? 21   THR A CB  1 
ATOM   159 O  OG1 . THR A 1 22 ? -6.128  3.362   10.011  1.00 5.55  ? 21   THR A OG1 1 
ATOM   160 C  CG2 . THR A 1 22 ? -4.891  4.558   8.328   1.00 5.50  ? 21   THR A CG2 1 
ATOM   161 N  N   . CYS A 1 23 ? -3.333  2.293   6.679   1.00 5.11  ? 22   CYS A N   1 
ATOM   162 C  CA  . CYS A 1 23 ? -2.233  2.488   5.753   1.00 5.05  ? 22   CYS A CA  1 
ATOM   163 C  C   . CYS A 1 23 ? -1.607  3.853   5.932   1.00 5.02  ? 22   CYS A C   1 
ATOM   164 O  O   . CYS A 1 23 ? -2.315  4.856   6.033   1.00 4.98  ? 22   CYS A O   1 
ATOM   165 C  CB  . CYS A 1 23 ? -2.738  2.354   4.321   1.00 5.02  ? 22   CYS A CB  1 
ATOM   166 S  SG  . CYS A 1 23 ? -3.261  0.685   3.891   1.00 5.00  ? 22   CYS A SG  1 
ATOM   167 N  N   . GLN A 1 24 ? -0.278  3.867   6.005   1.00 4.99  ? 23   GLN A N   1 
ATOM   168 C  CA  . GLN A 1 24 ? 0.515   5.085   5.902   1.00 4.95  ? 23   GLN A CA  1 
ATOM   169 C  C   . GLN A 1 24 ? 0.436   5.599   4.470   1.00 4.91  ? 23   GLN A C   1 
ATOM   170 O  O   . GLN A 1 24 ? 0.347   4.813   3.524   1.00 4.92  ? 23   GLN A O   1 
ATOM   171 C  CB  . GLN A 1 24 ? 1.970   4.776   6.255   1.00 4.94  ? 23   GLN A CB  1 
ATOM   172 C  CG  . GLN A 1 24 ? 2.917   5.962   6.222   1.00 4.97  ? 23   GLN A CG  1 
ATOM   173 C  CD  . GLN A 1 24 ? 4.337   5.569   6.570   1.00 4.97  ? 23   GLN A CD  1 
ATOM   174 O  OE1 . GLN A 1 24 ? 4.568   4.840   7.530   1.00 5.02  ? 23   GLN A OE1 1 
ATOM   175 N  NE2 . GLN A 1 24 ? 5.297   6.060   5.797   1.00 4.99  ? 23   GLN A NE2 1 
ATOM   176 N  N   . SER A 1 25 ? 0.459   6.918   4.307   1.00 4.88  ? 24   SER A N   1 
ATOM   177 C  CA  . SER A 1 25 ? 0.516   7.495   2.964   1.00 4.91  ? 24   SER A CA  1 
ATOM   178 C  C   . SER A 1 25 ? 1.862   7.226   2.306   1.00 4.95  ? 24   SER A C   1 
ATOM   179 O  O   . SER A 1 25 ? 2.908   7.276   2.961   1.00 4.96  ? 24   SER A O   1 
ATOM   180 C  CB  . SER A 1 25 ? 0.215   8.986   2.989   1.00 4.86  ? 24   SER A CB  1 
ATOM   181 O  OG  . SER A 1 25 ? -1.083  9.219   3.495   1.00 4.80  ? 24   SER A OG  1 
ATOM   182 N  N   . TRP A 1 26 ? 1.834   6.946   1.007   1.00 4.98  ? 25   TRP A N   1 
ATOM   183 C  CA  . TRP A 1 26 ? 3.053   6.566   0.287   1.00 5.05  ? 25   TRP A CA  1 
ATOM   184 C  C   . TRP A 1 26 ? 4.094   7.682   0.266   1.00 5.21  ? 25   TRP A C   1 
ATOM   185 O  O   . TRP A 1 26 ? 5.296   7.414   0.311   1.00 5.23  ? 25   TRP A O   1 
ATOM   186 C  CB  . TRP A 1 26 ? 2.721   6.106   -1.131  1.00 4.99  ? 25   TRP A CB  1 
ATOM   187 C  CG  . TRP A 1 26 ? 1.765   4.956   -1.156  1.00 4.91  ? 25   TRP A CG  1 
ATOM   188 C  CD1 . TRP A 1 26 ? 0.408   5.018   -1.337  1.00 4.91  ? 25   TRP A CD1 1 
ATOM   189 C  CD2 . TRP A 1 26 ? 2.082   3.569   -0.973  1.00 4.87  ? 25   TRP A CD2 1 
ATOM   190 N  NE1 . TRP A 1 26 ? -0.133  3.758   -1.283  1.00 4.90  ? 25   TRP A NE1 1 
ATOM   191 C  CE2 . TRP A 1 26 ? 0.869   2.848   -1.063  1.00 4.87  ? 25   TRP A CE2 1 
ATOM   192 C  CE3 . TRP A 1 26 ? 3.273   2.865   -0.749  1.00 4.88  ? 25   TRP A CE3 1 
ATOM   193 C  CZ2 . TRP A 1 26 ? 0.809   1.456   -0.938  1.00 4.86  ? 25   TRP A CZ2 1 
ATOM   194 C  CZ3 . TRP A 1 26 ? 3.215   1.477   -0.625  1.00 4.85  ? 25   TRP A CZ3 1 
ATOM   195 C  CH2 . TRP A 1 26 ? 1.989   0.789   -0.720  1.00 4.89  ? 25   TRP A CH2 1 
ATOM   196 N  N   . SER A 1 27 ? 3.632   8.928   0.222   1.00 5.40  ? 26   SER A N   1 
ATOM   197 C  CA  . SER A 1 27 ? 4.536   10.076  0.203   1.00 5.64  ? 26   SER A CA  1 
ATOM   198 C  C   . SER A 1 27 ? 5.107   10.408  1.579   1.00 5.83  ? 26   SER A C   1 
ATOM   199 O  O   . SER A 1 27 ? 6.071   11.169  1.681   1.00 5.91  ? 26   SER A O   1 
ATOM   200 C  CB  . SER A 1 27 ? 3.818   11.302  -0.347  1.00 5.68  ? 26   SER A CB  1 
ATOM   201 O  OG  . SER A 1 27 ? 2.872   11.775  0.594   1.00 5.72  ? 26   SER A OG  1 
ATOM   202 N  N   . SER A 1 28 ? 4.501   9.853   2.626   1.00 5.98  ? 27   SER A N   1 
ATOM   203 C  CA  . SER A 1 28 ? 4.917   10.119  4.004   1.00 6.20  ? 27   SER A CA  1 
ATOM   204 C  C   . SER A 1 28 ? 6.075   9.229   4.428   1.00 6.37  ? 27   SER A C   1 
ATOM   205 O  O   . SER A 1 28 ? 6.167   8.072   4.012   1.00 6.22  ? 27   SER A O   1 
ATOM   206 C  CB  . SER A 1 28 ? 3.747   9.893   4.963   1.00 6.25  ? 27   SER A CB  1 
ATOM   207 O  OG  . SER A 1 28 ? 4.153   10.103  6.305   1.00 6.42  ? 27   SER A OG  1 
ATOM   208 N  N   . MET A 1 29 ? 6.943   9.785   5.266   1.00 6.65  ? 28   MET A N   1 
ATOM   209 C  CA  . MET A 1 29 ? 8.050   9.048   5.866   1.00 7.02  ? 28   MET A CA  1 
ATOM   210 C  C   . MET A 1 29 ? 7.778   8.771   7.343   1.00 7.28  ? 28   MET A C   1 
ATOM   211 O  O   . MET A 1 29 ? 8.689   8.418   8.092   1.00 7.41  ? 28   MET A O   1 
ATOM   212 C  CB  . MET A 1 29 ? 9.353   9.840   5.721   1.00 7.04  ? 28   MET A CB  1 
ATOM   213 C  CG  . MET A 1 29 ? 9.855   10.014  4.295   1.00 7.10  ? 28   MET A CG  1 
ATOM   214 S  SD  . MET A 1 29 ? 10.265  8.455   3.489   1.00 7.27  ? 28   MET A SD  1 
ATOM   215 C  CE  . MET A 1 29 ? 8.899   8.270   2.354   1.00 7.17  ? 28   MET A CE  1 
ATOM   216 N  N   . THR A 1 30 ? 6.523   8.940   7.754   1.00 7.46  ? 29   THR A N   1 
ATOM   217 C  CA  . THR A 1 30 ? 6.115   8.774   9.150   1.00 7.87  ? 29   THR A CA  1 
ATOM   218 C  C   . THR A 1 30 ? 4.923   7.817   9.262   1.00 7.74  ? 29   THR A C   1 
ATOM   219 O  O   . THR A 1 30 ? 3.895   8.040   8.617   1.00 7.77  ? 29   THR A O   1 
ATOM   220 C  CB  . THR A 1 30 ? 5.698   10.123  9.776   1.00 8.21  ? 29   THR A CB  1 
ATOM   221 O  OG1 . THR A 1 30 ? 6.665   11.130  9.450   1.00 8.85  ? 29   THR A OG1 1 
ATOM   222 C  CG2 . THR A 1 30 ? 5.574   9.997   11.285  1.00 8.47  ? 29   THR A CG2 1 
ATOM   223 N  N   . PRO A 1 31 ? 5.033   6.766   10.101  1.00 7.66  ? 30   PRO A N   1 
ATOM   224 C  CA  . PRO A 1 31 ? 6.175   6.421   10.955  1.00 7.60  ? 30   PRO A CA  1 
ATOM   225 C  C   . PRO A 1 31 ? 7.328   5.739   10.220  1.00 7.57  ? 30   PRO A C   1 
ATOM   226 O  O   . PRO A 1 31 ? 8.456   5.737   10.722  1.00 7.51  ? 30   PRO A O   1 
ATOM   227 C  CB  . PRO A 1 31 ? 5.562   5.458   11.977  1.00 7.62  ? 30   PRO A CB  1 
ATOM   228 C  CG  . PRO A 1 31 ? 4.436   4.810   11.248  1.00 7.58  ? 30   PRO A CG  1 
ATOM   229 C  CD  . PRO A 1 31 ? 3.869   5.898   10.379  1.00 7.60  ? 30   PRO A CD  1 
ATOM   230 N  N   . HIS A 1 32 ? 7.061   5.173   9.047   1.00 7.50  ? 31   HIS A N   1 
ATOM   231 C  CA  . HIS A 1 32 ? 8.090   4.411   8.339   1.00 7.62  ? 31   HIS A CA  1 
ATOM   232 C  C   . HIS A 1 32 ? 8.780   5.203   7.249   1.00 7.79  ? 31   HIS A C   1 
ATOM   233 O  O   . HIS A 1 32 ? 8.138   5.742   6.350   1.00 7.64  ? 31   HIS A O   1 
ATOM   234 C  CB  . HIS A 1 32 ? 7.521   3.104   7.787   1.00 7.41  ? 31   HIS A CB  1 
ATOM   235 C  CG  . HIS A 1 32 ? 6.812   2.295   8.824   1.00 7.37  ? 31   HIS A CG  1 
ATOM   236 N  ND1 . HIS A 1 32 ? 7.480   1.584   9.799   1.00 7.35  ? 31   HIS A ND1 1 
ATOM   237 C  CD2 . HIS A 1 32 ? 5.492   2.131   9.073   1.00 7.32  ? 31   HIS A CD2 1 
ATOM   238 C  CE1 . HIS A 1 32 ? 6.599   0.998   10.591  1.00 7.30  ? 31   HIS A CE1 1 
ATOM   239 N  NE2 . HIS A 1 32 ? 5.386   1.312   10.170  1.00 7.34  ? 31   HIS A NE2 1 
ATOM   240 N  N   . ARG A 1 33 ? 10.105  5.252   7.349   1.00 8.13  ? 32   ARG A N   1 
ATOM   241 C  CA  . ARG A 1 33 ? 10.903  5.846   6.319   1.00 8.50  ? 32   ARG A CA  1 
ATOM   242 C  C   . ARG A 1 33 ? 11.171  4.757   5.280   1.00 8.52  ? 32   ARG A C   1 
ATOM   243 O  O   . ARG A 1 33 ? 11.767  3.726   5.554   1.00 8.62  ? 32   ARG A O   1 
ATOM   244 C  CB  . ARG A 1 33 ? 12.194  6.429   6.914   1.00 8.86  ? 32   ARG A CB  1 
ATOM   245 C  CG  . ARG A 1 33 ? 11.945  7.499   7.953   1.00 9.42  ? 32   ARG A CG  1 
ATOM   246 C  CD  . ARG A 1 33 ? 13.255  7.979   8.558   1.00 9.98  ? 32   ARG A CD  1 
ATOM   247 N  NE  . ARG A 1 33 ? 13.959  6.905   9.245   1.00 10.51 ? 32   ARG A NE  1 
ATOM   248 C  CZ  . ARG A 1 33 ? 13.658  6.463   10.460  1.00 10.77 ? 32   ARG A CZ  1 
ATOM   249 N  NH1 . ARG A 1 33 ? 12.657  6.994   11.138  1.00 11.27 ? 32   ARG A NH1 1 
ATOM   250 N  NH2 . ARG A 1 33 ? 14.358  5.487   10.994  1.00 10.96 ? 32   ARG A NH2 1 
ATOM   251 N  N   . HIS A 1 34 ? 10.655  4.987   4.087   1.00 8.39  ? 33   HIS A N   1 
ATOM   252 C  CA  . HIS A 1 34 ? 10.700  3.992   3.067   1.00 8.38  ? 33   HIS A CA  1 
ATOM   253 C  C   . HIS A 1 34 ? 10.988  4.657   1.742   1.00 8.61  ? 33   HIS A C   1 
ATOM   254 O  O   . HIS A 1 34 ? 11.130  5.840   1.647   1.00 8.40  ? 33   HIS A O   1 
ATOM   255 C  CB  . HIS A 1 34 ? 9.354   3.300   2.973   1.00 8.18  ? 33   HIS A CB  1 
ATOM   256 C  CG  . HIS A 1 34 ? 8.274   4.207   2.511   1.00 8.08  ? 33   HIS A CG  1 
ATOM   257 N  ND1 . HIS A 1 34 ? 7.904   4.289   1.192   1.00 7.94  ? 33   HIS A ND1 1 
ATOM   258 C  CD2 . HIS A 1 34 ? 7.492   5.079   3.182   1.00 7.95  ? 33   HIS A CD2 1 
ATOM   259 C  CE1 . HIS A 1 34 ? 6.949   5.189   1.067   1.00 7.93  ? 33   HIS A CE1 1 
ATOM   260 N  NE2 . HIS A 1 34 ? 6.670   5.677   2.263   1.00 7.86  ? 33   HIS A NE2 1 
ATOM   261 N  N   . GLN A 1 35 ? 11.078  3.829   0.722   1.00 8.86  ? 34   GLN A N   1 
ATOM   262 C  CA  A GLN A 1 35 ? 11.471  4.379   -0.714  0.50 9.10  ? 34   GLN A CA  1 
ATOM   263 C  CA  B GLN A 1 35 ? 11.571  4.306   -0.646  0.50 8.97  ? 34   GLN A CA  1 
ATOM   264 C  C   . GLN A 1 35 ? 10.417  4.012   -1.897  1.00 9.08  ? 34   GLN A C   1 
ATOM   265 O  O   . GLN A 1 35 ? 10.608  4.298   -3.025  1.00 8.94  ? 34   GLN A O   1 
ATOM   266 C  CB  A GLN A 1 35 ? 12.856  3.918   -1.213  0.50 9.40  ? 34   GLN A CB  1 
ATOM   267 C  CB  B GLN A 1 35 ? 12.897  3.752   -1.139  0.50 9.11  ? 34   GLN A CB  1 
ATOM   268 C  CG  A GLN A 1 35 ? 14.005  3.926   -0.204  0.50 9.72  ? 34   GLN A CG  1 
ATOM   269 C  CG  B GLN A 1 35 ? 12.876  2.258   -1.363  0.50 9.19  ? 34   GLN A CG  1 
ATOM   270 C  CD  A GLN A 1 35 ? 14.364  5.299   0.353   0.50 9.91  ? 34   GLN A CD  1 
ATOM   271 C  CD  B GLN A 1 35 ? 14.273  1.666   -1.461  0.50 9.29  ? 34   GLN A CD  1 
ATOM   272 O  OE1 A GLN A 1 35 ? 14.631  6.244   -0.389  0.50 10.12 ? 34   GLN A OE1 1 
ATOM   273 O  OE1 B GLN A 1 35 ? 14.600  1.005   -2.431  0.50 9.40  ? 34   GLN A OE1 1 
ATOM   274 N  NE2 A GLN A 1 35 ? 14.409  5.399   1.677   0.50 9.99  ? 34   GLN A NE2 1 
ATOM   275 N  NE2 B GLN A 1 35 ? 15.087  1.888   -0.430  0.50 9.27  ? 34   GLN A NE2 1 
ATOM   276 N  N   . ARG A 1 36 ? 9.294   3.485   -1.426  1.00 9.15  ? 35   ARG A N   1 
ATOM   277 C  CA  . ARG A 1 36 ? 8.192   3.184   -2.328  1.00 9.66  ? 35   ARG A CA  1 
ATOM   278 C  C   . ARG A 1 36 ? 7.269   4.391   -2.346  1.00 9.35  ? 35   ARG A C   1 
ATOM   279 O  O   . ARG A 1 36 ? 6.146   4.321   -1.939  1.00 9.11  ? 35   ARG A O   1 
ATOM   280 C  CB  . ARG A 1 36 ? 7.466   1.906   -1.898  1.00 10.30 ? 35   ARG A CB  1 
ATOM   281 C  CG  . ARG A 1 36 ? 6.524   1.330   -2.937  1.00 11.20 ? 35   ARG A CG  1 
ATOM   282 C  CD  . ARG A 1 36 ? 7.234   0.969   -4.233  1.00 12.01 ? 35   ARG A CD  1 
ATOM   283 N  NE  . ARG A 1 36 ? 8.258   -0.038  -4.040  1.00 12.91 ? 35   ARG A NE  1 
ATOM   284 C  CZ  . ARG A 1 36 ? 8.766   -0.786  -5.005  1.00 13.33 ? 35   ARG A CZ  1 
ATOM   285 N  NH1 . ARG A 1 36 ? 8.339   -0.642  -6.229  1.00 14.04 ? 35   ARG A NH1 1 
ATOM   286 N  NH2 . ARG A 1 36 ? 9.702   -1.686  -4.724  1.00 13.95 ? 35   ARG A NH2 1 
ATOM   287 N  N   . THR A 1 37 ? 7.824   5.495   -2.811  1.00 7.04  ? 37   THR A N   1 
ATOM   288 C  CA  . THR A 1 37 ? 7.132   6.755   -2.891  1.00 7.03  ? 37   THR A CA  1 
ATOM   289 C  C   . THR A 1 37 ? 6.670   7.059   -4.315  1.00 7.13  ? 37   THR A C   1 
ATOM   290 O  O   . THR A 1 37 ? 7.234   6.618   -5.254  1.00 7.01  ? 37   THR A O   1 
ATOM   291 C  CB  . THR A 1 37 ? 8.050   7.907   -2.478  1.00 7.02  ? 37   THR A CB  1 
ATOM   292 O  OG1 . THR A 1 37 ? 9.178   7.940   -3.336  1.00 7.08  ? 37   THR A OG1 1 
ATOM   293 C  CG2 . THR A 1 37 ? 8.494   7.748   -1.050  1.00 7.02  ? 37   THR A CG2 1 
ATOM   294 N  N   . PRO A 1 38 ? 5.540   7.885   -4.375  1.00 7.28  ? 38   PRO A N   1 
ATOM   295 C  CA  . PRO A 1 38 ? 5.167   8.291   -5.742  1.00 7.45  ? 38   PRO A CA  1 
ATOM   296 C  C   . PRO A 1 38 ? 6.252   9.106   -6.448  1.00 7.65  ? 38   PRO A C   1 
ATOM   297 O  O   . PRO A 1 38 ? 6.307   9.129   -7.649  1.00 7.58  ? 38   PRO A O   1 
ATOM   298 C  CB  . PRO A 1 38 ? 3.916   9.172   -5.559  1.00 7.44  ? 38   PRO A CB  1 
ATOM   299 C  CG  . PRO A 1 38 ? 3.938   9.627   -4.152  1.00 7.39  ? 38   PRO A CG  1 
ATOM   300 C  CD  . PRO A 1 38 ? 4.473   8.467   -3.414  1.00 7.31  ? 38   PRO A CD  1 
ATOM   301 N  N   . GLU A 1 39 ? 7.052   9.800   -5.662  1.00 7.97  ? 39   GLU A N   1 
ATOM   302 C  CA  A GLU A 1 39 ? 8.317   10.353  -6.324  0.50 8.18  ? 39   GLU A CA  1 
ATOM   303 C  CA  B GLU A 1 39 ? 8.480   10.370  -6.211  0.50 8.20  ? 39   GLU A CA  1 
ATOM   304 C  C   . GLU A 1 39 ? 9.242   9.349   -7.200  1.00 8.17  ? 39   GLU A C   1 
ATOM   305 O  O   . GLU A 1 39 ? 9.839   9.627   -8.201  1.00 8.15  ? 39   GLU A O   1 
ATOM   306 C  CB  A GLU A 1 39 ? 9.106   11.047  -5.222  0.50 8.51  ? 39   GLU A CB  1 
ATOM   307 C  CB  B GLU A 1 39 ? 9.216   11.153  -5.164  0.50 8.59  ? 39   GLU A CB  1 
ATOM   308 C  CG  A GLU A 1 39 ? 10.202  11.955  -5.726  0.50 8.94  ? 39   GLU A CG  1 
ATOM   309 C  CG  B GLU A 1 39 ? 10.096  12.128  -5.911  0.50 9.04  ? 39   GLU A CG  1 
ATOM   310 C  CD  A GLU A 1 39 ? 10.999  12.538  -4.589  0.50 9.22  ? 39   GLU A CD  1 
ATOM   311 C  CD  B GLU A 1 39 ? 11.395  12.375  -5.219  0.50 9.32  ? 39   GLU A CD  1 
ATOM   312 O  OE1 A GLU A 1 39 ? 10.982  11.940  -3.491  0.50 9.49  ? 39   GLU A OE1 1 
ATOM   313 O  OE1 B GLU A 1 39 ? 11.283  12.703  -4.054  0.50 9.72  ? 39   GLU A OE1 1 
ATOM   314 O  OE2 A GLU A 1 39 ? 11.636  13.587  -4.791  0.50 9.35  ? 39   GLU A OE2 1 
ATOM   315 O  OE2 B GLU A 1 39 ? 12.471  12.179  -5.842  0.50 9.47  ? 39   GLU A OE2 1 
ATOM   316 N  N   . ASN A 1 40 ? 9.398   8.214   -6.524  1.00 8.04  ? 40   ASN A N   1 
ATOM   317 C  CA  . ASN A 1 40 ? 10.264  7.166   -7.020  1.00 7.98  ? 40   ASN A CA  1 
ATOM   318 C  C   . ASN A 1 40 ? 9.538   6.278   -8.006  1.00 7.83  ? 40   ASN A C   1 
ATOM   319 O  O   . ASN A 1 40 ? 10.130  5.729   -8.893  1.00 7.80  ? 40   ASN A O   1 
ATOM   320 C  CB  . ASN A 1 40 ? 10.783  6.306   -5.876  1.00 8.05  ? 40   ASN A CB  1 
ATOM   321 C  CG  . ASN A 1 40 ? 11.877  6.992   -5.084  1.00 8.20  ? 40   ASN A CG  1 
ATOM   322 O  OD1 . ASN A 1 40 ? 12.452  7.956   -5.532  1.00 8.24  ? 40   ASN A OD1 1 
ATOM   323 N  ND2 . ASN A 1 40 ? 12.169  6.462   -3.889  1.00 8.28  ? 40   ASN A ND2 1 
ATOM   324 N  N   . TYR A 1 41 ? 8.241   6.140   -7.789  1.00 7.81  ? 41   TYR A N   1 
ATOM   325 C  CA  . TYR A 1 41 ? 7.422   5.257   -8.602  1.00 7.83  ? 41   TYR A CA  1 
ATOM   326 C  C   . TYR A 1 41 ? 6.162   5.994   -9.017  1.00 7.72  ? 41   TYR A C   1 
ATOM   327 O  O   . TYR A 1 41 ? 5.097   5.760   -8.453  1.00 7.61  ? 41   TYR A O   1 
ATOM   328 C  CB  . TYR A 1 41 ? 7.095   3.983   -7.819  1.00 8.03  ? 41   TYR A CB  1 
ATOM   329 C  CG  . TYR A 1 41 ? 8.339   3.216   -7.445  1.00 8.17  ? 41   TYR A CG  1 
ATOM   330 C  CD1 . TYR A 1 41 ? 8.930   2.331   -8.347  1.00 8.37  ? 41   TYR A CD1 1 
ATOM   331 C  CD2 . TYR A 1 41 ? 8.949   3.398   -6.203  1.00 8.28  ? 41   TYR A CD2 1 
ATOM   332 C  CE1 . TYR A 1 41 ? 10.085  1.642   -8.018  1.00 8.45  ? 41   TYR A CE1 1 
ATOM   333 C  CE2 . TYR A 1 41 ? 10.101  2.710   -5.867  1.00 8.43  ? 41   TYR A CE2 1 
ATOM   334 C  CZ  . TYR A 1 41 ? 10.665  1.835   -6.780  1.00 8.47  ? 41   TYR A CZ  1 
ATOM   335 O  OH  . TYR A 1 41 ? 11.816  1.142   -6.452  1.00 8.57  ? 41   TYR A OH  1 
ATOM   336 N  N   . PRO A 1 42 ? 6.289   6.889   -10.013 1.00 7.74  ? 42   PRO A N   1 
ATOM   337 C  CA  . PRO A 1 42 ? 5.231   7.835   -10.373 1.00 7.75  ? 42   PRO A CA  1 
ATOM   338 C  C   . PRO A 1 42 ? 4.061   7.189   -11.094 1.00 7.97  ? 42   PRO A C   1 
ATOM   339 O  O   . PRO A 1 42 ? 3.055   7.843   -11.327 1.00 7.95  ? 42   PRO A O   1 
ATOM   340 C  CB  . PRO A 1 42 ? 5.939   8.814   -11.327 1.00 7.69  ? 42   PRO A CB  1 
ATOM   341 C  CG  . PRO A 1 42 ? 7.398   8.501   -11.235 1.00 7.67  ? 42   PRO A CG  1 
ATOM   342 C  CD  . PRO A 1 42 ? 7.467   7.055   -10.881 1.00 7.76  ? 42   PRO A CD  1 
ATOM   343 N  N   . ASN A 1 43 ? 4.184   5.915   -11.437 1.00 8.32  ? 43   ASN A N   1 
ATOM   344 C  CA  . ASN A 1 43 ? 3.205   5.289   -12.316 1.00 8.69  ? 43   ASN A CA  1 
ATOM   345 C  C   . ASN A 1 43 ? 2.530   4.066   -11.714 1.00 8.70  ? 43   ASN A C   1 
ATOM   346 O  O   . ASN A 1 43 ? 1.874   3.298   -12.416 1.00 8.91  ? 43   ASN A O   1 
ATOM   347 C  CB  . ASN A 1 43 ? 3.875   4.981   -13.654 1.00 9.08  ? 43   ASN A CB  1 
ATOM   348 C  CG  . ASN A 1 43 ? 4.527   6.213   -14.259 1.00 9.37  ? 43   ASN A CG  1 
ATOM   349 O  OD1 . ASN A 1 43 ? 3.865   7.230   -14.477 1.00 9.89  ? 43   ASN A OD1 1 
ATOM   350 N  ND2 . ASN A 1 43 ? 5.830   6.143   -14.497 1.00 9.72  ? 43   ASN A ND2 1 
ATOM   351 N  N   . ASP A 1 44 ? 2.666   3.920   -10.400 1.00 8.72  ? 44   ASP A N   1 
ATOM   352 C  CA  . ASP A 1 44 ? 2.086   2.793   -9.676  1.00 8.59  ? 44   ASP A CA  1 
ATOM   353 C  C   . ASP A 1 44 ? 0.847   3.153   -8.846  1.00 8.10  ? 44   ASP A C   1 
ATOM   354 O  O   . ASP A 1 44 ? 0.375   2.344   -8.056  1.00 7.92  ? 44   ASP A O   1 
ATOM   355 C  CB  . ASP A 1 44 ? 3.162   2.122   -8.812  1.00 9.27  ? 44   ASP A CB  1 
ATOM   356 C  CG  . ASP A 1 44 ? 4.284   1.520   -9.649  1.00 9.76  ? 44   ASP A CG  1 
ATOM   357 O  OD1 . ASP A 1 44 ? 3.987   0.859   -10.662 1.00 10.40 ? 44   ASP A OD1 1 
ATOM   358 O  OD2 . ASP A 1 44 ? 5.468   1.708   -9.302  1.00 10.44 ? 44   ASP A OD2 1 
ATOM   359 N  N   . GLY A 1 45 ? 0.322   4.363   -9.042  1.00 7.58  ? 45   GLY A N   1 
ATOM   360 C  CA  . GLY A 1 45 ? -0.908  4.803   -8.374  1.00 7.17  ? 45   GLY A CA  1 
ATOM   361 C  C   . GLY A 1 45 ? -0.762  5.010   -6.878  1.00 6.83  ? 45   GLY A C   1 
ATOM   362 O  O   . GLY A 1 45 ? -1.694  4.763   -6.119  1.00 6.77  ? 45   GLY A O   1 
ATOM   363 N  N   . LEU A 1 46 ? 0.410   5.477   -6.457  1.00 6.41  ? 46   LEU A N   1 
ATOM   364 C  CA  . LEU A 1 46 ? 0.720   5.633   -5.036  1.00 6.18  ? 46   LEU A CA  1 
ATOM   365 C  C   . LEU A 1 46 ? 0.118   6.910   -4.444  1.00 6.12  ? 46   LEU A C   1 
ATOM   366 O  O   . LEU A 1 46 ? 0.813   7.736   -3.838  1.00 6.03  ? 46   LEU A O   1 
ATOM   367 C  CB  . LEU A 1 46 ? 2.232   5.542   -4.812  1.00 6.08  ? 46   LEU A CB  1 
ATOM   368 C  CG  . LEU A 1 46 ? 2.864   4.233   -5.305  1.00 6.01  ? 46   LEU A CG  1 
ATOM   369 C  CD1 . LEU A 1 46 ? 4.344   4.214   -4.963  1.00 5.93  ? 46   LEU A CD1 1 
ATOM   370 C  CD2 . LEU A 1 46 ? 2.160   3.016   -4.708  1.00 5.98  ? 46   LEU A CD2 1 
ATOM   371 N  N   . THR A 1 47 ? -1.193  7.031   -4.632  1.00 6.10  ? 47   THR A N   1 
ATOM   372 C  CA  . THR A 1 47 ? -1.990  8.163   -4.195  1.00 6.09  ? 47   THR A CA  1 
ATOM   373 C  C   . THR A 1 47 ? -2.368  8.010   -2.732  1.00 5.99  ? 47   THR A C   1 
ATOM   374 O  O   . THR A 1 47 ? -2.735  6.916   -2.284  1.00 5.89  ? 47   THR A O   1 
ATOM   375 C  CB  . THR A 1 47 ? -3.287  8.250   -5.030  1.00 6.20  ? 47   THR A CB  1 
ATOM   376 O  OG1 . THR A 1 47 ? -2.951  8.414   -6.409  1.00 6.37  ? 47   THR A OG1 1 
ATOM   377 C  CG2 . THR A 1 47 ? -4.171  9.413   -4.590  1.00 6.22  ? 47   THR A CG2 1 
ATOM   378 N  N   . MET A 1 48 ? -2.290  9.124   -2.006  1.00 5.97  ? 48   MET A N   1 
ATOM   379 C  CA  . MET A 1 48 ? -2.680  9.184   -0.599  1.00 5.95  ? 48   MET A CA  1 
ATOM   380 C  C   . MET A 1 48 ? -2.129  7.971   0.158   1.00 5.85  ? 48   MET A C   1 
ATOM   381 O  O   . MET A 1 48 ? -0.925  7.718   0.104   1.00 5.84  ? 48   MET A O   1 
ATOM   382 C  CB  . MET A 1 48 ? -4.204  9.325   -0.482  1.00 6.17  ? 48   MET A CB  1 
ATOM   383 C  CG  . MET A 1 48 ? -4.701  10.705  -0.877  1.00 6.40  ? 48   MET A CG  1 
ATOM   384 S  SD  . MET A 1 48 ? -6.497  10.848  -0.770  1.00 6.81  ? 48   MET A SD  1 
ATOM   385 C  CE  . MET A 1 48 ? -6.716  12.617  -0.631  1.00 6.89  ? 48   MET A CE  1 
ATOM   386 N  N   . ASN A 1 49 ? -2.998  7.226   0.837   1.00 5.75  ? 49   ASN A N   1 
ATOM   387 C  CA  . ASN A 1 49 ? -2.597  6.015   1.550   1.00 5.71  ? 49   ASN A CA  1 
ATOM   388 C  C   . ASN A 1 49 ? -3.330  4.776   1.057   1.00 5.75  ? 49   ASN A C   1 
ATOM   389 O  O   . ASN A 1 49 ? -3.579  3.848   1.820   1.00 5.73  ? 49   ASN A O   1 
ATOM   390 C  CB  . ASN A 1 49 ? -2.793  6.193   3.062   1.00 5.58  ? 49   ASN A CB  1 
ATOM   391 C  CG  . ASN A 1 49 ? -4.243  6.425   3.450   1.00 5.54  ? 49   ASN A CG  1 
ATOM   392 O  OD1 . ASN A 1 49 ? -5.056  6.874   2.643   1.00 5.39  ? 49   ASN A OD1 1 
ATOM   393 N  ND2 . ASN A 1 49 ? -4.569  6.125   4.701   1.00 5.51  ? 49   ASN A ND2 1 
ATOM   394 N  N   . TYR A 1 50 ? -3.667  4.755   -0.230  1.00 5.91  ? 50   TYR A N   1 
ATOM   395 C  CA  . TYR A 1 50 ? -4.460  3.655   -0.772  1.00 6.02  ? 50   TYR A CA  1 
ATOM   396 C  C   . TYR A 1 50 ? -3.652  2.378   -0.912  1.00 5.87  ? 50   TYR A C   1 
ATOM   397 O  O   . TYR A 1 50 ? -2.487  2.411   -1.310  1.00 5.79  ? 50   TYR A O   1 
ATOM   398 C  CB  . TYR A 1 50 ? -5.067  4.033   -2.125  1.00 6.40  ? 50   TYR A CB  1 
ATOM   399 C  CG  . TYR A 1 50 ? -6.016  5.210   -2.082  1.00 6.73  ? 50   TYR A CG  1 
ATOM   400 C  CD1 . TYR A 1 50 ? -6.818  5.448   -0.963  1.00 6.93  ? 50   TYR A CD1 1 
ATOM   401 C  CD2 . TYR A 1 50 ? -6.136  6.071   -3.177  1.00 6.97  ? 50   TYR A CD2 1 
ATOM   402 C  CE1 . TYR A 1 50 ? -7.695  6.517   -0.928  1.00 7.19  ? 50   TYR A CE1 1 
ATOM   403 C  CE2 . TYR A 1 50 ? -7.013  7.145   -3.149  1.00 7.19  ? 50   TYR A CE2 1 
ATOM   404 C  CZ  . TYR A 1 50 ? -7.789  7.358   -2.025  1.00 7.31  ? 50   TYR A CZ  1 
ATOM   405 O  OH  . TYR A 1 50 ? -8.667  8.415   -1.982  1.00 7.73  ? 50   TYR A OH  1 
ATOM   406 N  N   . CYS A 1 51 ? -4.292  1.261   -0.577  1.00 5.74  ? 51   CYS A N   1 
ATOM   407 C  CA  . CYS A 1 51 ? -3.713  -0.069  -0.756  1.00 5.67  ? 51   CYS A CA  1 
ATOM   408 C  C   . CYS A 1 51 ? -3.244  -0.260  -2.184  1.00 5.52  ? 51   CYS A C   1 
ATOM   409 O  O   . CYS A 1 51 ? -4.012  -0.054  -3.124  1.00 5.49  ? 51   CYS A O   1 
ATOM   410 C  CB  . CYS A 1 51 ? -4.751  -1.135  -0.431  1.00 5.76  ? 51   CYS A CB  1 
ATOM   411 S  SG  . CYS A 1 51 ? -5.264  -1.101  1.292   1.00 6.00  ? 51   CYS A SG  1 
ATOM   412 N  N   . ARG A 1 52 ? -1.985  -0.658  -2.341  1.00 5.42  ? 52   ARG A N   1 
ATOM   413 C  CA  . ARG A 1 52 ? -1.422  -0.877  -3.666  1.00 5.41  ? 52   ARG A CA  1 
ATOM   414 C  C   . ARG A 1 52 ? -0.488  -2.073  -3.661  1.00 5.41  ? 52   ARG A C   1 
ATOM   415 O  O   . ARG A 1 52 ? 0.028   -2.464  -2.612  1.00 5.27  ? 52   ARG A O   1 
ATOM   416 C  CB  . ARG A 1 52 ? -0.665  0.373   -4.160  1.00 5.37  ? 52   ARG A CB  1 
ATOM   417 C  CG  . ARG A 1 52 ? -1.521  1.617   -4.401  1.00 5.39  ? 52   ARG A CG  1 
ATOM   418 C  CD  . ARG A 1 52 ? -2.366  1.458   -5.651  1.00 5.41  ? 52   ARG A CD  1 
ATOM   419 N  NE  . ARG A 1 52 ? -3.234  2.612   -5.882  1.00 5.43  ? 52   ARG A NE  1 
ATOM   420 C  CZ  . ARG A 1 52 ? -4.505  2.701   -5.500  1.00 5.49  ? 52   ARG A CZ  1 
ATOM   421 N  NH1 . ARG A 1 52 ? -5.093  1.710   -4.838  1.00 5.54  ? 52   ARG A NH1 1 
ATOM   422 N  NH2 . ARG A 1 52 ? -5.192  3.802   -5.774  1.00 5.53  ? 52   ARG A NH2 1 
ATOM   423 N  N   . ASN A 1 53 ? -0.281  -2.653  -4.839  1.00 5.46  ? 53   ASN A N   1 
ATOM   424 C  CA  . ASN A 1 53 ? 0.777   -3.626  -5.020  1.00 5.55  ? 53   ASN A CA  1 
ATOM   425 C  C   . ASN A 1 53 ? 1.771   -3.141  -6.073  1.00 5.66  ? 53   ASN A C   1 
ATOM   426 O  O   . ASN A 1 53 ? 1.707   -3.562  -7.233  1.00 5.65  ? 53   ASN A O   1 
ATOM   427 C  CB  . ASN A 1 53 ? 0.222   -4.998  -5.388  1.00 5.58  ? 53   ASN A CB  1 
ATOM   428 C  CG  . ASN A 1 53 ? 1.321   -6.010  -5.608  1.00 5.60  ? 53   ASN A CG  1 
ATOM   429 O  OD1 . ASN A 1 53 ? 2.449   -5.807  -5.153  1.00 5.71  ? 53   ASN A OD1 1 
ATOM   430 N  ND2 . ASN A 1 53 ? 1.009   -7.094  -6.311  1.00 5.68  ? 53   ASN A ND2 1 
ATOM   431 N  N   . PRO A 1 54 ? 2.689   -2.243  -5.677  1.00 5.73  ? 54   PRO A N   1 
ATOM   432 C  CA  . PRO A 1 54 ? 3.602   -1.676  -6.669  1.00 5.87  ? 54   PRO A CA  1 
ATOM   433 C  C   . PRO A 1 54 ? 4.842   -2.526  -6.933  1.00 5.91  ? 54   PRO A C   1 
ATOM   434 O  O   . PRO A 1 54 ? 5.571   -2.255  -7.891  1.00 6.06  ? 54   PRO A O   1 
ATOM   435 C  CB  . PRO A 1 54 ? 3.999   -0.334  -6.042  1.00 5.87  ? 54   PRO A CB  1 
ATOM   436 C  CG  . PRO A 1 54 ? 3.927   -0.587  -4.574  1.00 5.82  ? 54   PRO A CG  1 
ATOM   437 C  CD  . PRO A 1 54 ? 2.805   -1.566  -4.367  1.00 5.78  ? 54   PRO A CD  1 
ATOM   438 N  N   . ASP A 1 55 ? 5.081   -3.536  -6.097  1.00 6.05  ? 55   ASP A N   1 
ATOM   439 C  CA  . ASP A 1 55 ? 6.331   -4.298  -6.161  1.00 6.15  ? 55   ASP A CA  1 
ATOM   440 C  C   . ASP A 1 55 ? 6.145   -5.780  -6.475  1.00 6.17  ? 55   ASP A C   1 
ATOM   441 O  O   . ASP A 1 55 ? 6.964   -6.616  -6.073  1.00 6.27  ? 55   ASP A O   1 
ATOM   442 C  CB  . ASP A 1 55 ? 7.145   -4.116  -4.875  1.00 6.19  ? 55   ASP A CB  1 
ATOM   443 C  CG  . ASP A 1 55 ? 6.444   -4.673  -3.644  1.00 6.25  ? 55   ASP A CG  1 
ATOM   444 O  OD1 . ASP A 1 55 ? 5.247   -5.039  -3.730  1.00 6.26  ? 55   ASP A OD1 1 
ATOM   445 O  OD2 . ASP A 1 55 ? 7.095   -4.738  -2.574  1.00 6.38  ? 55   ASP A OD2 1 
ATOM   446 N  N   . ALA A 1 56 ? 5.071   -6.105  -7.190  1.00 6.10  ? 56   ALA A N   1 
ATOM   447 C  CA  . ALA A 1 56 ? 4.792   -7.482  -7.598  1.00 6.06  ? 56   ALA A CA  1 
ATOM   448 C  C   . ALA A 1 56 ? 4.738   -8.442  -6.416  1.00 5.99  ? 56   ALA A C   1 
ATOM   449 O  O   . ALA A 1 56 ? 5.234   -9.566  -6.493  1.00 6.02  ? 56   ALA A O   1 
ATOM   450 C  CB  . ALA A 1 56 ? 5.794   -7.956  -8.648  1.00 6.00  ? 56   ALA A CB  1 
ATOM   451 N  N   . ASP A 1 57 ? 4.139   -7.986  -5.323  1.00 5.99  ? 57   ASP A N   1 
ATOM   452 C  CA  . ASP A 1 57 ? 3.759   -8.873  -4.243  1.00 5.97  ? 57   ASP A CA  1 
ATOM   453 C  C   . ASP A 1 57 ? 2.531   -9.633  -4.736  1.00 6.01  ? 57   ASP A C   1 
ATOM   454 O  O   . ASP A 1 57 ? 2.298   -9.700  -5.924  1.00 6.00  ? 57   ASP A O   1 
ATOM   455 C  CB  . ASP A 1 57 ? 3.452   -8.103  -2.960  1.00 6.01  ? 57   ASP A CB  1 
ATOM   456 C  CG  . ASP A 1 57 ? 3.702   -8.939  -1.693  1.00 6.06  ? 57   ASP A CG  1 
ATOM   457 O  OD1 . ASP A 1 57 ? 3.118   -10.013 -1.570  1.00 6.07  ? 57   ASP A OD1 1 
ATOM   458 O  OD2 . ASP A 1 57 ? 4.507   -8.519  -0.848  1.00 6.11  ? 57   ASP A OD2 1 
ATOM   459 N  N   . THR A 1 58 ? 1.780   -10.212 -3.808  1.00 5.98  ? 58   THR A N   1 
ATOM   460 C  CA  . THR A 1 58 ? 0.697   -11.101 -4.216  1.00 6.05  ? 58   THR A CA  1 
ATOM   461 C  C   . THR A 1 58 ? -0.678  -10.560 -3.880  1.00 6.10  ? 58   THR A C   1 
ATOM   462 O  O   . THR A 1 58 ? -1.667  -11.226 -4.050  1.00 6.21  ? 58   THR A O   1 
ATOM   463 C  CB  . THR A 1 58 ? 0.901   -12.551 -3.695  1.00 6.12  ? 58   THR A CB  1 
ATOM   464 O  OG1 . THR A 1 58 ? 1.099   -12.552 -2.294  1.00 6.22  ? 58   THR A OG1 1 
ATOM   465 C  CG2 . THR A 1 58 ? 2.100   -13.159 -4.340  1.00 6.13  ? 58   THR A CG2 1 
ATOM   466 N  N   . GLY A 1 59 ? -0.692  -9.322  -3.424  1.00 4.94  ? 60   GLY A N   1 
ATOM   467 C  CA  . GLY A 1 59 ? -1.923  -8.619  -3.178  1.00 4.89  ? 60   GLY A CA  1 
ATOM   468 C  C   . GLY A 1 59 ? -1.592  -7.221  -2.707  1.00 4.86  ? 60   GLY A C   1 
ATOM   469 O  O   . GLY A 1 59 ? -0.485  -6.938  -2.345  1.00 4.96  ? 60   GLY A O   1 
ATOM   470 N  N   . PRO A 1 60 ? -2.658  -6.319  -2.794  1.00 4.80  ? 61   PRO A N   1 
ATOM   471 C  CA  . PRO A 1 60 ? -2.330  -4.963  -2.329  1.00 4.75  ? 61   PRO A CA  1 
ATOM   472 C  C   . PRO A 1 60 ? -1.967  -4.902  -0.855  1.00 4.72  ? 61   PRO A C   1 
ATOM   473 O  O   . PRO A 1 60 ? -2.525  -5.616  -0.056  1.00 4.71  ? 61   PRO A O   1 
ATOM   474 C  CB  . PRO A 1 60 ? -3.622  -4.180  -2.550  1.00 4.77  ? 61   PRO A CB  1 
ATOM   475 C  CG  . PRO A 1 60 ? -4.253  -4.834  -3.688  1.00 4.79  ? 61   PRO A CG  1 
ATOM   476 C  CD  . PRO A 1 60 ? -4.106  -6.260  -3.338  1.00 4.82  ? 61   PRO A CD  1 
ATOM   477 N  N   . TRP A 1 61 ? -1.058  -3.996  -0.550  1.00 4.66  ? 62   TRP A N   1 
ATOM   478 C  CA  . TRP A 1 61 ? -0.520  -3.843  0.774   1.00 4.67  ? 62   TRP A CA  1 
ATOM   479 C  C   . TRP A 1 61 ? -0.260  -2.363  1.038   1.00 4.67  ? 62   TRP A C   1 
ATOM   480 O  O   . TRP A 1 61 ? -0.508  -1.540  0.215   1.00 4.68  ? 62   TRP A O   1 
ATOM   481 C  CB  . TRP A 1 61 ? 0.789   -4.639  0.906   1.00 4.61  ? 62   TRP A CB  1 
ATOM   482 C  CG  . TRP A 1 61 ? 1.866   -4.264  -0.085  1.00 4.66  ? 62   TRP A CG  1 
ATOM   483 C  CD1 . TRP A 1 61 ? 2.060   -4.806  -1.312  1.00 4.63  ? 62   TRP A CD1 1 
ATOM   484 C  CD2 . TRP A 1 61 ? 2.907   -3.283  0.086   1.00 4.63  ? 62   TRP A CD2 1 
ATOM   485 N  NE1 . TRP A 1 61 ? 3.126   -4.220  -1.932  1.00 4.65  ? 62   TRP A NE1 1 
ATOM   486 C  CE2 . TRP A 1 61 ? 3.667   -3.282  -1.093  1.00 4.65  ? 62   TRP A CE2 1 
ATOM   487 C  CE3 . TRP A 1 61 ? 3.253   -2.405  1.108   1.00 4.63  ? 62   TRP A CE3 1 
ATOM   488 C  CZ2 . TRP A 1 61 ? 4.754   -2.444  -1.268  1.00 4.65  ? 62   TRP A CZ2 1 
ATOM   489 C  CZ3 . TRP A 1 61 ? 4.317   -1.586  0.934   1.00 4.62  ? 62   TRP A CZ3 1 
ATOM   490 C  CH2 . TRP A 1 61 ? 5.065   -1.602  -0.248  1.00 4.65  ? 62   TRP A CH2 1 
ATOM   491 N  N   . CYS A 1 62 ? 0.215   -2.055  2.228   1.00 4.72  ? 63   CYS A N   1 
ATOM   492 C  CA  . CYS A 1 62 ? 0.659   -0.708  2.518   1.00 4.82  ? 63   CYS A CA  1 
ATOM   493 C  C   . CYS A 1 62 ? 1.575   -0.736  3.717   1.00 4.83  ? 63   CYS A C   1 
ATOM   494 O  O   . CYS A 1 62 ? 1.595   -1.707  4.479   1.00 4.77  ? 63   CYS A O   1 
ATOM   495 C  CB  . CYS A 1 62 ? -0.531  0.200   2.814   1.00 4.87  ? 63   CYS A CB  1 
ATOM   496 S  SG  . CYS A 1 62 ? -1.577  -0.407  4.155   1.00 5.06  ? 63   CYS A SG  1 
ATOM   497 N  N   . PHE A 1 63 ? 2.347   0.331   3.872   1.00 4.94  ? 64   PHE A N   1 
ATOM   498 C  CA  . PHE A 1 63 ? 3.039   0.570   5.121   1.00 5.06  ? 64   PHE A CA  1 
ATOM   499 C  C   . PHE A 1 63 ? 1.960   0.909   6.133   1.00 5.20  ? 64   PHE A C   1 
ATOM   500 O  O   . PHE A 1 63 ? 0.922   1.457   5.759   1.00 5.23  ? 64   PHE A O   1 
ATOM   501 C  CB  . PHE A 1 63 ? 4.052   1.700   4.952   1.00 5.05  ? 64   PHE A CB  1 
ATOM   502 C  CG  . PHE A 1 63 ? 5.106   1.390   3.933   1.00 5.02  ? 64   PHE A CG  1 
ATOM   503 C  CD1 . PHE A 1 63 ? 6.121   0.484   4.225   1.00 5.03  ? 64   PHE A CD1 1 
ATOM   504 C  CD2 . PHE A 1 63 ? 5.065   1.970   2.665   1.00 5.06  ? 64   PHE A CD2 1 
ATOM   505 C  CE1 . PHE A 1 63 ? 7.078   0.169   3.277   1.00 5.06  ? 64   PHE A CE1 1 
ATOM   506 C  CE2 . PHE A 1 63 ? 6.024   1.662   1.714   1.00 5.07  ? 64   PHE A CE2 1 
ATOM   507 C  CZ  . PHE A 1 63 ? 7.031   0.762   2.021   1.00 5.05  ? 64   PHE A CZ  1 
ATOM   508 N  N   . THR A 1 64 ? 2.167   0.552   7.396   1.00 5.41  ? 65   THR A N   1 
ATOM   509 C  CA  . THR A 1 64 ? 1.136   0.814   8.403   1.00 5.73  ? 65   THR A CA  1 
ATOM   510 C  C   . THR A 1 64 ? 1.471   2.000   9.296   1.00 6.06  ? 65   THR A C   1 
ATOM   511 O  O   . THR A 1 64 ? 2.634   2.347   9.481   1.00 6.03  ? 65   THR A O   1 
ATOM   512 C  CB  . THR A 1 64 ? 0.798   -0.418  9.285   1.00 5.70  ? 65   THR A CB  1 
ATOM   513 O  OG1 . THR A 1 64 ? 1.591   -0.413  10.483  1.00 5.67  ? 65   THR A OG1 1 
ATOM   514 C  CG2 . THR A 1 64 ? 0.984   -1.727  8.520   1.00 5.67  ? 65   THR A CG2 1 
ATOM   515 N  N   . MET A 1 65 ? 0.427   2.604   9.851   1.00 6.55  ? 66   MET A N   1 
ATOM   516 C  CA  . MET A 1 65 ? 0.573   3.719   10.781  1.00 7.05  ? 66   MET A CA  1 
ATOM   517 C  C   . MET A 1 65 ? 1.059   3.286   12.168  1.00 7.32  ? 66   MET A C   1 
ATOM   518 O  O   . MET A 1 65 ? 1.243   4.118   13.058  1.00 7.51  ? 66   MET A O   1 
ATOM   519 C  CB  . MET A 1 65 ? -0.744  4.489   10.874  1.00 7.16  ? 66   MET A CB  1 
ATOM   520 C  CG  . MET A 1 65 ? -1.044  5.313   9.633   1.00 7.39  ? 66   MET A CG  1 
ATOM   521 S  SD  . MET A 1 65 ? 0.258   6.514   9.291   1.00 7.48  ? 66   MET A SD  1 
ATOM   522 C  CE  . MET A 1 65 ? -0.126  7.782   10.498  1.00 7.53  ? 66   MET A CE  1 
ATOM   523 N  N   . ASP A 1 66 ? 1.259   1.985   12.347  1.00 7.68  ? 67   ASP A N   1 
ATOM   524 C  CA  . ASP A 1 66 ? 1.829   1.444   13.572  1.00 8.00  ? 67   ASP A CA  1 
ATOM   525 C  C   . ASP A 1 66 ? 3.347   1.393   13.398  1.00 8.09  ? 67   ASP A C   1 
ATOM   526 O  O   . ASP A 1 66 ? 3.834   0.658   12.544  1.00 8.19  ? 67   ASP A O   1 
ATOM   527 C  CB  . ASP A 1 66 ? 1.266   0.042   13.818  1.00 8.25  ? 67   ASP A CB  1 
ATOM   528 C  CG  . ASP A 1 66 ? 1.669   -0.536  15.164  1.00 8.47  ? 67   ASP A CG  1 
ATOM   529 O  OD1 . ASP A 1 66 ? 2.759   -0.210  15.686  1.00 8.65  ? 67   ASP A OD1 1 
ATOM   530 O  OD2 . ASP A 1 66 ? 0.878   -1.338  15.698  1.00 8.60  ? 67   ASP A OD2 1 
ATOM   531 N  N   . PRO A 1 67 ? 4.101   2.173   14.200  1.00 8.17  ? 68   PRO A N   1 
ATOM   532 C  CA  . PRO A 1 67 ? 5.565   2.173   14.066  1.00 8.20  ? 68   PRO A CA  1 
ATOM   533 C  C   . PRO A 1 67 ? 6.201   0.784   14.203  1.00 8.21  ? 68   PRO A C   1 
ATOM   534 O  O   . PRO A 1 67 ? 7.308   0.562   13.713  1.00 8.23  ? 68   PRO A O   1 
ATOM   535 C  CB  . PRO A 1 67 ? 6.023   3.085   15.215  1.00 8.24  ? 68   PRO A CB  1 
ATOM   536 C  CG  . PRO A 1 67 ? 4.854   3.962   15.487  1.00 8.27  ? 68   PRO A CG  1 
ATOM   537 C  CD  . PRO A 1 67 ? 3.653   3.086   15.266  1.00 8.20  ? 68   PRO A CD  1 
ATOM   538 N  N   . SER A 1 68 ? 5.500   -0.146  14.847  1.00 8.31  ? 69   SER A N   1 
ATOM   539 C  CA  . SER A 1 68 ? 6.047   -1.480  15.104  1.00 8.35  ? 69   SER A CA  1 
ATOM   540 C  C   . SER A 1 68 ? 5.811   -2.480  13.970  1.00 8.30  ? 69   SER A C   1 
ATOM   541 O  O   . SER A 1 68 ? 6.385   -3.573  13.973  1.00 8.46  ? 69   SER A O   1 
ATOM   542 C  CB  . SER A 1 68 ? 5.518   -2.041  16.430  1.00 8.56  ? 69   SER A CB  1 
ATOM   543 O  OG  . SER A 1 68 ? 4.168   -2.465  16.313  1.00 8.82  ? 69   SER A OG  1 
ATOM   544 N  N   . ILE A 1 69 ? 4.962   -2.104  13.013  1.00 7.99  ? 70   ILE A N   1 
ATOM   545 C  CA  . ILE A 1 69 ? 4.620   -2.966  11.881  1.00 7.81  ? 70   ILE A CA  1 
ATOM   546 C  C   . ILE A 1 69 ? 4.864   -2.176  10.599  1.00 7.49  ? 70   ILE A C   1 
ATOM   547 O  O   . ILE A 1 69 ? 4.088   -1.285  10.256  1.00 7.36  ? 70   ILE A O   1 
ATOM   548 C  CB  . ILE A 1 69 ? 3.141   -3.441  11.925  1.00 7.99  ? 70   ILE A CB  1 
ATOM   549 C  CG1 . ILE A 1 69 ? 2.786   -4.104  13.271  1.00 8.13  ? 70   ILE A CG1 1 
ATOM   550 C  CG2 . ILE A 1 69 ? 2.829   -4.352  10.739  1.00 7.92  ? 70   ILE A CG2 1 
ATOM   551 C  CD1 . ILE A 1 69 ? 3.435   -5.449  13.529  1.00 8.41  ? 70   ILE A CD1 1 
ATOM   552 N  N   . ARG A 1 70 ? 5.948   -2.499  9.903   1.00 7.23  ? 71   ARG A N   1 
ATOM   553 C  CA  . ARG A 1 70 ? 6.319   -1.751  8.711   1.00 7.00  ? 71   ARG A CA  1 
ATOM   554 C  C   . ARG A 1 70 ? 5.245   -1.814  7.638   1.00 6.76  ? 71   ARG A C   1 
ATOM   555 O  O   . ARG A 1 70 ? 4.843   -0.786  7.106   1.00 6.57  ? 71   ARG A O   1 
ATOM   556 C  CB  . ARG A 1 70 ? 7.655   -2.215  8.143   1.00 7.27  ? 71   ARG A CB  1 
ATOM   557 C  CG  . ARG A 1 70 ? 8.148   -1.315  7.021   1.00 7.48  ? 71   ARG A CG  1 
ATOM   558 C  CD  . ARG A 1 70 ? 9.586   -1.632  6.687   1.00 7.70  ? 71   ARG A CD  1 
ATOM   559 N  NE  . ARG A 1 70 ? 10.082  -0.897  5.527   1.00 7.70  ? 71   ARG A NE  1 
ATOM   560 C  CZ  . ARG A 1 70 ? 10.625  0.318   5.571   1.00 7.73  ? 71   ARG A CZ  1 
ATOM   561 N  NH1 . ARG A 1 70 ? 10.721  0.982   6.717   1.00 7.65  ? 71   ARG A NH1 1 
ATOM   562 N  NH2 . ARG A 1 70 ? 11.078  0.868   4.451   1.00 7.84  ? 71   ARG A NH2 1 
ATOM   563 N  N   . TRP A 1 71 ? 4.782   -3.019  7.330   1.00 6.49  ? 72   TRP A N   1 
ATOM   564 C  CA  . TRP A 1 71 ? 3.794   -3.183  6.277   1.00 6.29  ? 72   TRP A CA  1 
ATOM   565 C  C   . TRP A 1 71 ? 2.880   -4.372  6.520   1.00 6.22  ? 72   TRP A C   1 
ATOM   566 O  O   . TRP A 1 71 ? 3.247   -5.323  7.209   1.00 6.21  ? 72   TRP A O   1 
ATOM   567 C  CB  . TRP A 1 71 ? 4.485   -3.332  4.915   1.00 6.21  ? 72   TRP A CB  1 
ATOM   568 C  CG  . TRP A 1 71 ? 5.132   -4.669  4.705   1.00 6.26  ? 72   TRP A CG  1 
ATOM   569 C  CD1 . TRP A 1 71 ? 6.383   -5.051  5.106   1.00 6.21  ? 72   TRP A CD1 1 
ATOM   570 C  CD2 . TRP A 1 71 ? 4.561   -5.803  4.039   1.00 6.19  ? 72   TRP A CD2 1 
ATOM   571 N  NE1 . TRP A 1 71 ? 6.625   -6.356  4.730   1.00 6.27  ? 72   TRP A NE1 1 
ATOM   572 C  CE2 . TRP A 1 71 ? 5.524   -6.840  4.075   1.00 6.20  ? 72   TRP A CE2 1 
ATOM   573 C  CE3 . TRP A 1 71 ? 3.330   -6.045  3.414   1.00 6.18  ? 72   TRP A CE3 1 
ATOM   574 C  CZ2 . TRP A 1 71 ? 5.294   -8.100  3.508   1.00 6.18  ? 72   TRP A CZ2 1 
ATOM   575 C  CZ3 . TRP A 1 71 ? 3.101   -7.302  2.851   1.00 6.20  ? 72   TRP A CZ3 1 
ATOM   576 C  CH2 . TRP A 1 71 ? 4.082   -8.312  2.900   1.00 6.25  ? 72   TRP A CH2 1 
ATOM   577 N  N   . GLU A 1 72 ? 1.687   -4.301  5.937   1.00 6.10  ? 73   GLU A N   1 
ATOM   578 C  CA  . GLU A 1 72 ? 0.740   -5.405  5.954   1.00 6.03  ? 73   GLU A CA  1 
ATOM   579 C  C   . GLU A 1 72 ? -0.014  -5.472  4.642   1.00 5.90  ? 73   GLU A C   1 
ATOM   580 O  O   . GLU A 1 72 ? -0.114  -4.479  3.927   1.00 5.74  ? 73   GLU A O   1 
ATOM   581 C  CB  . GLU A 1 72 ? -0.286  -5.206  7.059   1.00 6.17  ? 73   GLU A CB  1 
ATOM   582 C  CG  . GLU A 1 72 ? 0.235   -5.398  8.466   1.00 6.31  ? 73   GLU A CG  1 
ATOM   583 C  CD  . GLU A 1 72 ? -0.872  -5.223  9.469   1.00 6.43  ? 73   GLU A CD  1 
ATOM   584 O  OE1 . GLU A 1 72 ? -1.318  -4.078  9.663   1.00 6.45  ? 73   GLU A OE1 1 
ATOM   585 O  OE2 . GLU A 1 72 ? -1.315  -6.234  10.037  1.00 6.74  ? 73   GLU A OE2 1 
ATOM   586 N  N   . TYR A 1 73 ? -0.556  -6.647  4.344   1.00 5.83  ? 74   TYR A N   1 
ATOM   587 C  CA  . TYR A 1 73 ? -1.539  -6.779  3.277   1.00 5.83  ? 74   TYR A CA  1 
ATOM   588 C  C   . TYR A 1 73 ? -2.833  -6.124  3.693   1.00 5.88  ? 74   TYR A C   1 
ATOM   589 O  O   . TYR A 1 73 ? -3.180  -6.092  4.874   1.00 5.84  ? 74   TYR A O   1 
ATOM   590 C  CB  . TYR A 1 73 ? -1.810  -8.247  2.970   1.00 5.86  ? 74   TYR A CB  1 
ATOM   591 C  CG  . TYR A 1 73 ? -0.638  -8.960  2.362   1.00 5.88  ? 74   TYR A CG  1 
ATOM   592 C  CD1 . TYR A 1 73 ? -0.264  -8.725  1.036   1.00 5.88  ? 74   TYR A CD1 1 
ATOM   593 C  CD2 . TYR A 1 73 ? 0.098   -9.878  3.109   1.00 5.93  ? 74   TYR A CD2 1 
ATOM   594 C  CE1 . TYR A 1 73 ? 0.811   -9.390  0.472   1.00 5.93  ? 74   TYR A CE1 1 
ATOM   595 C  CE2 . TYR A 1 73 ? 1.176   -10.545 2.557   1.00 5.95  ? 74   TYR A CE2 1 
ATOM   596 C  CZ  . TYR A 1 73 ? 1.526   -10.302 1.241   1.00 5.92  ? 74   TYR A CZ  1 
ATOM   597 O  OH  . TYR A 1 73 ? 2.592   -10.964 0.695   1.00 6.06  ? 74   TYR A OH  1 
ATOM   598 N  N   . CYS A 1 74 ? -3.550  -5.603  2.710   1.00 5.95  ? 75   CYS A N   1 
ATOM   599 C  CA  . CYS A 1 74 ? -4.845  -5.011  2.959   1.00 6.12  ? 75   CYS A CA  1 
ATOM   600 C  C   . CYS A 1 74 ? -5.953  -6.043  3.000   1.00 6.30  ? 75   CYS A C   1 
ATOM   601 O  O   . CYS A 1 74 ? -5.806  -7.146  2.466   1.00 6.32  ? 75   CYS A O   1 
ATOM   602 C  CB  . CYS A 1 74 ? -5.128  -3.964  1.898   1.00 6.09  ? 75   CYS A CB  1 
ATOM   603 S  SG  . CYS A 1 74 ? -4.081  -2.514  2.109   1.00 5.98  ? 75   CYS A SG  1 
ATOM   604 N  N   . ALA A 1 75 ? -7.054  -5.673  3.654   1.00 6.60  ? 76   ALA A N   1 
ATOM   605 C  CA  . ALA A 1 75 ? -8.214  -6.546  3.809   1.00 6.85  ? 76   ALA A CA  1 
ATOM   606 C  C   . ALA A 1 75 ? -9.046  -6.503  2.527   1.00 7.07  ? 76   ALA A C   1 
ATOM   607 O  O   . ALA A 1 75 ? -10.107 -5.866  2.458   1.00 7.27  ? 76   ALA A O   1 
ATOM   608 C  CB  . ALA A 1 75 ? -9.034  -6.135  5.029   1.00 6.81  ? 76   ALA A CB  1 
ATOM   609 N  N   . LEU A 1 76 ? -8.520  -7.173  1.508   1.00 7.32  ? 77   LEU A N   1 
ATOM   610 C  CA  . LEU A 1 76 ? -9.142  -7.257  0.199   1.00 7.53  ? 77   LEU A CA  1 
ATOM   611 C  C   . LEU A 1 76 ? -9.135  -8.702  -0.288  1.00 7.73  ? 77   LEU A C   1 
ATOM   612 O  O   . LEU A 1 76 ? -8.291  -9.503  0.120   1.00 7.82  ? 77   LEU A O   1 
ATOM   613 C  CB  . LEU A 1 76 ? -8.391  -6.373  -0.805  1.00 7.54  ? 77   LEU A CB  1 
ATOM   614 C  CG  . LEU A 1 76 ? -8.425  -4.847  -0.654  1.00 7.51  ? 77   LEU A CG  1 
ATOM   615 C  CD1 . LEU A 1 76 ? -7.363  -4.223  -1.545  1.00 7.59  ? 77   LEU A CD1 1 
ATOM   616 C  CD2 . LEU A 1 76 ? -9.801  -4.279  -0.979  1.00 7.57  ? 77   LEU A CD2 1 
ATOM   617 N  N   . THR A 1 77 ? -10.079 -9.027  -1.163  1.00 8.01  ? 78   THR A N   1 
ATOM   618 C  CA  . THR A 1 77 ? -10.129 -10.344 -1.793  1.00 8.37  ? 78   THR A CA  1 
ATOM   619 C  C   . THR A 1 77 ? -9.747  -10.253 -3.273  1.00 8.54  ? 78   THR A C   1 
ATOM   620 O  O   . THR A 1 77 ? -9.940  -9.214  -3.901  1.00 8.25  ? 78   THR A O   1 
ATOM   621 C  CB  . THR A 1 77 ? -11.524 -10.997 -1.627  1.00 8.50  ? 78   THR A CB  1 
ATOM   622 O  OG1 . THR A 1 77 ? -11.516 -12.314 -2.199  1.00 8.85  ? 78   THR A OG1 1 
ATOM   623 C  CG2 . THR A 1 77 ? -12.619 -10.163 -2.286  1.00 8.46  ? 78   THR A CG2 1 
ATOM   624 N  N   . ARG A 1 78 ? -9.195  -11.338 -3.819  1.00 8.89  ? 79   ARG A N   1 
ATOM   625 C  CA  . ARG A 1 78 ? -8.915  -11.412 -5.250  1.00 9.33  ? 79   ARG A CA  1 
ATOM   626 C  C   . ARG A 1 78 ? -10.208 -11.774 -5.970  1.00 9.74  ? 79   ARG A C   1 
ATOM   627 O  O   . ARG A 1 78 ? -10.892 -12.695 -5.544  1.00 9.55  ? 79   ARG A O   1 
ATOM   628 C  CB  . ARG A 1 78 ? -7.842  -12.463 -5.565  1.00 9.49  ? 79   ARG A CB  1 
ATOM   629 C  CG  . ARG A 1 78 ? -7.483  -12.486 -7.044  1.00 9.62  ? 79   ARG A CG  1 
ATOM   630 C  CD  . ARG A 1 78 ? -6.773  -13.752 -7.496  1.00 9.72  ? 79   ARG A CD  1 
ATOM   631 N  NE  . ARG A 1 78 ? -6.760  -13.832 -8.959  1.00 9.86  ? 79   ARG A NE  1 
ATOM   632 C  CZ  . ARG A 1 78 ? -6.193  -14.809 -9.665  1.00 9.92  ? 79   ARG A CZ  1 
ATOM   633 N  NH1 . ARG A 1 78 ? -5.581  -15.817 -9.058  1.00 9.87  ? 79   ARG A NH1 1 
ATOM   634 N  NH2 . ARG A 1 78 ? -6.246  -14.780 -10.990 1.00 9.99  ? 79   ARG A NH2 1 
ATOM   635 N  N   . CYS A 1 79 ? -10.544 -11.045 -7.038  1.00 10.50 ? 80   CYS A N   1 
ATOM   636 C  CA  . CYS A 1 79 ? -11.713 -11.372 -7.869  1.00 11.25 ? 80   CYS A CA  1 
ATOM   637 C  C   . CYS A 1 79 ? -11.545 -12.757 -8.475  1.00 11.44 ? 80   CYS A C   1 
ATOM   638 O  O   . CYS A 1 79 ? -12.426 -13.614 -8.415  1.00 11.58 ? 80   CYS A O   1 
ATOM   639 C  CB  . CYS A 1 79 ? -11.899 -10.372 -9.009  1.00 11.77 ? 80   CYS A CB  1 
ATOM   640 S  SG  . CYS A 1 79 ? -11.889 -8.619  -8.580  1.00 13.02 ? 80   CYS A SG  1 
ATOM   641 O  OXT . CYS A 1 79 ? -10.500 -13.041 -9.053  1.00 11.65 ? 80   CYS A OXT 1 
HETATM 642 CL CL  . CL  B 2 .  ? -7.405  -4.829  -9.841  1.00 14.40 ? 1081 CL  A CL  1 
HETATM 643 C  C1  . BU6 C 3 .  ? 14.653  -2.100  -0.159  1.00 17.25 ? 1082 BU6 A C1  1 
HETATM 644 C  C2  . BU6 C 3 .  ? 14.541  -1.306  0.959   1.00 16.41 ? 1082 BU6 A C2  1 
HETATM 645 C  C3  . BU6 C 3 .  ? 13.316  -0.764  1.269   1.00 15.79 ? 1082 BU6 A C3  1 
HETATM 646 C  C4  . BU6 C 3 .  ? 12.223  -1.017  0.472   1.00 14.88 ? 1082 BU6 A C4  1 
HETATM 647 C  C5  . BU6 C 3 .  ? 12.319  -1.809  -0.649  1.00 16.36 ? 1082 BU6 A C5  1 
HETATM 648 C  C6  . BU6 C 3 .  ? 13.552  -2.347  -0.951  1.00 17.60 ? 1082 BU6 A C6  1 
HETATM 649 CL CL7 . BU6 C 3 .  ? 13.744  -3.348  -2.341  1.00 20.71 ? 1082 BU6 A CL7 1 
HETATM 650 S  S8  . BU6 C 3 .  ? 10.662  -0.298  0.908   1.00 13.40 ? 1082 BU6 A S8  1 
HETATM 651 O  O9  . BU6 C 3 .  ? 10.937  1.100   1.185   1.00 13.41 ? 1082 BU6 A O9  1 
HETATM 652 O  O10 . BU6 C 3 .  ? 9.719   -0.676  -0.128  1.00 13.42 ? 1082 BU6 A O10 1 
HETATM 653 N  N11 . BU6 C 3 .  ? 10.326  -1.081  2.380   1.00 12.32 ? 1082 BU6 A N11 1 
HETATM 654 C  C12 . BU6 C 3 .  ? 9.784   -2.368  2.375   1.00 11.44 ? 1082 BU6 A C12 1 
HETATM 655 C  C13 . BU6 C 3 .  ? 10.225  -3.424  3.205   1.00 11.13 ? 1082 BU6 A C13 1 
HETATM 656 N  N14 . BU6 C 3 .  ? 9.523   -4.538  2.991   1.00 10.87 ? 1082 BU6 A N14 1 
HETATM 657 N  N15 . BU6 C 3 .  ? 8.645   -4.180  2.038   1.00 10.50 ? 1082 BU6 A N15 1 
HETATM 658 C  C16 . BU6 C 3 .  ? 8.751   -2.882  1.625   1.00 10.93 ? 1082 BU6 A C16 1 
HETATM 659 C  C17 . BU6 C 3 .  ? 7.717   -5.180  1.560   1.00 10.03 ? 1082 BU6 A C17 1 
HETATM 660 C  C18 . BU6 C 3 .  ? 6.407   -4.573  1.115   1.00 9.74  ? 1082 BU6 A C18 1 
HETATM 661 C  C19 . BU6 C 3 .  ? 5.515   -5.666  0.566   1.00 9.49  ? 1082 BU6 A C19 1 
HETATM 662 N  N20 . BU6 C 3 .  ? 6.172   -6.316  -0.561  1.00 9.39  ? 1082 BU6 A N20 1 
HETATM 663 C  C21 . BU6 C 3 .  ? 7.373   -6.981  -0.080  1.00 9.59  ? 1082 BU6 A C21 1 
HETATM 664 C  C22 . BU6 C 3 .  ? 8.352   -5.946  0.424   1.00 9.74  ? 1082 BU6 A C22 1 
HETATM 665 F  F23 . BU6 C 3 .  ? 13.192  0.014   2.354   1.00 16.52 ? 1082 BU6 A F23 1 
HETATM 666 O  O   . HOH D 4 .  ? -11.915 -6.759  -1.717  1.00 12.28 ? 2001 HOH A O   1 
HETATM 667 O  O   . HOH D 4 .  ? -5.272  -10.152 -0.385  1.00 14.18 ? 2002 HOH A O   1 
HETATM 668 O  O   . HOH D 4 .  ? -4.607  -6.050  -10.197 1.00 12.87 ? 2003 HOH A O   1 
HETATM 669 O  O   . HOH D 4 .  ? -9.605  -11.380 -13.099 1.00 26.61 ? 2004 HOH A O   1 
HETATM 670 O  O   . HOH D 4 .  ? -6.366  -2.297  -15.199 1.00 42.56 ? 2005 HOH A O   1 
HETATM 671 O  O   . HOH D 4 .  ? -13.199 -2.237  -0.556  1.00 25.44 ? 2006 HOH A O   1 
HETATM 672 O  O   . HOH D 4 .  ? -3.097  6.931   -10.099 1.00 16.61 ? 2007 HOH A O   1 
HETATM 673 O  O   . HOH D 4 .  ? -4.935  4.207   -13.201 1.00 22.59 ? 2008 HOH A O   1 
HETATM 674 O  O   . HOH D 4 .  ? 3.653   10.656  13.881  1.00 29.69 ? 2009 HOH A O   1 
HETATM 675 O  O   . HOH D 4 .  ? -8.393  -12.146 -10.616 1.00 15.25 ? 2010 HOH A O   1 
HETATM 676 O  O   . HOH D 4 .  ? -6.432  -12.552 -12.868 1.00 18.95 ? 2011 HOH A O   1 
HETATM 677 O  O   . HOH D 4 .  ? -3.007  -14.105 -8.714  1.00 7.52  ? 2012 HOH A O   1 
HETATM 678 O  O   . HOH D 4 .  ? -11.096 -3.878  7.168   1.00 12.49 ? 2013 HOH A O   1 
HETATM 679 O  O   . HOH D 4 .  ? -1.902  -1.664  -6.974  1.00 6.63  ? 2014 HOH A O   1 
HETATM 680 O  O   . HOH D 4 .  ? 2.047   -0.977  -10.098 1.00 8.41  ? 2015 HOH A O   1 
HETATM 681 O  O   . HOH D 4 .  ? 0.369   -0.809  -12.164 1.00 12.41 ? 2016 HOH A O   1 
HETATM 682 O  O   . HOH D 4 .  ? 0.637   -0.351  -7.732  1.00 8.56  ? 2017 HOH A O   1 
HETATM 683 O  O   . HOH D 4 .  ? 2.207   -8.775  10.385  1.00 23.39 ? 2018 HOH A O   1 
HETATM 684 O  O   . HOH D 4 .  ? -2.854  4.565   13.384  1.00 16.43 ? 2019 HOH A O   1 
HETATM 685 O  O   . HOH D 4 .  ? -0.858  -2.660  -13.453 1.00 15.56 ? 2020 HOH A O   1 
HETATM 686 O  O   . HOH D 4 .  ? -5.297  0.076   -13.337 1.00 26.52 ? 2021 HOH A O   1 
HETATM 687 O  O   . HOH D 4 .  ? -3.780  -5.935  -15.203 1.00 28.75 ? 2022 HOH A O   1 
HETATM 688 O  O   . HOH D 4 .  ? -11.822 -1.801  -3.292  1.00 17.24 ? 2023 HOH A O   1 
HETATM 689 O  O   . HOH D 4 .  ? 1.485   10.502  11.957  1.00 8.96  ? 2024 HOH A O   1 
HETATM 690 O  O   . HOH D 4 .  ? 8.598   9.434   12.622  1.00 18.15 ? 2025 HOH A O   1 
HETATM 691 O  O   . HOH D 4 .  ? -9.096  -1.017  -9.219  1.00 12.25 ? 2026 HOH A O   1 
HETATM 692 O  O   . HOH D 4 .  ? -2.480  4.813   -11.683 1.00 15.40 ? 2027 HOH A O   1 
HETATM 693 O  O   . HOH D 4 .  ? 1.515   1.085   -13.974 1.00 11.43 ? 2028 HOH A O   1 
HETATM 694 O  O   . HOH D 4 .  ? -0.851  3.185   -13.547 1.00 24.11 ? 2029 HOH A O   1 
HETATM 695 O  O   . HOH D 4 .  ? 6.686   7.512   14.331  1.00 32.88 ? 2030 HOH A O   1 
HETATM 696 O  O   . HOH D 4 .  ? -12.313 1.554   -4.138  1.00 9.19  ? 2031 HOH A O   1 
HETATM 697 O  O   . HOH D 4 .  ? -7.850  4.428   6.220   1.00 8.38  ? 2032 HOH A O   1 
HETATM 698 O  O   . HOH D 4 .  ? -8.109  2.447   8.233   1.00 7.06  ? 2033 HOH A O   1 
HETATM 699 O  O   . HOH D 4 .  ? -9.315  -5.302  8.738   1.00 10.25 ? 2034 HOH A O   1 
HETATM 700 O  O   . HOH D 4 .  ? -9.404  -6.145  11.624  1.00 9.36  ? 2035 HOH A O   1 
HETATM 701 O  O   . HOH D 4 .  ? -8.075  -8.489  12.648  1.00 7.29  ? 2036 HOH A O   1 
HETATM 702 O  O   . HOH D 4 .  ? -9.449  -8.482  8.211   1.00 15.48 ? 2037 HOH A O   1 
HETATM 703 O  O   . HOH D 4 .  ? 0.704   -6.930  12.077  1.00 33.01 ? 2038 HOH A O   1 
HETATM 704 O  O   . HOH D 4 .  ? -1.400  -7.188  15.886  1.00 23.38 ? 2039 HOH A O   1 
HETATM 705 O  O   . HOH D 4 .  ? -1.322  -6.004  18.435  1.00 33.33 ? 2040 HOH A O   1 
HETATM 706 O  O   . HOH D 4 .  ? 1.572   -2.813  17.847  1.00 33.58 ? 2041 HOH A O   1 
HETATM 707 O  O   . HOH D 4 .  ? -1.020  -3.160  19.309  1.00 39.96 ? 2042 HOH A O   1 
HETATM 708 O  O   . HOH D 4 .  ? -2.978  1.863   12.408  1.00 9.69  ? 2043 HOH A O   1 
HETATM 709 O  O   . HOH D 4 .  ? 3.937   7.962   14.449  1.00 30.00 ? 2044 HOH A O   1 
HETATM 710 O  O   . HOH D 4 .  ? -0.201  2.113   16.462  1.00 28.43 ? 2045 HOH A O   1 
HETATM 711 O  O   . HOH D 4 .  ? 1.756   2.668   2.343   1.00 5.61  ? 2046 HOH A O   1 
HETATM 712 O  O   . HOH D 4 .  ? 9.794   1.770   16.308  1.00 21.34 ? 2047 HOH A O   1 
HETATM 713 O  O   . HOH D 4 .  ? 5.782   1.019   18.789  1.00 31.13 ? 2048 HOH A O   1 
HETATM 714 O  O   . HOH D 4 .  ? 0.772   8.670   6.610   1.00 8.69  ? 2049 HOH A O   1 
HETATM 715 O  O   . HOH D 4 .  ? 2.535   -9.078  5.616   1.00 15.03 ? 2050 HOH A O   1 
HETATM 716 O  O   . HOH D 4 .  ? 4.619   -11.686 4.910   1.00 27.28 ? 2051 HOH A O   1 
HETATM 717 O  O   . HOH D 4 .  ? 0.861   9.233   -1.409  1.00 6.32  ? 2052 HOH A O   1 
HETATM 718 O  O   . HOH D 4 .  ? 3.810   13.990  1.663   1.00 21.66 ? 2053 HOH A O   1 
HETATM 719 O  O   . HOH D 4 .  ? 6.271   14.398  0.223   1.00 31.51 ? 2054 HOH A O   1 
HETATM 720 O  O   . HOH D 4 .  ? 1.923   10.034  9.126   1.00 8.58  ? 2055 HOH A O   1 
HETATM 721 O  O   . HOH D 4 .  ? 2.778   12.378  7.723   1.00 11.41 ? 2056 HOH A O   1 
HETATM 722 O  O   . HOH D 4 .  ? 6.940   12.627  5.992   1.00 20.77 ? 2057 HOH A O   1 
HETATM 723 O  O   . HOH D 4 .  ? 9.971   8.280   10.493  1.00 19.00 ? 2058 HOH A O   1 
HETATM 724 O  O   . HOH D 4 .  ? 13.371  6.984   3.470   1.00 27.23 ? 2059 HOH A O   1 
HETATM 725 O  O   . HOH D 4 .  ? 7.203   14.157  10.589  1.00 30.51 ? 2060 HOH A O   1 
HETATM 726 O  O   . HOH D 4 .  ? 9.135   5.213   13.412  1.00 23.33 ? 2061 HOH A O   1 
HETATM 727 O  O   . HOH D 4 .  ? 10.163  1.066   9.514   1.00 12.55 ? 2062 HOH A O   1 
HETATM 728 O  O   . HOH D 4 .  ? 11.465  3.740   9.459   1.00 16.11 ? 2063 HOH A O   1 
HETATM 729 O  O   . HOH D 4 .  ? 14.490  4.283   4.911   1.00 11.29 ? 2064 HOH A O   1 
HETATM 730 O  O   . HOH D 4 .  ? 13.542  2.859   8.025   1.00 19.96 ? 2065 HOH A O   1 
HETATM 731 O  O   . HOH D 4 .  ? 15.622  4.476   7.986   0.50 10.07 ? 2066 HOH A O   1 
HETATM 732 O  O   . HOH D 4 .  ? 12.032  8.046   0.067   1.00 16.85 ? 2067 HOH A O   1 
HETATM 733 O  O   . HOH D 4 .  ? 14.020  2.817   2.331   1.00 15.47 ? 2068 HOH A O   1 
HETATM 734 O  O   . HOH D 4 .  ? 16.747  1.225   1.850   1.00 11.76 ? 2069 HOH A O   1 
HETATM 735 O  O   . HOH D 4 .  ? 9.079   -2.982  -2.183  1.00 17.43 ? 2070 HOH A O   1 
HETATM 736 O  O   . HOH D 4 .  ? 9.333   -2.821  -7.844  1.00 34.46 ? 2071 HOH A O   1 
HETATM 737 O  O   . HOH D 4 .  ? 11.195  9.396   -2.433  1.00 13.84 ? 2072 HOH A O   1 
HETATM 738 O  O   . HOH D 4 .  ? 6.748   11.133  -2.948  1.00 11.55 ? 2073 HOH A O   1 
HETATM 739 O  O   . HOH D 4 .  ? 12.701  9.838   -7.965  1.00 8.22  ? 2074 HOH A O   1 
HETATM 740 O  O   . HOH D 4 .  ? 14.271  8.162   -7.129  1.00 3.36  ? 2075 HOH A O   1 
HETATM 741 O  O   . HOH D 4 .  ? 2.507   6.437   -8.132  1.00 7.61  ? 2076 HOH A O   1 
HETATM 742 O  O   . HOH D 4 .  ? 6.253   3.852   -11.261 1.00 9.79  ? 2077 HOH A O   1 
HETATM 743 O  O   . HOH D 4 .  ? 1.619   9.023   -8.362  1.00 9.20  ? 2078 HOH A O   1 
HETATM 744 O  O   . HOH D 4 .  ? 0.379   6.528   -10.901 1.00 10.99 ? 2079 HOH A O   1 
HETATM 745 O  O   . HOH D 4 .  ? 1.071   7.573   -14.528 1.00 12.84 ? 2080 HOH A O   1 
HETATM 746 O  O   . HOH D 4 .  ? 5.854   1.941   -13.370 1.00 30.76 ? 2081 HOH A O   1 
HETATM 747 O  O   . HOH D 4 .  ? -1.070  8.145   -8.460  1.00 12.63 ? 2082 HOH A O   1 
HETATM 748 O  O   . HOH D 4 .  ? -4.777  6.102   -7.885  1.00 6.81  ? 2083 HOH A O   1 
HETATM 749 O  O   . HOH D 4 .  ? 9.596   -6.546  -3.028  1.00 33.87 ? 2084 HOH A O   1 
HETATM 750 O  O   . HOH D 4 .  ? 9.488   -6.823  -7.050  1.00 22.50 ? 2085 HOH A O   1 
HETATM 751 O  O   . HOH D 4 .  ? -2.270  -13.476 -5.755  1.00 6.48  ? 2086 HOH A O   1 
HETATM 752 O  O   . HOH D 4 .  ? -4.563  -7.474  -0.121  1.00 9.84  ? 2087 HOH A O   1 
HETATM 753 O  O   . HOH D 4 .  ? 1.805   6.619   13.625  1.00 16.27 ? 2088 HOH A O   1 
HETATM 754 O  O   . HOH D 4 .  ? -0.627  4.620   15.047  1.00 23.85 ? 2089 HOH A O   1 
HETATM 755 O  O   . HOH D 4 .  ? 9.468   2.344   13.546  1.00 22.49 ? 2090 HOH A O   1 
HETATM 756 O  O   . HOH D 4 .  ? 7.915   0.165   17.318  1.00 24.25 ? 2091 HOH A O   1 
HETATM 757 O  O   . HOH D 4 .  ? 8.021   -4.651  11.300  1.00 34.89 ? 2092 HOH A O   1 
HETATM 758 O  O   . HOH D 4 .  ? 5.992   -5.759  8.414   1.00 25.84 ? 2093 HOH A O   1 
HETATM 759 O  O   . HOH D 4 .  ? 3.989   -7.946  7.687   1.00 25.25 ? 2094 HOH A O   1 
HETATM 760 O  O   . HOH D 4 .  ? 10.168  -6.693  4.463   1.00 20.56 ? 2095 HOH A O   1 
HETATM 761 O  O   . HOH D 4 .  ? 8.831   -5.929  7.423   1.00 27.23 ? 2096 HOH A O   1 
HETATM 762 O  O   . HOH D 4 .  ? -0.396  -8.578  9.042   1.00 10.27 ? 2097 HOH A O   1 
HETATM 763 O  O   . HOH D 4 .  ? -0.228  -8.734  6.405   1.00 7.98  ? 2098 HOH A O   1 
HETATM 764 O  O   . HOH D 4 .  ? 4.751   -11.933 2.076   1.00 15.99 ? 2099 HOH A O   1 
HETATM 765 O  O   . HOH D 4 .  ? -12.543 -6.135  3.913   1.00 28.85 ? 2100 HOH A O   1 
HETATM 766 O  O   . HOH D 4 .  ? -8.914  -10.103 3.122   1.00 29.33 ? 2101 HOH A O   1 
HETATM 767 O  O   . HOH D 4 .  ? -5.563  -16.521 -6.280  1.00 13.65 ? 2102 HOH A O   1 
HETATM 768 O  O   . HOH D 4 .  ? -5.282  -18.957 -7.567  1.00 7.52  ? 2103 HOH A O   1 
HETATM 769 O  O   . HOH D 4 .  ? -7.207  -18.529 -9.359  1.00 25.76 ? 2104 HOH A O   1 
# 
